data_8SR5
#
_entry.id   8SR5
#
_cell.length_a   1.00
_cell.length_b   1.00
_cell.length_c   1.00
_cell.angle_alpha   90.00
_cell.angle_beta   90.00
_cell.angle_gamma   90.00
#
_symmetry.space_group_name_H-M   'P 1'
#
loop_
_entity.id
_entity.type
_entity.pdbx_description
1 polymer 'Particulate methane monooxygenase alpha subunit'
2 polymer 'Particulate methane monooxygenase beta subunit'
3 polymer 'Ammonia monooxygenase/methane monooxygenase, subunit C family protein'
4 non-polymer 'COPPER (II) ION'
#
loop_
_entity_poly.entity_id
_entity_poly.type
_entity_poly.pdbx_seq_one_letter_code
_entity_poly.pdbx_strand_id
1 'polypeptide(L)'
;MKTIKDRIAKWSAIGLLSAVAATAFYAPSASAHGEKSQAAFMRMRTIHWYDLSWSKEKVKINETVEIKGKFHVFEGWPET
VDEPDVAFLNVGMPGPVFIRKESYIGGQLVPRSVRLEIGKTYDFRVVLKARRPGDWHVHTMMNVQGGGPIIGPGKWITVE
GSMSEFRNPVTTLTGQTVDLENYNEGNTYFWHAFWFAIGVAWIGYWSRRPIFIPRLLMVDAGRADELVSATDRKVAMGFL
AATILIVVMAMSSANSKYPITIPLQAGTMRGMKPLELPAPTVSVKVEDATYRVPGRAMRMKLTITNHGNSPIRLGEFYTA
SVRFLDSDVYKDTTGYPEDLLAEDGLSVSDNSPLAPGETRTVDVTASDAAWEVYRLSDIIYDPDSRFAGLLFFFDATGNR
QVVQIDAPLIPSFM
;
A,E,I
2 'polypeptide(L)'
;MSAAQSAVRSHAEAVQVSRTIDWMALFVVFFVIVGSYHIHAMLTMGDWDFWSDWKDRRLWVTVTPIVLVTFPAAVQSYLW
ERYRLPWGATVCVLGLLLGEWINRYFNFWGWTYFPINFVFPASLVPGAIILDTVLMLSGSYLFTAIVGAMGWGLIFYPGN
WPIIAPLHVPVEYNGMLMSIADIQGYNYVRTGTPEYIRMVEKGTLRTFGKDVAPVSAFFSAFMSILIYFMWHFIGRWFSN
ERFLQST
;
B,F,J
3 'polypeptide(L)'
;MAATTIGGAAAAEAPLLDKKWLTFALAIYTVFYLWVRWYEGVYGWSAGLDSFAPEFETYWMNFLYTEIVLEIVTASILWG
YLWKTRDRNLAALTPREELRRNFTHLVWLVAYAWAIYWGASYFTEQDGTWHQTIVRDTDFTPSHIIEFYLSYPIYIITGF
AAFIYAKTRLPFFAKGISLPYLVLVVGPFMILPNVGLNEWGHTFWFMEELFVAPLHYGFVIFGWLALAVMGTLTQTFYSF
AQGGLGQSLCEAVDEGLIAK
;
C,G,K
#
loop_
_chem_comp.id
_chem_comp.type
_chem_comp.name
_chem_comp.formula
CU non-polymer 'COPPER (II) ION' 'Cu 2'
#
# COMPACT_ATOMS: atom_id res chain seq x y z
N HIS A 33 -2.16 16.90 -29.99
CA HIS A 33 -3.61 16.87 -30.26
C HIS A 33 -4.34 16.12 -29.14
N GLY A 34 -3.63 15.80 -28.05
CA GLY A 34 -4.24 15.09 -26.90
C GLY A 34 -5.47 15.81 -26.38
N GLU A 35 -5.50 17.13 -26.51
CA GLU A 35 -6.68 17.93 -26.10
C GLU A 35 -7.92 17.39 -26.83
N LYS A 36 -9.12 17.64 -26.27
CA LYS A 36 -10.39 17.18 -26.90
C LYS A 36 -10.62 15.69 -26.62
N SER A 37 -9.55 14.87 -26.69
CA SER A 37 -9.68 13.43 -26.37
C SER A 37 -9.99 13.26 -24.88
N GLN A 38 -9.57 14.22 -24.06
CA GLN A 38 -9.85 14.18 -22.63
C GLN A 38 -11.31 14.52 -22.36
N ALA A 39 -11.74 14.24 -21.14
CA ALA A 39 -13.13 14.50 -20.77
C ALA A 39 -13.46 15.97 -20.94
N ALA A 40 -14.66 16.25 -21.46
CA ALA A 40 -15.05 17.63 -21.72
C ALA A 40 -15.09 18.44 -20.45
N PHE A 41 -15.72 17.91 -19.39
CA PHE A 41 -15.81 18.64 -18.15
C PHE A 41 -14.43 18.80 -17.52
N MET A 42 -13.59 17.78 -17.62
CA MET A 42 -12.25 17.87 -17.06
C MET A 42 -11.42 18.94 -17.79
N ARG A 43 -11.59 19.04 -19.10
CA ARG A 43 -10.92 20.09 -19.85
C ARG A 43 -11.46 21.47 -19.48
N MET A 44 -12.78 21.60 -19.33
CA MET A 44 -13.34 22.90 -19.04
C MET A 44 -12.93 23.40 -17.65
N ARG A 45 -13.01 22.54 -16.64
CA ARG A 45 -12.65 22.97 -15.29
C ARG A 45 -11.47 22.16 -14.78
N THR A 46 -10.29 22.46 -15.31
CA THR A 46 -9.03 22.11 -14.64
C THR A 46 -8.13 23.34 -14.53
N ILE A 47 -7.87 23.96 -15.67
CA ILE A 47 -6.95 25.09 -15.79
C ILE A 47 -7.38 25.92 -16.99
N HIS A 48 -7.42 27.23 -16.81
CA HIS A 48 -7.86 28.14 -17.86
C HIS A 48 -6.69 29.01 -18.31
N TRP A 49 -6.40 28.98 -19.61
CA TRP A 49 -5.33 29.76 -20.19
C TRP A 49 -5.93 30.95 -20.94
N TYR A 50 -5.43 32.15 -20.65
CA TYR A 50 -5.89 33.33 -21.37
C TYR A 50 -4.75 34.32 -21.50
N ASP A 51 -4.96 35.33 -22.33
CA ASP A 51 -3.94 36.31 -22.68
C ASP A 51 -2.72 35.65 -23.32
N LEU A 52 -2.94 34.58 -24.06
CA LEU A 52 -1.84 33.90 -24.72
C LEU A 52 -1.35 34.72 -25.90
N SER A 53 -0.02 34.77 -26.07
CA SER A 53 0.58 35.50 -27.16
C SER A 53 1.84 34.77 -27.60
N TRP A 54 1.90 34.42 -28.89
CA TRP A 54 3.07 33.78 -29.46
C TRP A 54 3.91 34.83 -30.17
N SER A 55 5.22 34.80 -29.91
CA SER A 55 6.10 35.85 -30.43
C SER A 55 6.09 35.88 -31.95
N LYS A 56 6.18 34.73 -32.59
CA LYS A 56 6.24 34.67 -34.04
C LYS A 56 5.41 33.48 -34.53
N GLU A 57 4.96 33.58 -35.78
CA GLU A 57 4.21 32.51 -36.41
C GLU A 57 5.08 31.61 -37.28
N LYS A 58 5.97 32.20 -38.07
CA LYS A 58 6.89 31.44 -38.91
C LYS A 58 8.31 31.87 -38.57
N VAL A 59 9.17 30.91 -38.27
CA VAL A 59 10.55 31.17 -37.88
C VAL A 59 11.48 30.25 -38.66
N LYS A 60 12.77 30.50 -38.51
CA LYS A 60 13.80 29.65 -39.07
C LYS A 60 14.57 28.96 -37.94
N ILE A 61 15.51 28.10 -38.32
CA ILE A 61 16.27 27.34 -37.35
C ILE A 61 17.08 28.29 -36.48
N ASN A 62 17.26 27.93 -35.20
CA ASN A 62 18.06 28.66 -34.23
C ASN A 62 17.35 29.93 -33.75
N GLU A 63 16.22 30.26 -34.35
CA GLU A 63 15.46 31.42 -33.90
C GLU A 63 14.62 31.05 -32.68
N THR A 64 14.27 32.08 -31.91
CA THR A 64 13.57 31.89 -30.65
C THR A 64 12.10 32.27 -30.80
N VAL A 65 11.21 31.42 -30.29
CA VAL A 65 9.79 31.69 -30.23
C VAL A 65 9.40 31.78 -28.77
N GLU A 66 8.69 32.85 -28.41
CA GLU A 66 8.34 33.14 -27.03
C GLU A 66 6.84 33.05 -26.85
N ILE A 67 6.40 32.23 -25.89
CA ILE A 67 4.99 32.07 -25.58
C ILE A 67 4.73 32.70 -24.23
N LYS A 68 3.83 33.67 -24.18
CA LYS A 68 3.48 34.38 -22.98
C LYS A 68 1.99 34.26 -22.72
N GLY A 69 1.61 34.37 -21.46
CA GLY A 69 0.21 34.29 -21.12
C GLY A 69 0.04 34.05 -19.63
N LYS A 70 -1.23 33.91 -19.23
CA LYS A 70 -1.61 33.65 -17.86
C LYS A 70 -2.50 32.43 -17.82
N PHE A 71 -2.28 31.58 -16.83
CA PHE A 71 -3.16 30.45 -16.58
C PHE A 71 -3.70 30.54 -15.16
N HIS A 72 -4.98 30.22 -15.00
CA HIS A 72 -5.66 30.32 -13.72
C HIS A 72 -6.11 28.94 -13.30
N VAL A 73 -5.60 28.46 -12.17
CA VAL A 73 -5.99 27.17 -11.63
C VAL A 73 -7.39 27.29 -11.07
N PHE A 74 -8.32 26.50 -11.59
CA PHE A 74 -9.72 26.63 -11.23
C PHE A 74 -9.95 26.31 -9.76
N GLU A 75 -10.83 27.06 -9.11
CA GLU A 75 -11.18 26.78 -7.73
C GLU A 75 -11.83 25.41 -7.59
N GLY A 76 -12.75 25.08 -8.49
CA GLY A 76 -13.41 23.79 -8.44
C GLY A 76 -12.59 22.71 -9.09
N TRP A 77 -11.36 22.51 -8.61
CA TRP A 77 -10.51 21.47 -9.13
C TRP A 77 -11.16 20.10 -8.89
N PRO A 78 -11.29 19.26 -9.91
CA PRO A 78 -11.98 17.98 -9.73
C PRO A 78 -11.27 17.09 -8.72
N GLU A 79 -12.07 16.34 -7.95
CA GLU A 79 -11.51 15.46 -6.93
C GLU A 79 -10.72 14.32 -7.55
N THR A 80 -11.17 13.79 -8.68
CA THR A 80 -10.51 12.64 -9.29
C THR A 80 -9.07 12.93 -9.71
N VAL A 81 -8.73 14.20 -9.93
CA VAL A 81 -7.37 14.60 -10.27
C VAL A 81 -6.73 15.19 -9.02
N ASP A 82 -5.54 14.69 -8.69
CA ASP A 82 -4.84 15.18 -7.51
C ASP A 82 -4.50 16.65 -7.68
N GLU A 83 -4.49 17.37 -6.56
CA GLU A 83 -4.26 18.81 -6.60
C GLU A 83 -2.87 19.10 -7.17
N PRO A 84 -2.70 20.23 -7.83
CA PRO A 84 -1.39 20.56 -8.40
C PRO A 84 -0.39 20.97 -7.33
N ASP A 85 -0.27 20.17 -6.26
CA ASP A 85 0.74 20.43 -5.25
C ASP A 85 2.13 20.24 -5.82
N VAL A 86 2.27 19.42 -6.86
CA VAL A 86 3.52 19.22 -7.56
C VAL A 86 3.17 19.16 -9.04
N ALA A 87 3.44 20.23 -9.77
CA ALA A 87 3.10 20.35 -11.17
C ALA A 87 4.28 20.91 -11.94
N PHE A 88 4.27 20.69 -13.25
CA PHE A 88 5.37 21.09 -14.11
C PHE A 88 4.83 21.76 -15.36
N LEU A 89 5.35 22.94 -15.67
CA LEU A 89 4.93 23.68 -16.86
C LEU A 89 5.70 23.15 -18.06
N ASN A 90 5.04 22.34 -18.88
CA ASN A 90 5.62 21.75 -20.07
C ASN A 90 5.15 22.51 -21.29
N VAL A 91 5.60 22.07 -22.46
CA VAL A 91 5.10 22.56 -23.74
C VAL A 91 4.91 21.36 -24.65
N GLY A 92 3.74 21.26 -25.28
CA GLY A 92 3.42 20.09 -26.05
C GLY A 92 3.67 20.21 -27.54
N MET A 93 4.70 19.51 -28.03
CA MET A 93 4.97 19.41 -29.45
C MET A 93 5.22 17.94 -29.77
N PRO A 94 5.08 17.55 -31.04
CA PRO A 94 5.42 16.18 -31.43
C PRO A 94 6.92 15.93 -31.44
N GLY A 95 7.51 15.72 -30.27
CA GLY A 95 8.93 15.52 -30.15
C GLY A 95 9.67 16.83 -30.13
N PRO A 96 10.94 16.81 -29.74
CA PRO A 96 11.68 18.07 -29.58
C PRO A 96 11.95 18.78 -30.89
N VAL A 97 10.89 19.23 -31.56
CA VAL A 97 11.04 20.11 -32.71
C VAL A 97 11.44 21.49 -32.26
N PHE A 98 11.07 21.87 -31.03
CA PHE A 98 11.54 23.08 -30.37
C PHE A 98 12.19 22.66 -29.06
N ILE A 99 13.33 23.27 -28.74
CA ILE A 99 13.94 23.06 -27.44
C ILE A 99 13.49 24.16 -26.50
N ARG A 100 13.02 23.79 -25.32
CA ARG A 100 12.55 24.75 -24.32
C ARG A 100 13.78 25.41 -23.69
N LYS A 101 14.23 26.48 -24.33
CA LYS A 101 15.41 27.20 -23.83
C LYS A 101 15.16 27.78 -22.45
N GLU A 102 13.99 28.39 -22.23
CA GLU A 102 13.64 29.01 -20.97
C GLU A 102 12.15 28.82 -20.71
N SER A 103 11.79 28.80 -19.44
CA SER A 103 10.38 28.75 -19.05
C SER A 103 10.24 29.40 -17.69
N TYR A 104 9.46 30.48 -17.62
CA TYR A 104 9.25 31.24 -16.41
C TYR A 104 7.77 31.25 -16.08
N ILE A 105 7.46 31.18 -14.78
CA ILE A 105 6.13 31.45 -14.27
C ILE A 105 6.28 32.58 -13.27
N GLY A 106 5.62 33.69 -13.54
CA GLY A 106 5.85 34.88 -12.76
C GLY A 106 7.06 35.62 -13.29
N GLY A 107 8.19 35.52 -12.61
CA GLY A 107 9.41 36.14 -13.06
C GLY A 107 10.63 35.27 -12.82
N GLN A 108 10.40 34.07 -12.31
CA GLN A 108 11.47 33.16 -11.94
C GLN A 108 11.44 31.92 -12.82
N LEU A 109 12.61 31.34 -13.04
CA LEU A 109 12.72 30.14 -13.86
C LEU A 109 12.09 28.95 -13.17
N VAL A 110 11.34 28.16 -13.93
CA VAL A 110 10.69 26.97 -13.38
C VAL A 110 11.02 25.75 -14.24
N PRO A 111 12.26 25.26 -14.19
CA PRO A 111 12.62 24.08 -14.98
C PRO A 111 12.30 22.77 -14.31
N ARG A 112 11.88 22.79 -13.05
CA ARG A 112 11.54 21.61 -12.30
C ARG A 112 10.11 21.73 -11.78
N SER A 113 9.68 20.72 -11.05
CA SER A 113 8.29 20.68 -10.58
C SER A 113 8.00 21.87 -9.68
N VAL A 114 6.78 22.39 -9.77
CA VAL A 114 6.36 23.55 -9.00
C VAL A 114 5.03 23.25 -8.32
N ARG A 115 4.74 24.03 -7.29
CA ARG A 115 3.51 23.90 -6.53
C ARG A 115 2.58 25.05 -6.90
N LEU A 116 1.35 24.71 -7.28
CA LEU A 116 0.34 25.69 -7.65
C LEU A 116 -0.76 25.69 -6.59
N GLU A 117 -1.29 26.87 -6.30
CA GLU A 117 -2.38 27.00 -5.34
C GLU A 117 -3.71 27.07 -6.06
N ILE A 118 -4.72 26.41 -5.49
CA ILE A 118 -6.02 26.34 -6.13
C ILE A 118 -6.68 27.71 -6.08
N GLY A 119 -7.11 28.20 -7.24
CA GLY A 119 -7.77 29.49 -7.34
C GLY A 119 -6.87 30.64 -7.71
N LYS A 120 -5.56 30.51 -7.52
CA LYS A 120 -4.64 31.58 -7.84
C LYS A 120 -4.43 31.66 -9.35
N THR A 121 -4.03 32.85 -9.80
CA THR A 121 -3.72 33.09 -11.20
C THR A 121 -2.23 33.37 -11.34
N TYR A 122 -1.59 32.64 -12.25
CA TYR A 122 -0.17 32.80 -12.52
C TYR A 122 0.02 33.23 -13.96
N ASP A 123 1.13 33.91 -14.23
CA ASP A 123 1.53 34.28 -15.58
C ASP A 123 2.81 33.54 -15.94
N PHE A 124 2.81 32.90 -17.10
CA PHE A 124 3.91 32.06 -17.52
C PHE A 124 4.54 32.63 -18.79
N ARG A 125 5.79 32.24 -19.04
CA ARG A 125 6.52 32.71 -20.21
C ARG A 125 7.54 31.63 -20.59
N VAL A 126 7.39 31.07 -21.79
CA VAL A 126 8.25 29.99 -22.27
C VAL A 126 8.97 30.48 -23.51
N VAL A 127 10.28 30.28 -23.55
CA VAL A 127 11.11 30.62 -24.70
C VAL A 127 11.48 29.33 -25.42
N LEU A 128 11.09 29.22 -26.68
CA LEU A 128 11.35 28.03 -27.49
C LEU A 128 12.29 28.39 -28.63
N LYS A 129 13.25 27.50 -28.88
CA LYS A 129 14.21 27.67 -29.95
C LYS A 129 13.94 26.65 -31.05
N ALA A 130 13.80 27.11 -32.28
CA ALA A 130 13.44 26.23 -33.37
C ALA A 130 14.56 25.24 -33.67
N ARG A 131 14.18 23.98 -33.88
CA ARG A 131 15.15 22.92 -34.11
C ARG A 131 14.87 22.10 -35.35
N ARG A 132 13.61 21.82 -35.66
CA ARG A 132 13.27 20.97 -36.79
C ARG A 132 12.36 21.70 -37.76
N PRO A 133 12.70 21.75 -39.05
CA PRO A 133 11.83 22.41 -40.02
C PRO A 133 10.52 21.66 -40.21
N GLY A 134 9.48 22.40 -40.55
CA GLY A 134 8.16 21.86 -40.80
C GLY A 134 7.11 22.67 -40.08
N ASP A 135 5.88 22.13 -40.08
CA ASP A 135 4.76 22.75 -39.39
C ASP A 135 4.51 22.00 -38.10
N TRP A 136 4.43 22.73 -36.98
CA TRP A 136 4.26 22.08 -35.65
C TRP A 136 3.20 22.78 -34.80
N HIS A 137 2.79 22.13 -33.70
CA HIS A 137 1.83 22.74 -32.74
C HIS A 137 2.63 23.40 -31.61
N VAL A 138 1.98 23.72 -30.49
CA VAL A 138 2.74 24.26 -29.31
C VAL A 138 1.99 23.84 -28.04
N HIS A 139 0.68 24.05 -28.00
CA HIS A 139 -0.15 23.60 -26.84
C HIS A 139 0.33 24.24 -25.53
N THR A 140 -0.30 25.33 -25.10
CA THR A 140 0.04 25.87 -23.76
C THR A 140 -0.48 24.86 -22.75
N MET A 141 0.22 23.74 -22.56
CA MET A 141 -0.30 22.65 -21.68
C MET A 141 0.51 22.56 -20.39
N MET A 142 0.24 21.53 -19.59
CA MET A 142 0.96 21.36 -18.30
C MET A 142 0.81 19.91 -17.80
N ASN A 143 1.46 19.56 -16.70
CA ASN A 143 1.40 18.21 -16.16
C ASN A 143 1.29 18.29 -14.64
N VAL A 144 0.34 17.57 -14.08
CA VAL A 144 0.12 17.56 -12.64
C VAL A 144 0.45 16.18 -12.09
N GLN A 145 0.67 16.13 -10.77
CA GLN A 145 1.24 14.94 -10.15
C GLN A 145 0.35 13.71 -10.35
N GLY A 146 -0.95 13.86 -10.13
CA GLY A 146 -1.83 12.71 -10.18
C GLY A 146 -2.88 12.78 -11.27
N GLY A 147 -2.66 13.61 -12.28
CA GLY A 147 -3.62 13.75 -13.35
C GLY A 147 -3.02 13.68 -14.74
N GLY A 148 -1.70 13.73 -14.82
CA GLY A 148 -1.03 13.70 -16.10
C GLY A 148 -1.25 14.98 -16.88
N PRO A 149 -1.25 14.87 -18.20
CA PRO A 149 -1.23 16.08 -19.04
C PRO A 149 -2.53 16.86 -18.97
N ILE A 150 -2.40 18.18 -19.09
CA ILE A 150 -3.52 19.11 -19.20
C ILE A 150 -3.21 20.01 -20.38
N ILE A 151 -3.71 19.66 -21.55
CA ILE A 151 -3.33 20.34 -22.78
C ILE A 151 -4.10 21.66 -22.88
N GLY A 152 -3.37 22.74 -23.13
CA GLY A 152 -3.97 24.03 -23.40
C GLY A 152 -4.08 24.27 -24.89
N PRO A 153 -4.63 25.42 -25.27
CA PRO A 153 -4.76 25.73 -26.69
C PRO A 153 -3.41 25.84 -27.36
N GLY A 154 -3.34 25.39 -28.59
CA GLY A 154 -2.09 25.37 -29.33
C GLY A 154 -2.22 26.06 -30.67
N LYS A 155 -1.10 26.60 -31.14
CA LYS A 155 -1.05 27.38 -32.37
C LYS A 155 -0.03 26.78 -33.33
N TRP A 156 -0.39 26.73 -34.60
CA TRP A 156 0.51 26.21 -35.61
C TRP A 156 1.68 27.16 -35.83
N ILE A 157 2.89 26.62 -35.79
CA ILE A 157 4.11 27.40 -36.01
C ILE A 157 4.92 26.71 -37.10
N THR A 158 5.29 27.47 -38.12
CA THR A 158 6.04 26.95 -39.25
C THR A 158 7.53 27.25 -39.06
N VAL A 159 8.36 26.24 -39.27
CA VAL A 159 9.80 26.36 -39.14
C VAL A 159 10.43 26.05 -40.48
N GLU A 160 11.34 26.92 -40.93
CA GLU A 160 12.02 26.74 -42.20
C GLU A 160 13.52 26.60 -41.96
N GLY A 161 14.19 25.90 -42.86
CA GLY A 161 15.62 25.69 -42.76
C GLY A 161 16.01 24.23 -42.82
N SER A 162 17.10 23.87 -42.16
CA SER A 162 17.55 22.49 -42.10
C SER A 162 18.06 22.19 -40.70
N MET A 163 17.89 20.92 -40.30
CA MET A 163 18.30 20.53 -38.95
C MET A 163 19.81 20.64 -38.76
N SER A 164 20.59 20.50 -39.84
CA SER A 164 22.04 20.53 -39.72
C SER A 164 22.53 21.87 -39.19
N GLU A 165 21.79 22.95 -39.42
CA GLU A 165 22.20 24.27 -38.96
C GLU A 165 21.92 24.49 -37.49
N PHE A 166 21.14 23.63 -36.85
CA PHE A 166 20.76 23.85 -35.46
C PHE A 166 21.97 23.73 -34.53
N ARG A 167 22.00 24.57 -33.50
CA ARG A 167 23.07 24.56 -32.52
C ARG A 167 22.48 24.88 -31.16
N ASN A 168 22.95 24.16 -30.14
CA ASN A 168 22.50 24.36 -28.76
C ASN A 168 23.72 24.45 -27.85
N PRO A 169 24.50 25.52 -27.95
CA PRO A 169 25.68 25.65 -27.10
C PRO A 169 25.29 25.94 -25.66
N VAL A 170 26.17 25.54 -24.74
CA VAL A 170 26.00 25.83 -23.32
C VAL A 170 27.38 25.87 -22.69
N THR A 171 27.55 26.76 -21.72
CA THR A 171 28.83 26.96 -21.04
C THR A 171 28.74 26.44 -19.63
N THR A 172 29.60 25.47 -19.29
CA THR A 172 29.60 24.91 -17.96
C THR A 172 30.31 25.83 -16.98
N LEU A 173 30.09 25.58 -15.69
CA LEU A 173 30.80 26.34 -14.66
C LEU A 173 32.29 25.98 -14.61
N THR A 174 32.69 24.87 -15.24
CA THR A 174 34.10 24.53 -15.28
C THR A 174 34.87 25.43 -16.23
N GLY A 175 34.21 25.91 -17.29
CA GLY A 175 34.82 26.89 -18.16
C GLY A 175 35.01 26.46 -19.61
N GLN A 176 34.14 25.60 -20.11
CA GLN A 176 34.18 25.19 -21.51
C GLN A 176 32.80 25.30 -22.11
N THR A 177 32.76 25.57 -23.41
CA THR A 177 31.51 25.66 -24.17
C THR A 177 31.31 24.36 -24.93
N VAL A 178 30.17 23.71 -24.71
CA VAL A 178 29.89 22.42 -25.32
C VAL A 178 28.56 22.50 -26.06
N ASP A 179 28.42 21.67 -27.09
CA ASP A 179 27.21 21.61 -27.89
C ASP A 179 26.39 20.40 -27.47
N LEU A 180 25.21 20.64 -26.91
CA LEU A 180 24.37 19.56 -26.42
C LEU A 180 23.86 18.65 -27.53
N GLU A 181 23.97 19.07 -28.79
CA GLU A 181 23.53 18.21 -29.88
C GLU A 181 24.46 17.02 -30.07
N ASN A 182 25.74 17.18 -29.73
CA ASN A 182 26.72 16.11 -29.92
C ASN A 182 27.68 15.97 -28.74
N TYR A 183 27.36 16.57 -27.60
CA TYR A 183 28.20 16.42 -26.42
C TYR A 183 28.05 15.01 -25.86
N ASN A 184 29.17 14.38 -25.53
CA ASN A 184 29.26 13.06 -24.90
C ASN A 184 28.75 11.94 -25.78
N GLU A 185 28.31 12.23 -27.01
CA GLU A 185 27.85 11.17 -27.91
C GLU A 185 28.99 10.21 -28.25
N GLY A 186 30.17 10.75 -28.53
CA GLY A 186 31.31 9.90 -28.84
C GLY A 186 31.68 8.99 -27.70
N ASN A 187 31.73 9.53 -26.47
CA ASN A 187 32.05 8.71 -25.31
C ASN A 187 30.98 7.66 -25.07
N THR A 188 29.71 8.03 -25.25
CA THR A 188 28.63 7.06 -25.07
C THR A 188 28.77 5.90 -26.05
N TYR A 189 28.96 6.22 -27.34
CA TYR A 189 29.17 5.17 -28.33
C TYR A 189 30.38 4.32 -27.99
N PHE A 190 31.49 4.96 -27.62
CA PHE A 190 32.71 4.20 -27.35
C PHE A 190 32.50 3.20 -26.23
N TRP A 191 31.94 3.65 -25.11
CA TRP A 191 31.81 2.76 -23.96
C TRP A 191 30.76 1.68 -24.21
N HIS A 192 29.62 2.04 -24.81
CA HIS A 192 28.61 1.04 -25.06
C HIS A 192 29.09 -0.01 -26.06
N ALA A 193 29.77 0.44 -27.12
CA ALA A 193 30.30 -0.51 -28.10
C ALA A 193 31.40 -1.38 -27.48
N PHE A 194 32.21 -0.80 -26.59
CA PHE A 194 33.26 -1.60 -25.94
C PHE A 194 32.66 -2.70 -25.09
N TRP A 195 31.64 -2.37 -24.30
CA TRP A 195 31.04 -3.39 -23.44
C TRP A 195 30.29 -4.42 -24.27
N PHE A 196 29.60 -3.99 -25.32
CA PHE A 196 28.94 -4.96 -26.20
C PHE A 196 29.96 -5.86 -26.88
N ALA A 197 31.11 -5.31 -27.26
CA ALA A 197 32.15 -6.12 -27.87
C ALA A 197 32.71 -7.13 -26.89
N ILE A 198 32.88 -6.74 -25.63
CA ILE A 198 33.35 -7.70 -24.62
C ILE A 198 32.34 -8.82 -24.44
N GLY A 199 31.06 -8.48 -24.35
CA GLY A 199 30.04 -9.51 -24.22
C GLY A 199 30.00 -10.44 -25.42
N VAL A 200 30.08 -9.88 -26.63
CA VAL A 200 30.06 -10.70 -27.83
C VAL A 200 31.31 -11.56 -27.92
N ALA A 201 32.45 -11.03 -27.49
CA ALA A 201 33.68 -11.82 -27.49
C ALA A 201 33.57 -13.01 -26.55
N TRP A 202 33.00 -12.79 -25.36
CA TRP A 202 32.81 -13.89 -24.42
C TRP A 202 31.86 -14.94 -25.00
N ILE A 203 30.74 -14.50 -25.57
CA ILE A 203 29.75 -15.44 -26.07
C ILE A 203 30.32 -16.20 -27.28
N GLY A 204 31.11 -15.53 -28.11
CA GLY A 204 31.75 -16.22 -29.22
C GLY A 204 32.81 -17.20 -28.77
N TYR A 205 33.57 -16.83 -27.74
CA TYR A 205 34.56 -17.74 -27.18
C TYR A 205 33.91 -19.02 -26.70
N TRP A 206 32.76 -18.92 -26.07
CA TRP A 206 32.08 -20.14 -25.65
C TRP A 206 31.13 -20.69 -26.72
N SER A 207 31.03 -20.04 -27.87
CA SER A 207 30.20 -20.55 -28.95
C SER A 207 30.99 -21.14 -30.12
N ARG A 208 32.32 -21.04 -30.13
CA ARG A 208 33.07 -21.67 -31.21
C ARG A 208 32.90 -23.19 -31.17
N ARG A 209 32.94 -23.78 -29.97
CA ARG A 209 32.70 -25.20 -29.82
C ARG A 209 31.23 -25.51 -30.05
N PRO A 210 30.90 -26.77 -30.32
CA PRO A 210 29.47 -27.15 -30.41
C PRO A 210 28.75 -26.82 -29.12
N ILE A 211 27.51 -26.37 -29.25
CA ILE A 211 26.87 -25.63 -28.17
C ILE A 211 25.83 -26.46 -27.41
N PHE A 212 24.74 -26.83 -28.07
CA PHE A 212 23.54 -27.25 -27.36
C PHE A 212 23.43 -28.77 -27.18
N ILE A 213 23.34 -29.51 -28.28
CA ILE A 213 22.98 -30.93 -28.18
C ILE A 213 24.13 -31.77 -27.64
N PRO A 214 25.36 -31.68 -28.17
CA PRO A 214 26.44 -32.49 -27.57
C PRO A 214 26.69 -32.17 -26.11
N ARG A 215 26.62 -30.88 -25.73
CA ARG A 215 26.86 -30.53 -24.33
C ARG A 215 25.73 -31.02 -23.43
N LEU A 216 24.49 -30.92 -23.90
CA LEU A 216 23.37 -31.45 -23.14
C LEU A 216 23.49 -32.95 -22.95
N LEU A 217 23.85 -33.67 -24.01
CA LEU A 217 24.00 -35.12 -23.92
C LEU A 217 25.14 -35.49 -22.97
N MET A 218 26.26 -34.76 -23.04
CA MET A 218 27.38 -35.06 -22.16
C MET A 218 27.03 -34.78 -20.70
N VAL A 219 26.29 -33.71 -20.43
CA VAL A 219 25.97 -33.40 -19.04
C VAL A 219 24.87 -34.32 -18.52
N ASP A 220 24.01 -34.85 -19.39
CA ASP A 220 22.98 -35.77 -18.94
C ASP A 220 23.54 -37.16 -18.71
N ALA A 221 24.35 -37.65 -19.66
CA ALA A 221 24.94 -38.99 -19.57
C ALA A 221 26.07 -38.97 -18.56
N GLY A 222 25.69 -39.00 -17.29
CA GLY A 222 26.66 -38.99 -16.22
C GLY A 222 27.33 -37.64 -16.07
N ARG A 223 28.34 -37.63 -15.21
CA ARG A 223 29.12 -36.41 -15.00
C ARG A 223 29.87 -36.04 -16.26
N ALA A 224 29.79 -34.77 -16.65
CA ALA A 224 30.56 -34.31 -17.80
C ALA A 224 32.00 -33.99 -17.39
N ASP A 225 32.17 -32.97 -16.54
CA ASP A 225 33.47 -32.57 -16.00
C ASP A 225 34.53 -32.37 -17.09
N GLU A 226 34.09 -32.22 -18.34
CA GLU A 226 34.98 -32.04 -19.48
C GLU A 226 34.62 -30.85 -20.33
N LEU A 227 33.40 -30.34 -20.26
CA LEU A 227 33.00 -29.16 -20.99
C LEU A 227 33.62 -27.89 -20.42
N VAL A 228 33.87 -27.86 -19.11
CA VAL A 228 34.50 -26.72 -18.44
C VAL A 228 35.78 -27.22 -17.80
N SER A 229 36.92 -26.76 -18.31
CA SER A 229 38.22 -27.18 -17.80
C SER A 229 39.26 -26.19 -18.28
N ALA A 230 40.47 -26.32 -17.73
CA ALA A 230 41.57 -25.47 -18.15
C ALA A 230 41.80 -25.62 -19.64
N THR A 231 42.06 -24.50 -20.32
CA THR A 231 42.24 -23.21 -19.66
C THR A 231 41.02 -22.31 -19.77
N ASP A 232 39.82 -22.90 -19.87
CA ASP A 232 38.60 -22.08 -19.87
C ASP A 232 38.41 -21.36 -18.55
N ARG A 233 38.69 -22.05 -17.44
CA ARG A 233 38.62 -21.40 -16.14
C ARG A 233 39.63 -20.27 -16.04
N LYS A 234 40.84 -20.48 -16.57
CA LYS A 234 41.85 -19.43 -16.53
C LYS A 234 41.44 -18.23 -17.36
N VAL A 235 40.89 -18.46 -18.55
CA VAL A 235 40.50 -17.34 -19.40
C VAL A 235 39.29 -16.63 -18.83
N ALA A 236 38.43 -17.34 -18.09
CA ALA A 236 37.29 -16.67 -17.46
C ALA A 236 37.73 -15.87 -16.24
N MET A 237 38.71 -16.36 -15.49
CA MET A 237 39.32 -15.51 -14.48
C MET A 237 39.93 -14.27 -15.12
N GLY A 238 40.54 -14.44 -16.29
CA GLY A 238 41.05 -13.28 -17.02
C GLY A 238 39.95 -12.31 -17.39
N PHE A 239 38.81 -12.82 -17.87
CA PHE A 239 37.67 -11.97 -18.20
C PHE A 239 37.17 -11.22 -16.99
N LEU A 240 37.01 -11.91 -15.86
CA LEU A 240 36.49 -11.26 -14.65
C LEU A 240 37.45 -10.18 -14.15
N ALA A 241 38.74 -10.52 -14.07
CA ALA A 241 39.73 -9.55 -13.62
C ALA A 241 39.81 -8.37 -14.57
N ALA A 242 39.76 -8.62 -15.88
CA ALA A 242 39.79 -7.54 -16.85
C ALA A 242 38.58 -6.65 -16.72
N THR A 243 37.40 -7.23 -16.53
CA THR A 243 36.20 -6.42 -16.37
C THR A 243 36.28 -5.53 -15.14
N ILE A 244 36.66 -6.11 -14.00
CA ILE A 244 36.73 -5.31 -12.77
C ILE A 244 37.80 -4.23 -12.89
N LEU A 245 38.98 -4.59 -13.41
CA LEU A 245 40.05 -3.61 -13.53
C LEU A 245 39.70 -2.51 -14.53
N ILE A 246 39.04 -2.86 -15.63
CA ILE A 246 38.64 -1.86 -16.62
C ILE A 246 37.61 -0.92 -16.01
N VAL A 247 36.64 -1.45 -15.26
CA VAL A 247 35.66 -0.60 -14.62
C VAL A 247 36.34 0.36 -13.64
N VAL A 248 37.27 -0.15 -12.83
CA VAL A 248 37.92 0.70 -11.84
C VAL A 248 38.76 1.77 -12.53
N MET A 249 39.54 1.39 -13.55
CA MET A 249 40.37 2.37 -14.25
C MET A 249 39.53 3.40 -14.99
N ALA A 250 38.41 2.98 -15.58
CA ALA A 250 37.54 3.93 -16.26
C ALA A 250 36.89 4.88 -15.27
N MET A 251 36.49 4.39 -14.10
CA MET A 251 35.97 5.27 -13.07
C MET A 251 37.03 6.27 -12.62
N SER A 252 38.26 5.81 -12.45
CA SER A 252 39.34 6.72 -12.05
C SER A 252 39.60 7.77 -13.12
N SER A 253 39.57 7.38 -14.40
CA SER A 253 39.77 8.34 -15.47
C SER A 253 38.62 9.35 -15.53
N ALA A 254 37.39 8.89 -15.35
CA ALA A 254 36.25 9.79 -15.29
C ALA A 254 36.22 10.61 -14.01
N ASN A 255 37.06 10.27 -13.03
CA ASN A 255 37.23 11.13 -11.86
C ASN A 255 38.43 12.05 -12.00
N SER A 256 39.37 11.72 -12.90
CA SER A 256 40.46 12.64 -13.21
C SER A 256 39.99 13.69 -14.21
N LYS A 257 39.57 13.24 -15.40
CA LYS A 257 38.81 14.12 -16.29
C LYS A 257 37.44 14.38 -15.69
N TYR A 258 36.93 15.58 -15.90
CA TYR A 258 35.72 16.05 -15.22
C TYR A 258 35.85 15.91 -13.71
N PRO A 259 36.83 16.58 -13.08
CA PRO A 259 37.00 16.42 -11.63
C PRO A 259 35.91 17.08 -10.82
N ILE A 260 35.16 18.02 -11.38
CA ILE A 260 34.09 18.71 -10.69
C ILE A 260 32.76 18.21 -11.26
N THR A 261 31.99 17.52 -10.43
CA THR A 261 30.67 17.04 -10.81
C THR A 261 29.70 17.30 -9.68
N ILE A 262 28.43 17.46 -10.03
CA ILE A 262 27.36 17.67 -9.05
C ILE A 262 26.25 16.67 -9.32
N PRO A 263 25.48 16.27 -8.32
CA PRO A 263 24.34 15.38 -8.57
C PRO A 263 23.26 16.10 -9.38
N LEU A 264 22.29 15.30 -9.84
CA LEU A 264 21.20 15.86 -10.63
C LEU A 264 20.30 16.71 -9.74
N GLN A 265 20.01 17.93 -10.20
CA GLN A 265 19.23 18.88 -9.42
C GLN A 265 17.75 18.58 -9.58
N ALA A 266 17.04 18.46 -8.46
CA ALA A 266 15.61 18.20 -8.50
C ALA A 266 15.00 18.64 -7.17
N GLY A 267 13.67 18.75 -7.18
CA GLY A 267 12.94 19.17 -5.99
C GLY A 267 11.91 20.23 -6.30
N THR A 268 10.68 20.03 -5.86
CA THR A 268 9.60 20.95 -6.18
C THR A 268 9.88 22.34 -5.61
N MET A 269 9.70 23.36 -6.44
CA MET A 269 9.90 24.75 -6.02
C MET A 269 8.59 25.31 -5.48
N ARG A 270 8.60 25.74 -4.22
CA ARG A 270 7.46 26.34 -3.57
C ARG A 270 7.68 27.85 -3.48
N GLY A 271 6.78 28.52 -2.77
CA GLY A 271 6.86 29.96 -2.61
C GLY A 271 6.76 30.69 -3.93
N MET A 272 5.79 30.29 -4.73
CA MET A 272 5.74 30.67 -6.13
C MET A 272 4.71 31.78 -6.31
N LYS A 273 5.13 32.83 -7.01
CA LYS A 273 4.37 34.09 -7.01
C LYS A 273 3.18 34.01 -7.95
N PRO A 274 1.97 34.24 -7.47
CA PRO A 274 0.83 34.41 -8.37
C PRO A 274 0.59 35.89 -8.67
N LEU A 275 -0.29 36.12 -9.65
CA LEU A 275 -0.70 37.48 -9.98
C LEU A 275 -1.65 38.02 -8.92
N GLU A 276 -1.47 39.29 -8.57
CA GLU A 276 -2.36 39.97 -7.64
C GLU A 276 -3.43 40.70 -8.43
N LEU A 277 -4.37 39.93 -8.95
CA LEU A 277 -5.46 40.51 -9.73
C LEU A 277 -6.36 41.35 -8.84
N PRO A 278 -6.80 42.52 -9.31
CA PRO A 278 -7.76 43.31 -8.53
C PRO A 278 -9.08 42.56 -8.40
N ALA A 279 -9.76 42.80 -7.29
CA ALA A 279 -11.05 42.14 -7.05
C ALA A 279 -12.04 42.57 -8.11
N PRO A 280 -12.68 41.63 -8.81
CA PRO A 280 -13.61 42.01 -9.88
C PRO A 280 -14.78 42.80 -9.34
N THR A 281 -15.22 43.78 -10.12
CA THR A 281 -16.39 44.59 -9.79
C THR A 281 -17.66 44.05 -10.42
N VAL A 282 -17.59 42.92 -11.10
CA VAL A 282 -18.72 42.33 -11.80
C VAL A 282 -19.04 40.99 -11.14
N SER A 283 -20.30 40.83 -10.71
CA SER A 283 -20.76 39.59 -10.11
C SER A 283 -21.76 38.94 -11.05
N VAL A 284 -21.48 37.71 -11.47
CA VAL A 284 -22.33 36.96 -12.39
C VAL A 284 -22.72 35.67 -11.71
N LYS A 285 -24.02 35.41 -11.64
CA LYS A 285 -24.56 34.17 -11.10
C LYS A 285 -25.38 33.49 -12.18
N VAL A 286 -25.10 32.22 -12.43
CA VAL A 286 -25.69 31.48 -13.54
C VAL A 286 -26.95 30.76 -13.07
N GLU A 287 -28.08 31.06 -13.71
CA GLU A 287 -29.32 30.33 -13.49
C GLU A 287 -29.48 29.40 -14.69
N ASP A 288 -29.12 28.13 -14.49
CA ASP A 288 -29.17 26.99 -15.41
C ASP A 288 -28.32 27.22 -16.67
N ALA A 289 -28.01 26.14 -17.36
CA ALA A 289 -27.26 26.21 -18.61
C ALA A 289 -27.58 24.96 -19.42
N THR A 290 -27.79 25.14 -20.71
CA THR A 290 -28.24 24.06 -21.57
C THR A 290 -27.41 24.02 -22.85
N TYR A 291 -27.38 22.85 -23.47
CA TYR A 291 -26.73 22.68 -24.76
C TYR A 291 -27.49 21.64 -25.56
N ARG A 292 -27.69 21.93 -26.85
CA ARG A 292 -28.49 21.06 -27.70
C ARG A 292 -27.72 19.78 -28.04
N VAL A 293 -28.41 18.65 -27.92
CA VAL A 293 -27.82 17.35 -28.23
C VAL A 293 -28.64 16.67 -29.30
N PRO A 294 -28.14 16.54 -30.54
CA PRO A 294 -26.84 17.07 -30.96
C PRO A 294 -26.91 18.55 -31.31
N GLY A 295 -25.78 19.24 -31.22
CA GLY A 295 -25.75 20.65 -31.55
C GLY A 295 -24.37 21.21 -31.35
N ARG A 296 -24.21 22.47 -31.72
CA ARG A 296 -22.96 23.18 -31.59
C ARG A 296 -23.09 24.44 -30.72
N ALA A 297 -24.20 24.60 -30.02
CA ALA A 297 -24.47 25.80 -29.25
C ALA A 297 -24.62 25.45 -27.77
N MET A 298 -24.25 26.41 -26.92
CA MET A 298 -24.39 26.29 -25.48
C MET A 298 -25.15 27.52 -24.99
N ARG A 299 -26.35 27.30 -24.47
CA ARG A 299 -27.23 28.38 -24.03
C ARG A 299 -27.24 28.43 -22.51
N MET A 300 -27.09 29.63 -21.95
CA MET A 300 -27.07 29.81 -20.52
C MET A 300 -27.63 31.18 -20.16
N LYS A 301 -28.17 31.26 -18.94
CA LYS A 301 -28.82 32.47 -18.45
C LYS A 301 -27.95 33.10 -17.37
N LEU A 302 -27.75 34.41 -17.46
CA LEU A 302 -26.84 35.13 -16.59
C LEU A 302 -27.56 36.27 -15.88
N THR A 303 -27.07 36.61 -14.69
CA THR A 303 -27.53 37.77 -13.93
C THR A 303 -26.30 38.59 -13.58
N ILE A 304 -25.92 39.49 -14.47
CA ILE A 304 -24.73 40.31 -14.27
C ILE A 304 -25.03 41.44 -13.30
N THR A 305 -24.20 41.55 -12.27
CA THR A 305 -24.24 42.67 -11.34
C THR A 305 -23.06 43.59 -11.63
N ASN A 306 -23.36 44.88 -11.82
CA ASN A 306 -22.36 45.86 -12.20
C ASN A 306 -22.01 46.74 -11.01
N HIS A 307 -20.72 46.94 -10.78
CA HIS A 307 -20.22 47.87 -9.79
C HIS A 307 -19.22 48.82 -10.44
N GLY A 308 -18.62 49.69 -9.64
CA GLY A 308 -17.73 50.69 -10.18
C GLY A 308 -18.50 51.86 -10.74
N ASN A 309 -17.89 52.55 -11.71
CA ASN A 309 -18.49 53.73 -12.32
C ASN A 309 -18.30 53.71 -13.82
N SER A 310 -18.46 52.53 -14.44
CA SER A 310 -18.29 52.40 -15.87
C SER A 310 -19.35 51.47 -16.45
N PRO A 311 -19.82 51.73 -17.67
CA PRO A 311 -20.77 50.81 -18.31
C PRO A 311 -20.05 49.66 -18.99
N ILE A 312 -20.33 48.44 -18.57
CA ILE A 312 -19.61 47.26 -19.04
C ILE A 312 -20.45 46.53 -20.07
N ARG A 313 -19.78 45.72 -20.89
CA ARG A 313 -20.44 44.85 -21.84
C ARG A 313 -19.70 43.51 -21.89
N LEU A 314 -20.46 42.43 -21.89
CA LEU A 314 -19.84 41.10 -21.96
C LEU A 314 -19.24 40.90 -23.34
N GLY A 315 -17.98 40.49 -23.38
CA GLY A 315 -17.26 40.46 -24.64
C GLY A 315 -16.73 39.12 -25.09
N GLU A 316 -16.44 38.23 -24.14
CA GLU A 316 -15.81 36.96 -24.49
C GLU A 316 -16.18 35.92 -23.44
N PHE A 317 -16.40 34.69 -23.90
CA PHE A 317 -16.70 33.56 -23.02
C PHE A 317 -15.71 32.44 -23.35
N TYR A 318 -14.72 32.25 -22.48
CA TYR A 318 -13.70 31.22 -22.63
C TYR A 318 -14.08 30.01 -21.80
N THR A 319 -14.35 28.89 -22.46
CA THR A 319 -14.80 27.68 -21.77
C THR A 319 -13.73 26.61 -21.66
N ALA A 320 -13.20 26.11 -22.78
CA ALA A 320 -12.09 25.16 -22.74
C ALA A 320 -11.31 25.33 -24.04
N SER A 321 -10.26 26.15 -23.99
CA SER A 321 -9.42 26.47 -25.13
C SER A 321 -10.20 27.06 -26.30
N VAL A 322 -11.46 27.42 -26.09
CA VAL A 322 -12.31 27.99 -27.12
C VAL A 322 -12.77 29.36 -26.67
N ARG A 323 -12.54 30.36 -27.51
CA ARG A 323 -12.88 31.75 -27.18
C ARG A 323 -14.09 32.15 -28.01
N PHE A 324 -15.24 32.31 -27.35
CA PHE A 324 -16.45 32.81 -27.98
C PHE A 324 -16.46 34.32 -27.82
N LEU A 325 -16.37 35.04 -28.93
CA LEU A 325 -16.27 36.49 -28.92
C LEU A 325 -17.49 37.11 -29.60
N ASP A 326 -17.86 38.30 -29.12
CA ASP A 326 -18.89 39.10 -29.76
C ASP A 326 -18.22 40.22 -30.53
N SER A 327 -18.40 40.21 -31.85
CA SER A 327 -17.68 41.16 -32.70
C SER A 327 -18.07 42.60 -32.42
N ASP A 328 -19.32 42.83 -32.00
CA ASP A 328 -19.79 44.19 -31.75
C ASP A 328 -19.13 44.85 -30.55
N VAL A 329 -18.50 44.08 -29.67
CA VAL A 329 -17.90 44.61 -28.45
C VAL A 329 -16.40 44.40 -28.40
N TYR A 330 -15.92 43.25 -28.88
CA TYR A 330 -14.49 42.94 -28.80
C TYR A 330 -14.06 42.13 -30.01
N LYS A 331 -12.84 42.42 -30.48
CA LYS A 331 -12.23 41.69 -31.58
C LYS A 331 -10.83 41.28 -31.18
N ASP A 332 -10.44 40.06 -31.53
CA ASP A 332 -9.13 39.54 -31.16
C ASP A 332 -8.07 40.02 -32.14
N THR A 333 -6.93 40.47 -31.61
CA THR A 333 -5.81 40.91 -32.41
C THR A 333 -4.50 40.24 -31.98
N THR A 334 -4.58 39.16 -31.21
CA THR A 334 -3.40 38.48 -30.69
C THR A 334 -2.99 37.29 -31.53
N GLY A 335 -3.61 37.10 -32.69
CA GLY A 335 -3.31 35.94 -33.51
C GLY A 335 -3.71 34.62 -32.90
N TYR A 336 -4.85 34.59 -32.21
CA TYR A 336 -5.34 33.35 -31.64
C TYR A 336 -5.70 32.37 -32.75
N PRO A 337 -5.55 31.06 -32.51
CA PRO A 337 -5.84 30.09 -33.57
C PRO A 337 -7.26 30.22 -34.09
N GLU A 338 -7.40 30.08 -35.41
CA GLU A 338 -8.69 30.30 -36.05
C GLU A 338 -9.72 29.26 -35.62
N ASP A 339 -9.32 28.00 -35.49
CA ASP A 339 -10.26 26.95 -35.11
C ASP A 339 -10.79 27.14 -33.70
N LEU A 340 -10.06 27.85 -32.84
CA LEU A 340 -10.48 28.09 -31.47
C LEU A 340 -11.04 29.49 -31.26
N LEU A 341 -11.25 30.25 -32.34
CA LEU A 341 -11.74 31.62 -32.25
C LEU A 341 -13.14 31.70 -32.85
N ALA A 342 -14.06 32.27 -32.09
CA ALA A 342 -15.44 32.51 -32.53
C ALA A 342 -15.63 34.02 -32.61
N GLU A 343 -15.39 34.58 -33.79
CA GLU A 343 -15.47 36.04 -33.95
C GLU A 343 -16.88 36.54 -33.66
N ASP A 344 -17.89 35.82 -34.15
CA ASP A 344 -19.29 36.17 -33.87
C ASP A 344 -20.04 35.00 -33.23
N GLY A 345 -19.31 34.05 -32.64
CA GLY A 345 -19.94 32.88 -32.05
C GLY A 345 -20.60 33.11 -30.72
N LEU A 346 -20.37 34.24 -30.09
CA LEU A 346 -20.99 34.58 -28.80
C LEU A 346 -22.10 35.59 -29.05
N SER A 347 -23.34 35.16 -28.84
CA SER A 347 -24.50 36.00 -29.05
C SER A 347 -25.19 36.25 -27.72
N VAL A 348 -25.46 37.51 -27.42
CA VAL A 348 -26.14 37.92 -26.20
C VAL A 348 -27.43 38.63 -26.60
N SER A 349 -28.54 38.20 -25.99
CA SER A 349 -29.84 38.73 -26.38
C SER A 349 -29.94 40.24 -26.12
N ASP A 350 -29.42 40.70 -24.99
CA ASP A 350 -29.41 42.12 -24.62
C ASP A 350 -27.99 42.49 -24.24
N ASN A 351 -27.19 42.87 -25.23
CA ASN A 351 -25.79 43.23 -25.02
C ASN A 351 -25.59 44.74 -24.94
N SER A 352 -26.65 45.48 -24.60
CA SER A 352 -26.51 46.92 -24.41
C SER A 352 -25.64 47.20 -23.20
N PRO A 353 -24.96 48.35 -23.17
CA PRO A 353 -24.09 48.66 -22.02
C PRO A 353 -24.87 48.64 -20.72
N LEU A 354 -24.23 48.09 -19.68
CA LEU A 354 -24.86 47.92 -18.38
C LEU A 354 -24.41 49.04 -17.46
N ALA A 355 -25.35 49.87 -17.04
CA ALA A 355 -25.03 50.98 -16.16
C ALA A 355 -24.55 50.46 -14.80
N PRO A 356 -23.60 51.15 -14.17
CA PRO A 356 -23.11 50.71 -12.86
C PRO A 356 -24.23 50.68 -11.83
N GLY A 357 -24.19 49.67 -10.96
CA GLY A 357 -25.23 49.47 -9.98
C GLY A 357 -26.46 48.75 -10.49
N GLU A 358 -26.73 48.79 -11.79
CA GLU A 358 -27.90 48.14 -12.35
C GLU A 358 -27.58 46.69 -12.70
N THR A 359 -28.50 45.79 -12.34
CA THR A 359 -28.36 44.37 -12.60
C THR A 359 -29.50 43.91 -13.49
N ARG A 360 -29.18 43.10 -14.49
CA ARG A 360 -30.20 42.58 -15.40
C ARG A 360 -29.89 41.13 -15.73
N THR A 361 -30.95 40.40 -16.07
CA THR A 361 -30.86 39.00 -16.45
C THR A 361 -30.94 38.89 -17.96
N VAL A 362 -29.95 38.24 -18.57
CA VAL A 362 -29.87 38.13 -20.02
C VAL A 362 -29.45 36.72 -20.38
N ASP A 363 -29.96 36.24 -21.52
CA ASP A 363 -29.63 34.92 -22.04
C ASP A 363 -28.40 35.02 -22.94
N VAL A 364 -27.43 34.15 -22.71
CA VAL A 364 -26.18 34.13 -23.46
C VAL A 364 -26.10 32.82 -24.23
N THR A 365 -25.87 32.92 -25.54
CA THR A 365 -25.73 31.76 -26.41
C THR A 365 -24.36 31.77 -27.06
N ALA A 366 -23.59 30.71 -26.85
CA ALA A 366 -22.26 30.57 -27.42
C ALA A 366 -22.28 29.41 -28.40
N SER A 367 -22.33 29.73 -29.69
CA SER A 367 -22.46 28.73 -30.75
C SER A 367 -21.27 28.81 -31.68
N ASP A 368 -20.61 27.67 -31.90
CA ASP A 368 -19.52 27.58 -32.85
C ASP A 368 -19.34 26.13 -33.26
N ALA A 369 -18.85 25.93 -34.48
CA ALA A 369 -18.51 24.58 -34.93
C ALA A 369 -17.40 23.97 -34.09
N ALA A 370 -16.56 24.79 -33.46
CA ALA A 370 -15.51 24.25 -32.60
C ALA A 370 -16.09 23.47 -31.44
N TRP A 371 -17.30 23.82 -30.99
CA TRP A 371 -17.92 23.13 -29.88
C TRP A 371 -18.08 21.64 -30.16
N GLU A 372 -18.22 21.26 -31.43
CA GLU A 372 -18.27 19.86 -31.81
C GLU A 372 -16.97 19.37 -32.44
N VAL A 373 -16.17 20.26 -33.01
CA VAL A 373 -14.88 19.84 -33.56
C VAL A 373 -13.94 19.39 -32.46
N TYR A 374 -13.87 20.13 -31.36
CA TYR A 374 -13.00 19.79 -30.25
C TYR A 374 -13.70 18.91 -29.22
N ARG A 375 -14.84 18.32 -29.57
CA ARG A 375 -15.58 17.40 -28.72
C ARG A 375 -15.84 18.01 -27.35
N LEU A 376 -16.55 19.14 -27.36
CA LEU A 376 -17.12 19.70 -26.14
C LEU A 376 -18.53 19.19 -25.89
N SER A 377 -19.10 18.45 -26.83
CA SER A 377 -20.46 17.93 -26.71
C SER A 377 -20.50 16.51 -26.14
N ASP A 378 -19.36 15.95 -25.77
CA ASP A 378 -19.31 14.64 -25.12
C ASP A 378 -19.37 14.76 -23.60
N ILE A 379 -19.60 15.96 -23.07
CA ILE A 379 -19.86 16.09 -21.65
C ILE A 379 -21.09 15.28 -21.24
N ILE A 380 -22.00 15.04 -22.18
CA ILE A 380 -23.12 14.14 -21.89
C ILE A 380 -22.61 12.74 -21.59
N TYR A 381 -21.56 12.31 -22.29
CA TYR A 381 -20.91 11.04 -22.00
C TYR A 381 -20.00 11.12 -20.77
N ASP A 382 -19.62 12.31 -20.35
CA ASP A 382 -18.81 12.46 -19.15
C ASP A 382 -19.66 12.29 -17.89
N PRO A 383 -19.05 11.84 -16.79
CA PRO A 383 -19.81 11.57 -15.56
C PRO A 383 -20.02 12.77 -14.65
N ASP A 384 -19.78 13.99 -15.11
CA ASP A 384 -20.01 15.17 -14.30
C ASP A 384 -20.38 16.31 -15.24
N SER A 385 -21.68 16.55 -15.40
CA SER A 385 -22.16 17.57 -16.34
C SER A 385 -22.14 18.93 -15.67
N ARG A 386 -20.93 19.42 -15.43
CA ARG A 386 -20.71 20.76 -14.91
C ARG A 386 -19.63 21.41 -15.76
N PHE A 387 -19.82 22.69 -16.06
CA PHE A 387 -18.87 23.43 -16.87
C PHE A 387 -18.28 24.56 -16.04
N ALA A 388 -17.14 25.07 -16.52
CA ALA A 388 -16.54 26.26 -15.94
C ALA A 388 -15.87 27.04 -17.06
N GLY A 389 -15.74 28.35 -16.85
CA GLY A 389 -15.15 29.18 -17.87
C GLY A 389 -14.89 30.57 -17.34
N LEU A 390 -14.43 31.42 -18.25
CA LEU A 390 -14.11 32.81 -17.92
C LEU A 390 -14.95 33.73 -18.77
N LEU A 391 -15.49 34.77 -18.14
CA LEU A 391 -16.24 35.81 -18.83
C LEU A 391 -15.44 37.10 -18.82
N PHE A 392 -15.26 37.70 -19.98
CA PHE A 392 -14.48 38.91 -20.14
C PHE A 392 -15.42 40.07 -20.41
N PHE A 393 -15.41 41.05 -19.51
CA PHE A 393 -16.29 42.22 -19.61
C PHE A 393 -15.48 43.43 -20.02
N PHE A 394 -15.94 44.13 -21.05
CA PHE A 394 -15.28 45.32 -21.55
C PHE A 394 -16.20 46.52 -21.40
N ASP A 395 -15.59 47.69 -21.28
CA ASP A 395 -16.31 48.95 -21.17
C ASP A 395 -15.90 49.89 -22.30
N ALA A 396 -16.46 51.09 -22.29
CA ALA A 396 -16.11 52.09 -23.30
C ALA A 396 -14.67 52.55 -23.16
N THR A 397 -14.12 52.52 -21.95
CA THR A 397 -12.74 52.93 -21.75
C THR A 397 -11.78 52.03 -22.50
N GLY A 398 -11.99 50.71 -22.42
CA GLY A 398 -11.14 49.79 -23.14
C GLY A 398 -10.60 48.66 -22.26
N ASN A 399 -10.38 48.93 -20.99
CA ASN A 399 -9.87 47.91 -20.09
C ASN A 399 -10.93 46.86 -19.81
N ARG A 400 -10.47 45.65 -19.48
CA ARG A 400 -11.35 44.51 -19.31
C ARG A 400 -11.22 43.94 -17.90
N GLN A 401 -12.27 43.22 -17.50
CA GLN A 401 -12.33 42.57 -16.21
C GLN A 401 -12.77 41.12 -16.40
N VAL A 402 -12.13 40.21 -15.68
CA VAL A 402 -12.40 38.78 -15.80
C VAL A 402 -13.21 38.34 -14.60
N VAL A 403 -14.29 37.59 -14.86
CA VAL A 403 -15.10 36.98 -13.83
C VAL A 403 -15.28 35.52 -14.22
N GLN A 404 -15.38 34.65 -13.22
CA GLN A 404 -15.45 33.22 -13.44
C GLN A 404 -16.85 32.71 -13.10
N ILE A 405 -17.34 31.78 -13.92
CA ILE A 405 -18.63 31.15 -13.71
C ILE A 405 -18.47 29.65 -13.72
N ASP A 406 -19.35 28.98 -13.00
CA ASP A 406 -19.36 27.52 -12.94
C ASP A 406 -20.75 27.07 -12.52
N ALA A 407 -21.41 26.30 -13.36
CA ALA A 407 -22.78 25.88 -13.10
C ALA A 407 -22.99 24.52 -13.74
N PRO A 408 -23.93 23.73 -13.23
CA PRO A 408 -24.26 22.47 -13.90
C PRO A 408 -24.76 22.72 -15.31
N LEU A 409 -24.40 21.82 -16.22
CA LEU A 409 -24.78 21.91 -17.62
C LEU A 409 -25.84 20.86 -17.91
N ILE A 410 -27.02 21.31 -18.33
CA ILE A 410 -28.20 20.46 -18.48
C ILE A 410 -28.44 20.25 -19.97
N PRO A 411 -28.22 19.05 -20.50
CA PRO A 411 -28.53 18.80 -21.91
C PRO A 411 -30.03 18.84 -22.16
N SER A 412 -30.39 19.18 -23.39
CA SER A 412 -31.77 19.20 -23.83
C SER A 412 -31.89 18.44 -25.14
N PHE A 413 -33.03 17.79 -25.33
CA PHE A 413 -33.19 16.92 -26.49
C PHE A 413 -34.42 17.25 -27.33
N MET A 414 -35.51 17.70 -26.72
CA MET A 414 -36.70 18.06 -27.46
C MET A 414 -36.75 19.55 -27.75
N ALA B 7 18.19 -42.58 -40.84
CA ALA B 7 18.78 -42.03 -39.62
C ALA B 7 19.82 -40.97 -39.94
N VAL B 8 21.07 -41.26 -39.60
CA VAL B 8 22.19 -40.35 -39.86
C VAL B 8 23.18 -41.06 -40.78
N ARG B 9 23.82 -40.28 -41.64
CA ARG B 9 24.70 -40.86 -42.66
C ARG B 9 26.08 -41.17 -42.11
N SER B 10 26.82 -40.14 -41.66
CA SER B 10 28.19 -40.30 -41.24
C SER B 10 28.48 -39.39 -40.06
N HIS B 11 29.72 -39.46 -39.57
CA HIS B 11 30.11 -38.68 -38.40
C HIS B 11 30.20 -37.19 -38.72
N ALA B 12 30.86 -36.85 -39.84
CA ALA B 12 31.13 -35.44 -40.14
C ALA B 12 29.84 -34.66 -40.39
N GLU B 13 28.95 -35.22 -41.21
CA GLU B 13 27.70 -34.51 -41.49
C GLU B 13 26.80 -34.49 -40.25
N ALA B 14 26.95 -35.46 -39.35
CA ALA B 14 26.26 -35.37 -38.07
C ALA B 14 26.75 -34.17 -37.27
N VAL B 15 28.05 -33.91 -37.28
CA VAL B 15 28.59 -32.73 -36.62
C VAL B 15 28.07 -31.46 -37.30
N GLN B 16 27.96 -31.49 -38.63
CA GLN B 16 27.42 -30.33 -39.34
C GLN B 16 25.96 -30.07 -38.94
N VAL B 17 25.16 -31.13 -38.83
CA VAL B 17 23.79 -31.00 -38.36
C VAL B 17 23.74 -30.45 -36.95
N SER B 18 24.62 -30.94 -36.08
CA SER B 18 24.68 -30.42 -34.71
C SER B 18 25.01 -28.93 -34.70
N ARG B 19 25.94 -28.51 -35.56
CA ARG B 19 26.29 -27.09 -35.63
C ARG B 19 25.12 -26.26 -36.13
N THR B 20 24.40 -26.75 -37.15
CA THR B 20 23.25 -26.02 -37.66
C THR B 20 22.17 -25.88 -36.60
N ILE B 21 21.91 -26.96 -35.85
CA ILE B 21 20.94 -26.90 -34.77
C ILE B 21 21.42 -25.94 -33.68
N ASP B 22 22.71 -25.94 -33.38
CA ASP B 22 23.25 -25.01 -32.39
C ASP B 22 22.96 -23.57 -32.80
N TRP B 23 23.22 -23.24 -34.06
CA TRP B 23 22.99 -21.88 -34.53
C TRP B 23 21.51 -21.50 -34.47
N MET B 24 20.65 -22.40 -34.96
CA MET B 24 19.22 -22.10 -34.97
C MET B 24 18.66 -21.96 -33.55
N ALA B 25 19.07 -22.84 -32.64
CA ALA B 25 18.61 -22.76 -31.27
C ALA B 25 19.13 -21.52 -30.58
N LEU B 26 20.38 -21.15 -30.83
CA LEU B 26 20.91 -19.91 -30.29
C LEU B 26 20.08 -18.72 -30.78
N PHE B 27 19.74 -18.71 -32.07
CA PHE B 27 18.89 -17.66 -32.62
C PHE B 27 17.56 -17.59 -31.87
N VAL B 28 16.87 -18.72 -31.75
CA VAL B 28 15.52 -18.70 -31.18
C VAL B 28 15.54 -18.30 -29.71
N VAL B 29 16.49 -18.87 -28.94
CA VAL B 29 16.54 -18.55 -27.52
C VAL B 29 16.94 -17.09 -27.33
N PHE B 30 17.89 -16.60 -28.12
CA PHE B 30 18.34 -15.22 -27.99
C PHE B 30 17.19 -14.26 -28.27
N PHE B 31 16.45 -14.48 -29.35
CA PHE B 31 15.41 -13.52 -29.69
C PHE B 31 14.21 -13.60 -28.73
N VAL B 32 13.85 -14.81 -28.28
CA VAL B 32 12.77 -14.89 -27.29
C VAL B 32 13.17 -14.19 -26.00
N ILE B 33 14.42 -14.38 -25.56
CA ILE B 33 14.90 -13.71 -24.36
C ILE B 33 14.90 -12.20 -24.56
N VAL B 34 15.34 -11.73 -25.73
CA VAL B 34 15.32 -10.29 -26.00
C VAL B 34 13.91 -9.75 -25.85
N GLY B 35 12.94 -10.40 -26.50
CA GLY B 35 11.58 -9.90 -26.46
C GLY B 35 11.01 -9.87 -25.05
N SER B 36 11.12 -11.00 -24.34
CA SER B 36 10.51 -11.08 -23.02
C SER B 36 11.19 -10.14 -22.03
N TYR B 37 12.52 -10.12 -22.02
CA TYR B 37 13.24 -9.30 -21.05
C TYR B 37 13.16 -7.83 -21.39
N HIS B 38 13.00 -7.48 -22.67
CA HIS B 38 12.74 -6.10 -23.05
C HIS B 38 11.36 -5.66 -22.54
N ILE B 39 10.34 -6.53 -22.68
CA ILE B 39 9.05 -6.26 -22.05
C ILE B 39 9.22 -6.02 -20.56
N HIS B 40 9.92 -6.92 -19.88
CA HIS B 40 10.03 -6.82 -18.43
C HIS B 40 10.74 -5.53 -18.02
N ALA B 41 11.83 -5.19 -18.72
CA ALA B 41 12.56 -3.98 -18.37
C ALA B 41 11.73 -2.73 -18.61
N MET B 42 11.05 -2.64 -19.76
CA MET B 42 10.33 -1.42 -20.07
C MET B 42 9.04 -1.28 -19.27
N LEU B 43 8.49 -2.40 -18.80
CA LEU B 43 7.28 -2.33 -17.99
C LEU B 43 7.57 -2.42 -16.50
N THR B 44 8.85 -2.44 -16.10
CA THR B 44 9.16 -2.42 -14.69
C THR B 44 10.15 -1.30 -14.36
N MET B 45 11.00 -0.95 -15.33
CA MET B 45 12.11 -0.04 -15.10
C MET B 45 12.22 1.09 -16.12
N GLY B 46 11.51 1.01 -17.25
CA GLY B 46 11.89 1.74 -18.45
C GLY B 46 12.06 3.23 -18.26
N ASP B 47 11.31 3.85 -17.35
CA ASP B 47 11.33 5.30 -17.23
C ASP B 47 12.73 5.82 -16.95
N TRP B 48 13.43 5.21 -15.99
CA TRP B 48 14.76 5.69 -15.64
C TRP B 48 15.73 5.56 -16.79
N ASP B 49 15.70 4.44 -17.49
CA ASP B 49 16.67 4.19 -18.55
C ASP B 49 16.52 5.14 -19.73
N PHE B 50 15.33 5.71 -19.92
CA PHE B 50 15.09 6.53 -21.10
C PHE B 50 15.94 7.80 -21.10
N TRP B 51 16.03 8.48 -19.95
CA TRP B 51 16.48 9.86 -19.91
C TRP B 51 17.67 10.05 -18.98
N SER B 52 18.62 10.89 -19.44
CA SER B 52 19.83 11.15 -18.67
C SER B 52 19.52 11.82 -17.35
N ASP B 53 18.59 12.79 -17.34
CA ASP B 53 18.21 13.42 -16.08
C ASP B 53 17.48 12.47 -15.16
N TRP B 54 16.86 11.44 -15.72
CA TRP B 54 16.28 10.39 -14.88
C TRP B 54 17.36 9.49 -14.31
N LYS B 55 18.49 9.37 -15.00
CA LYS B 55 19.60 8.53 -14.54
C LYS B 55 20.27 9.18 -13.35
N ASP B 56 19.62 9.11 -12.20
CA ASP B 56 20.11 9.71 -10.97
C ASP B 56 20.96 8.70 -10.21
N ARG B 57 21.26 8.98 -8.94
CA ARG B 57 22.11 8.11 -8.14
C ARG B 57 21.40 7.35 -7.04
N ARG B 58 20.17 7.73 -6.67
CA ARG B 58 19.43 6.98 -5.66
C ARG B 58 18.46 5.98 -6.29
N LEU B 59 17.46 6.46 -7.03
CA LEU B 59 16.43 5.56 -7.53
C LEU B 59 16.94 4.71 -8.68
N TRP B 60 17.70 5.31 -9.60
CA TRP B 60 18.25 4.55 -10.71
C TRP B 60 19.14 3.41 -10.21
N VAL B 61 20.11 3.76 -9.36
CA VAL B 61 21.04 2.77 -8.85
C VAL B 61 20.32 1.70 -8.03
N THR B 62 19.34 2.12 -7.24
CA THR B 62 18.60 1.14 -6.45
C THR B 62 17.78 0.20 -7.35
N VAL B 63 17.00 0.75 -8.28
CA VAL B 63 15.98 -0.04 -8.95
C VAL B 63 16.56 -0.89 -10.07
N THR B 64 17.44 -0.32 -10.90
CA THR B 64 17.79 -1.01 -12.14
C THR B 64 18.39 -2.40 -11.93
N PRO B 65 19.42 -2.59 -11.10
CA PRO B 65 19.92 -3.97 -10.89
C PRO B 65 18.90 -4.90 -10.28
N ILE B 66 18.07 -4.39 -9.37
CA ILE B 66 17.08 -5.24 -8.69
C ILE B 66 16.13 -5.87 -9.69
N VAL B 67 15.64 -5.08 -10.63
CA VAL B 67 14.66 -5.56 -11.60
C VAL B 67 15.30 -6.08 -12.87
N LEU B 68 16.62 -5.99 -13.00
CA LEU B 68 17.29 -6.55 -14.16
C LEU B 68 18.13 -7.77 -13.86
N VAL B 69 18.22 -8.21 -12.59
CA VAL B 69 18.76 -9.53 -12.32
C VAL B 69 17.75 -10.65 -12.51
N THR B 70 16.49 -10.32 -12.82
CA THR B 70 15.44 -11.32 -12.85
C THR B 70 15.70 -12.40 -13.89
N PHE B 71 15.68 -12.03 -15.17
CA PHE B 71 15.88 -12.99 -16.25
C PHE B 71 17.27 -13.60 -16.26
N PRO B 72 18.35 -12.83 -16.02
CA PRO B 72 19.66 -13.47 -15.95
C PRO B 72 19.73 -14.61 -14.95
N ALA B 73 19.08 -14.46 -13.79
CA ALA B 73 19.07 -15.55 -12.82
C ALA B 73 18.42 -16.81 -13.41
N ALA B 74 17.25 -16.66 -14.01
CA ALA B 74 16.53 -17.81 -14.56
C ALA B 74 17.31 -18.44 -15.71
N VAL B 75 17.84 -17.62 -16.60
CA VAL B 75 18.52 -18.14 -17.78
C VAL B 75 19.84 -18.80 -17.39
N GLN B 76 20.52 -18.30 -16.36
CA GLN B 76 21.66 -19.04 -15.83
C GLN B 76 21.21 -20.37 -15.24
N SER B 77 20.15 -20.35 -14.42
CA SER B 77 19.67 -21.57 -13.79
C SER B 77 19.34 -22.64 -14.82
N TYR B 78 18.90 -22.22 -16.00
CA TYR B 78 18.64 -23.20 -17.05
C TYR B 78 19.91 -23.58 -17.80
N LEU B 79 20.59 -22.59 -18.40
CA LEU B 79 21.68 -22.88 -19.32
C LEU B 79 22.84 -23.57 -18.62
N TRP B 80 23.25 -23.07 -17.45
CA TRP B 80 24.36 -23.71 -16.75
C TRP B 80 24.02 -25.16 -16.40
N GLU B 81 22.88 -25.36 -15.74
CA GLU B 81 22.52 -26.68 -15.28
C GLU B 81 22.29 -27.66 -16.43
N ARG B 82 21.92 -27.17 -17.61
CA ARG B 82 21.56 -28.08 -18.69
C ARG B 82 22.62 -28.23 -19.77
N TYR B 83 23.56 -27.29 -19.90
CA TYR B 83 24.58 -27.39 -20.94
C TYR B 83 25.96 -26.95 -20.51
N ARG B 84 26.16 -26.57 -19.25
CA ARG B 84 27.43 -25.99 -18.80
C ARG B 84 27.82 -24.79 -19.67
N LEU B 85 26.83 -23.94 -19.97
CA LEU B 85 27.05 -22.75 -20.78
C LEU B 85 26.99 -21.52 -19.89
N PRO B 86 28.12 -20.93 -19.54
CA PRO B 86 28.13 -19.81 -18.58
C PRO B 86 27.99 -18.44 -19.23
N TRP B 87 26.93 -18.26 -20.03
CA TRP B 87 26.67 -16.94 -20.56
C TRP B 87 25.18 -16.62 -20.60
N GLY B 88 24.40 -17.14 -19.67
CA GLY B 88 22.99 -16.79 -19.62
C GLY B 88 22.77 -15.32 -19.28
N ALA B 89 23.44 -14.83 -18.24
CA ALA B 89 23.32 -13.42 -17.90
C ALA B 89 23.87 -12.54 -19.01
N THR B 90 25.00 -12.92 -19.59
CA THR B 90 25.59 -12.13 -20.66
C THR B 90 24.67 -12.06 -21.87
N VAL B 91 24.04 -13.18 -22.24
CA VAL B 91 23.17 -13.14 -23.41
C VAL B 91 21.92 -12.33 -23.12
N CYS B 92 21.38 -12.43 -21.90
CA CYS B 92 20.23 -11.60 -21.54
C CYS B 92 20.57 -10.12 -21.62
N VAL B 93 21.72 -9.73 -21.06
CA VAL B 93 22.11 -8.33 -21.05
C VAL B 93 22.41 -7.84 -22.46
N LEU B 94 23.09 -8.65 -23.26
CA LEU B 94 23.37 -8.26 -24.63
C LEU B 94 22.09 -8.09 -25.44
N GLY B 95 21.12 -8.97 -25.21
CA GLY B 95 19.85 -8.82 -25.90
C GLY B 95 19.09 -7.57 -25.49
N LEU B 96 19.05 -7.28 -24.19
CA LEU B 96 18.44 -6.03 -23.74
C LEU B 96 19.13 -4.84 -24.36
N LEU B 97 20.47 -4.83 -24.34
CA LEU B 97 21.20 -3.69 -24.90
C LEU B 97 20.93 -3.54 -26.39
N LEU B 98 20.86 -4.66 -27.11
CA LEU B 98 20.59 -4.59 -28.54
C LEU B 98 19.21 -3.99 -28.80
N GLY B 99 18.19 -4.46 -28.08
CA GLY B 99 16.86 -3.89 -28.27
C GLY B 99 16.81 -2.41 -27.90
N GLU B 100 17.38 -2.07 -26.75
CA GLU B 100 17.44 -0.68 -26.31
C GLU B 100 18.07 0.18 -27.39
N TRP B 101 19.24 -0.23 -27.90
CA TRP B 101 20.00 0.62 -28.79
C TRP B 101 19.35 0.75 -30.15
N ILE B 102 18.82 -0.35 -30.71
CA ILE B 102 18.17 -0.23 -32.00
C ILE B 102 16.94 0.66 -31.88
N ASN B 103 16.22 0.57 -30.75
CA ASN B 103 15.03 1.41 -30.63
C ASN B 103 15.39 2.86 -30.39
N ARG B 104 16.46 3.13 -29.64
CA ARG B 104 16.93 4.49 -29.48
C ARG B 104 17.32 5.09 -30.83
N TYR B 105 18.05 4.33 -31.64
CA TYR B 105 18.56 4.87 -32.89
C TYR B 105 17.50 4.97 -33.98
N PHE B 106 16.50 4.10 -33.96
CA PHE B 106 15.54 4.07 -35.05
C PHE B 106 14.20 4.73 -34.72
N ASN B 107 13.88 4.89 -33.45
CA ASN B 107 12.60 5.48 -33.06
C ASN B 107 12.76 6.76 -32.25
N PHE B 108 13.60 6.73 -31.20
CA PHE B 108 13.85 7.94 -30.43
C PHE B 108 14.58 8.98 -31.28
N TRP B 109 15.61 8.57 -32.01
CA TRP B 109 16.35 9.45 -32.89
C TRP B 109 15.85 9.41 -34.33
N GLY B 110 15.08 8.39 -34.69
CA GLY B 110 14.59 8.26 -36.05
C GLY B 110 13.29 9.00 -36.32
N TRP B 111 12.23 8.65 -35.58
CA TRP B 111 10.94 9.30 -35.78
C TRP B 111 10.90 10.64 -35.03
N THR B 112 11.03 10.60 -33.72
CA THR B 112 11.34 11.80 -32.95
C THR B 112 12.81 12.11 -33.15
N TYR B 113 13.32 13.14 -32.50
CA TYR B 113 14.72 13.50 -32.67
C TYR B 113 15.37 13.78 -31.33
N PHE B 114 15.08 12.95 -30.35
CA PHE B 114 15.79 13.02 -29.08
C PHE B 114 17.26 12.63 -29.31
N PRO B 115 18.21 13.44 -28.86
CA PRO B 115 19.61 13.11 -29.11
C PRO B 115 20.04 11.84 -28.41
N ILE B 116 21.02 11.15 -29.02
CA ILE B 116 21.49 9.89 -28.49
C ILE B 116 22.13 10.07 -27.12
N ASN B 117 22.92 11.14 -26.96
CA ASN B 117 23.51 11.39 -25.66
C ASN B 117 22.48 11.71 -24.60
N PHE B 118 21.24 11.98 -24.99
CA PHE B 118 20.16 12.20 -24.03
C PHE B 118 19.38 10.91 -23.76
N VAL B 119 19.17 10.07 -24.77
CA VAL B 119 18.35 8.87 -24.59
C VAL B 119 19.20 7.61 -24.63
N PHE B 120 20.47 7.71 -24.27
CA PHE B 120 21.33 6.53 -24.24
C PHE B 120 20.86 5.58 -23.14
N PRO B 121 20.93 4.27 -23.36
CA PRO B 121 20.53 3.31 -22.33
C PRO B 121 21.67 3.04 -21.36
N ALA B 122 21.35 2.29 -20.31
CA ALA B 122 22.35 1.93 -19.32
C ALA B 122 23.24 0.81 -19.85
N SER B 123 24.35 0.59 -19.16
CA SER B 123 25.31 -0.46 -19.52
C SER B 123 25.33 -1.50 -18.42
N LEU B 124 25.13 -2.77 -18.79
CA LEU B 124 25.05 -3.86 -17.81
C LEU B 124 26.02 -5.00 -18.10
N VAL B 125 26.86 -4.87 -19.14
CA VAL B 125 27.78 -5.94 -19.48
C VAL B 125 28.75 -6.26 -18.34
N PRO B 126 29.32 -5.29 -17.61
CA PRO B 126 30.18 -5.68 -16.48
C PRO B 126 29.45 -6.53 -15.45
N GLY B 127 28.21 -6.17 -15.11
CA GLY B 127 27.45 -6.96 -14.16
C GLY B 127 27.17 -8.36 -14.68
N ALA B 128 26.79 -8.46 -15.96
CA ALA B 128 26.54 -9.78 -16.54
C ALA B 128 27.80 -10.63 -16.55
N ILE B 129 28.94 -10.03 -16.88
CA ILE B 129 30.19 -10.78 -16.94
C ILE B 129 30.57 -11.29 -15.56
N ILE B 130 30.45 -10.43 -14.55
CA ILE B 130 30.74 -10.87 -13.18
C ILE B 130 29.80 -11.99 -12.78
N LEU B 131 28.51 -11.85 -13.09
CA LEU B 131 27.54 -12.88 -12.73
C LEU B 131 27.90 -14.22 -13.37
N ASP B 132 28.22 -14.21 -14.66
CA ASP B 132 28.52 -15.45 -15.36
C ASP B 132 29.82 -16.08 -14.88
N THR B 133 30.87 -15.27 -14.70
CA THR B 133 32.15 -15.82 -14.27
C THR B 133 32.05 -16.39 -12.85
N VAL B 134 31.33 -15.69 -11.96
CA VAL B 134 31.12 -16.24 -10.63
C VAL B 134 30.26 -17.50 -10.69
N LEU B 135 29.31 -17.55 -11.62
CA LEU B 135 28.50 -18.76 -11.78
C LEU B 135 29.37 -19.94 -12.17
N MET B 136 30.31 -19.74 -13.10
CA MET B 136 31.09 -20.87 -13.57
C MET B 136 32.18 -21.24 -12.55
N LEU B 137 33.07 -20.30 -12.24
CA LEU B 137 34.07 -20.54 -11.23
C LEU B 137 33.40 -20.74 -9.88
N SER B 138 33.64 -21.90 -9.25
CA SER B 138 32.90 -22.31 -8.06
C SER B 138 31.40 -22.35 -8.37
N GLY B 139 31.06 -23.34 -9.19
CA GLY B 139 29.76 -23.43 -9.84
C GLY B 139 28.53 -23.45 -8.94
N SER B 140 28.73 -23.38 -7.63
CA SER B 140 27.62 -23.43 -6.70
C SER B 140 26.70 -22.23 -6.86
N TYR B 141 25.41 -22.52 -7.08
CA TYR B 141 24.43 -21.47 -7.35
C TYR B 141 24.28 -20.55 -6.14
N LEU B 142 24.44 -21.07 -4.92
CA LEU B 142 24.30 -20.23 -3.75
C LEU B 142 25.44 -19.23 -3.65
N PHE B 143 26.68 -19.68 -3.90
CA PHE B 143 27.79 -18.73 -3.94
C PHE B 143 27.59 -17.72 -5.05
N THR B 144 27.03 -18.15 -6.19
CA THR B 144 26.71 -17.18 -7.23
C THR B 144 25.73 -16.13 -6.71
N ALA B 145 24.60 -16.57 -6.14
CA ALA B 145 23.58 -15.65 -5.68
C ALA B 145 24.09 -14.76 -4.56
N ILE B 146 25.13 -15.19 -3.85
CA ILE B 146 25.64 -14.38 -2.75
C ILE B 146 26.69 -13.38 -3.22
N VAL B 147 27.63 -13.78 -4.07
CA VAL B 147 28.76 -12.94 -4.45
C VAL B 147 28.56 -12.30 -5.80
N GLY B 148 28.16 -13.07 -6.82
CA GLY B 148 27.95 -12.50 -8.13
C GLY B 148 26.81 -11.51 -8.17
N ALA B 149 25.75 -11.75 -7.40
CA ALA B 149 24.67 -10.79 -7.31
C ALA B 149 25.14 -9.48 -6.67
N MET B 150 25.98 -9.58 -5.63
CA MET B 150 26.58 -8.37 -5.07
C MET B 150 27.44 -7.65 -6.10
N GLY B 151 28.22 -8.40 -6.88
CA GLY B 151 29.01 -7.78 -7.92
C GLY B 151 28.15 -7.06 -8.94
N TRP B 152 27.05 -7.71 -9.34
CA TRP B 152 26.12 -7.10 -10.29
C TRP B 152 25.53 -5.81 -9.73
N GLY B 153 25.12 -5.83 -8.47
CA GLY B 153 24.54 -4.65 -7.87
C GLY B 153 25.55 -3.53 -7.69
N LEU B 154 26.76 -3.87 -7.26
CA LEU B 154 27.75 -2.87 -6.92
C LEU B 154 28.39 -2.24 -8.14
N ILE B 155 28.66 -3.02 -9.19
CA ILE B 155 29.39 -2.49 -10.33
C ILE B 155 28.47 -1.81 -11.35
N PHE B 156 27.16 -1.78 -11.10
CA PHE B 156 26.26 -1.14 -12.05
C PHE B 156 26.53 0.35 -12.15
N TYR B 157 26.69 1.03 -11.02
CA TYR B 157 26.89 2.48 -11.07
C TYR B 157 28.28 2.85 -11.55
N PRO B 158 29.37 2.30 -11.01
CA PRO B 158 30.69 2.57 -11.61
C PRO B 158 30.82 2.07 -13.03
N GLY B 159 30.00 1.10 -13.44
CA GLY B 159 30.01 0.68 -14.83
C GLY B 159 29.52 1.76 -15.77
N ASN B 160 28.46 2.47 -15.39
CA ASN B 160 27.91 3.54 -16.20
C ASN B 160 28.54 4.90 -15.90
N TRP B 161 29.36 4.99 -14.84
CA TRP B 161 29.97 6.28 -14.50
C TRP B 161 30.80 6.88 -15.62
N PRO B 162 31.61 6.13 -16.39
CA PRO B 162 32.34 6.77 -17.49
C PRO B 162 31.43 7.37 -18.54
N ILE B 163 30.17 6.95 -18.63
CA ILE B 163 29.24 7.50 -19.60
C ILE B 163 28.51 8.72 -19.05
N ILE B 164 28.08 8.67 -17.78
CA ILE B 164 27.28 9.75 -17.22
C ILE B 164 28.09 10.81 -16.51
N ALA B 165 29.39 10.59 -16.30
CA ALA B 165 30.22 11.61 -15.66
C ALA B 165 30.28 12.91 -16.44
N PRO B 166 30.47 12.92 -17.77
CA PRO B 166 30.47 14.20 -18.49
C PRO B 166 29.15 14.93 -18.44
N LEU B 167 28.05 14.24 -18.15
CA LEU B 167 26.75 14.87 -18.06
C LEU B 167 26.47 15.44 -16.68
N HIS B 168 27.36 15.23 -15.71
CA HIS B 168 27.17 15.73 -14.36
C HIS B 168 28.05 16.95 -14.08
N VAL B 169 28.58 17.58 -15.11
CA VAL B 169 29.37 18.81 -14.93
C VAL B 169 28.41 19.94 -14.57
N PRO B 170 28.64 20.67 -13.47
CA PRO B 170 27.71 21.72 -13.08
C PRO B 170 27.68 22.85 -14.10
N VAL B 171 26.50 23.43 -14.27
CA VAL B 171 26.30 24.57 -15.16
C VAL B 171 25.40 25.58 -14.47
N GLU B 172 25.76 26.86 -14.57
CA GLU B 172 24.88 27.94 -14.16
C GLU B 172 23.94 28.25 -15.32
N TYR B 173 22.68 27.84 -15.18
CA TYR B 173 21.69 27.97 -16.25
C TYR B 173 20.61 28.95 -15.80
N ASN B 174 20.70 30.19 -16.30
CA ASN B 174 19.70 31.22 -16.02
C ASN B 174 19.56 31.47 -14.53
N GLY B 175 20.68 31.47 -13.81
CA GLY B 175 20.70 31.83 -12.42
C GLY B 175 20.49 30.69 -11.43
N MET B 176 20.21 29.49 -11.92
CA MET B 176 20.04 28.34 -11.04
C MET B 176 20.94 27.21 -11.48
N LEU B 177 21.49 26.48 -10.51
CA LEU B 177 22.50 25.48 -10.81
C LEU B 177 21.87 24.27 -11.50
N MET B 178 22.61 23.70 -12.45
CA MET B 178 22.10 22.61 -13.25
C MET B 178 23.25 21.68 -13.64
N SER B 179 22.90 20.45 -13.95
CA SER B 179 23.80 19.51 -14.60
C SER B 179 23.55 19.52 -16.10
N ILE B 180 24.52 18.99 -16.85
CA ILE B 180 24.34 18.88 -18.29
C ILE B 180 23.14 18.00 -18.61
N ALA B 181 22.96 16.92 -17.85
CA ALA B 181 21.78 16.07 -18.03
C ALA B 181 20.50 16.84 -17.71
N ASP B 182 20.52 17.65 -16.65
CA ASP B 182 19.36 18.46 -16.32
C ASP B 182 19.04 19.45 -17.43
N ILE B 183 20.08 20.07 -18.01
CA ILE B 183 19.85 21.00 -19.10
C ILE B 183 19.28 20.28 -20.31
N GLN B 184 19.77 19.07 -20.59
CA GLN B 184 19.25 18.31 -21.72
C GLN B 184 17.77 17.99 -21.51
N GLY B 185 17.41 17.54 -20.30
CA GLY B 185 16.02 17.23 -20.03
C GLY B 185 15.14 18.47 -20.08
N TYR B 186 15.66 19.60 -19.63
CA TYR B 186 14.91 20.85 -19.68
C TYR B 186 14.70 21.31 -21.12
N ASN B 187 15.72 21.16 -21.96
CA ASN B 187 15.65 21.64 -23.34
C ASN B 187 14.78 20.73 -24.19
N TYR B 188 15.18 19.47 -24.34
CA TYR B 188 14.49 18.54 -25.22
C TYR B 188 13.21 18.09 -24.52
N VAL B 189 12.08 18.67 -24.93
CA VAL B 189 10.84 18.48 -24.21
C VAL B 189 10.36 17.04 -24.34
N ARG B 190 9.73 16.54 -23.29
CA ARG B 190 9.14 15.21 -23.27
C ARG B 190 7.68 15.37 -22.85
N THR B 191 6.77 15.24 -23.81
CA THR B 191 5.36 15.47 -23.53
C THR B 191 4.83 14.52 -22.48
N GLY B 192 5.16 13.23 -22.61
CA GLY B 192 4.64 12.24 -21.70
C GLY B 192 5.43 12.03 -20.42
N THR B 193 6.62 12.61 -20.31
CA THR B 193 7.50 12.41 -19.16
C THR B 193 7.92 13.76 -18.59
N PRO B 194 7.06 14.40 -17.82
CA PRO B 194 7.41 15.68 -17.21
C PRO B 194 8.44 15.53 -16.09
N GLU B 195 8.90 16.65 -15.56
CA GLU B 195 9.99 16.62 -14.57
C GLU B 195 9.54 15.99 -13.26
N TYR B 196 8.32 16.27 -12.81
CA TYR B 196 7.92 15.82 -11.49
C TYR B 196 7.82 14.32 -11.39
N ILE B 197 7.57 13.63 -12.51
CA ILE B 197 7.56 12.17 -12.49
C ILE B 197 8.94 11.62 -12.16
N ARG B 198 9.99 12.45 -12.24
CA ARG B 198 11.34 11.98 -12.03
C ARG B 198 11.48 11.54 -10.59
N MET B 199 11.34 10.23 -10.35
CA MET B 199 11.67 9.67 -9.06
C MET B 199 13.18 9.61 -8.98
N VAL B 200 13.79 10.66 -8.43
CA VAL B 200 15.23 10.78 -8.33
C VAL B 200 15.59 11.23 -6.92
N GLU B 201 16.88 11.44 -6.69
CA GLU B 201 17.35 11.92 -5.40
C GLU B 201 16.87 13.34 -5.18
N LYS B 202 15.89 13.52 -4.29
CA LYS B 202 15.36 14.83 -3.97
C LYS B 202 15.74 15.28 -2.57
N GLY B 203 16.69 14.61 -1.94
CA GLY B 203 17.15 14.98 -0.61
C GLY B 203 16.40 14.24 0.48
N THR B 204 17.03 14.17 1.65
CA THR B 204 16.42 13.54 2.82
C THR B 204 17.16 14.04 4.06
N LEU B 205 16.43 14.12 5.18
CA LEU B 205 17.05 14.42 6.47
C LEU B 205 17.73 13.23 7.11
N ARG B 206 17.76 12.08 6.44
CA ARG B 206 18.40 10.88 6.98
C ARG B 206 19.54 10.40 6.09
N THR B 207 20.16 11.30 5.35
CA THR B 207 21.37 11.00 4.60
C THR B 207 22.55 11.74 5.23
N PHE B 208 23.68 11.06 5.35
CA PHE B 208 24.85 11.57 6.06
C PHE B 208 26.03 11.63 5.10
N GLY B 209 26.35 12.83 4.62
CA GLY B 209 27.56 13.00 3.81
C GLY B 209 27.41 12.41 2.42
N LYS B 210 28.52 11.90 1.89
CA LYS B 210 28.58 11.37 0.53
C LYS B 210 28.19 9.89 0.55
N ASP B 211 26.92 9.64 0.88
CA ASP B 211 26.48 8.25 1.00
C ASP B 211 25.20 7.97 0.24
N VAL B 212 24.82 8.82 -0.72
CA VAL B 212 23.62 8.55 -1.50
C VAL B 212 23.85 7.39 -2.46
N ALA B 213 25.00 7.37 -3.11
CA ALA B 213 25.30 6.33 -4.09
C ALA B 213 25.73 5.02 -3.44
N PRO B 214 26.72 5.01 -2.53
CA PRO B 214 27.10 3.72 -1.93
C PRO B 214 25.98 3.03 -1.18
N VAL B 215 25.14 3.76 -0.46
CA VAL B 215 24.03 3.14 0.24
C VAL B 215 23.03 2.56 -0.76
N SER B 216 22.71 3.32 -1.80
CA SER B 216 21.82 2.81 -2.84
C SER B 216 22.42 1.61 -3.54
N ALA B 217 23.73 1.66 -3.82
CA ALA B 217 24.40 0.54 -4.46
C ALA B 217 24.32 -0.72 -3.62
N PHE B 218 24.57 -0.60 -2.31
CA PHE B 218 24.54 -1.78 -1.45
C PHE B 218 23.12 -2.30 -1.26
N PHE B 219 22.14 -1.41 -1.16
CA PHE B 219 20.75 -1.86 -1.08
C PHE B 219 20.36 -2.60 -2.35
N SER B 220 20.78 -2.09 -3.52
CA SER B 220 20.51 -2.77 -4.77
C SER B 220 21.21 -4.12 -4.80
N ALA B 221 22.43 -4.19 -4.28
CA ALA B 221 23.14 -5.47 -4.27
C ALA B 221 22.41 -6.51 -3.42
N PHE B 222 21.94 -6.12 -2.23
CA PHE B 222 21.27 -7.09 -1.37
C PHE B 222 19.92 -7.51 -1.95
N MET B 223 19.12 -6.55 -2.42
CA MET B 223 17.85 -6.93 -3.01
C MET B 223 18.05 -7.69 -4.32
N SER B 224 19.17 -7.48 -5.00
CA SER B 224 19.48 -8.28 -6.17
C SER B 224 19.87 -9.70 -5.79
N ILE B 225 20.53 -9.87 -4.65
CA ILE B 225 20.73 -11.22 -4.11
C ILE B 225 19.39 -11.91 -3.93
N LEU B 226 18.44 -11.21 -3.30
CA LEU B 226 17.13 -11.82 -3.06
C LEU B 226 16.41 -12.15 -4.36
N ILE B 227 16.42 -11.21 -5.31
CA ILE B 227 15.71 -11.43 -6.56
C ILE B 227 16.37 -12.53 -7.38
N TYR B 228 17.70 -12.60 -7.35
CA TYR B 228 18.40 -13.70 -8.01
C TYR B 228 18.01 -15.03 -7.39
N PHE B 229 17.94 -15.09 -6.06
CA PHE B 229 17.57 -16.34 -5.41
C PHE B 229 16.16 -16.77 -5.78
N MET B 230 15.23 -15.81 -5.85
CA MET B 230 13.87 -16.15 -6.25
C MET B 230 13.79 -16.58 -7.71
N TRP B 231 14.43 -15.83 -8.59
CA TRP B 231 14.29 -16.09 -10.02
C TRP B 231 15.10 -17.29 -10.48
N HIS B 232 16.10 -17.71 -9.72
CA HIS B 232 16.77 -18.98 -10.03
C HIS B 232 15.78 -20.13 -9.94
N PHE B 233 14.97 -20.14 -8.88
CA PHE B 233 13.95 -21.19 -8.75
C PHE B 233 12.80 -20.98 -9.72
N ILE B 234 12.46 -19.74 -10.04
CA ILE B 234 11.43 -19.51 -11.06
C ILE B 234 11.89 -20.08 -12.40
N GLY B 235 13.13 -19.82 -12.79
CA GLY B 235 13.65 -20.39 -14.02
C GLY B 235 13.78 -21.90 -13.96
N ARG B 236 14.14 -22.44 -12.78
CA ARG B 236 14.19 -23.88 -12.62
C ARG B 236 12.83 -24.50 -12.88
N TRP B 237 11.76 -23.88 -12.36
CA TRP B 237 10.43 -24.37 -12.67
C TRP B 237 10.12 -24.23 -14.15
N PHE B 238 10.51 -23.10 -14.75
CA PHE B 238 10.25 -22.88 -16.17
C PHE B 238 11.02 -23.85 -17.06
N SER B 239 12.05 -24.51 -16.52
CA SER B 239 12.88 -25.43 -17.28
C SER B 239 12.36 -26.86 -17.27
N ASN B 240 11.19 -27.11 -16.68
CA ASN B 240 10.68 -28.47 -16.60
C ASN B 240 10.33 -29.01 -17.98
N GLU B 241 10.15 -30.33 -18.05
CA GLU B 241 9.84 -31.01 -19.29
C GLU B 241 8.52 -31.75 -19.18
N ARG B 242 7.64 -31.27 -18.32
CA ARG B 242 6.41 -31.99 -18.01
C ARG B 242 5.51 -32.07 -19.24
N PHE B 243 4.85 -33.21 -19.38
CA PHE B 243 3.95 -33.48 -20.51
C PHE B 243 2.55 -33.69 -19.96
N LEU B 244 1.73 -32.64 -20.01
CA LEU B 244 0.34 -32.77 -19.57
C LEU B 244 -0.45 -33.62 -20.55
N GLN B 245 -1.24 -34.30 -20.40
CA GLN B 245 -2.20 -35.35 -20.68
C GLN B 245 -3.62 -34.82 -20.65
N SER B 246 -3.90 -33.73 -20.06
CA SER B 246 -5.25 -33.18 -19.97
C SER B 246 -5.11 -31.69 -19.64
N THR B 247 -5.28 -30.86 -20.67
CA THR B 247 -5.17 -29.41 -20.50
C THR B 247 -6.44 -28.82 -19.89
N HIS C 33 -29.54 6.45 16.59
CA HIS C 33 -29.09 6.57 18.00
C HIS C 33 -27.58 6.35 18.08
N GLY C 34 -26.89 6.29 16.93
CA GLY C 34 -25.43 6.08 16.90
C GLY C 34 -24.71 7.11 17.74
N GLU C 35 -25.26 8.32 17.86
CA GLU C 35 -24.67 9.37 18.71
C GLU C 35 -24.52 8.84 20.13
N LYS C 36 -23.61 9.42 20.93
CA LYS C 36 -23.40 9.00 22.34
C LYS C 36 -22.53 7.73 22.37
N SER C 37 -22.77 6.78 21.46
CA SER C 37 -21.94 5.55 21.39
C SER C 37 -20.52 5.92 20.95
N GLN C 38 -20.38 7.03 20.20
CA GLN C 38 -19.08 7.48 19.76
C GLN C 38 -18.32 8.12 20.91
N ALA C 39 -17.02 8.33 20.71
CA ALA C 39 -16.18 8.90 21.75
C ALA C 39 -16.70 10.27 22.16
N ALA C 40 -16.67 10.55 23.45
CA ALA C 40 -17.21 11.81 23.95
C ALA C 40 -16.43 12.99 23.39
N PHE C 41 -15.10 12.92 23.43
CA PHE C 41 -14.31 14.03 22.92
C PHE C 41 -14.47 14.16 21.41
N MET C 42 -14.58 13.04 20.70
CA MET C 42 -14.76 13.11 19.26
C MET C 42 -16.10 13.73 18.91
N ARG C 43 -17.14 13.43 19.69
CA ARG C 43 -18.43 14.07 19.47
C ARG C 43 -18.37 15.56 19.79
N MET C 44 -17.71 15.93 20.88
CA MET C 44 -17.67 17.34 21.26
C MET C 44 -16.90 18.17 20.24
N ARG C 45 -15.73 17.72 19.82
CA ARG C 45 -14.95 18.49 18.86
C ARG C 45 -14.78 17.72 17.56
N THR C 46 -15.85 17.65 16.78
CA THR C 46 -15.76 17.34 15.36
C THR C 46 -16.51 18.38 14.54
N ILE C 47 -17.80 18.55 14.86
CA ILE C 47 -18.70 19.43 14.13
C ILE C 47 -19.79 19.87 15.10
N HIS C 48 -20.09 21.16 15.08
CA HIS C 48 -21.08 21.75 15.98
C HIS C 48 -22.28 22.23 15.19
N TRP C 49 -23.46 21.74 15.55
CA TRP C 49 -24.71 22.12 14.91
C TRP C 49 -25.47 23.08 15.82
N TYR C 50 -25.88 24.21 15.27
CA TYR C 50 -26.68 25.16 16.04
C TYR C 50 -27.66 25.86 15.10
N ASP C 51 -28.61 26.57 15.71
CA ASP C 51 -29.71 27.21 15.00
C ASP C 51 -30.55 26.20 14.22
N LEU C 52 -30.66 25.00 14.76
CA LEU C 52 -31.46 23.98 14.10
C LEU C 52 -32.94 24.29 14.24
N SER C 53 -33.70 24.08 13.17
CA SER C 53 -35.13 24.31 13.16
C SER C 53 -35.79 23.29 12.27
N TRP C 54 -36.74 22.54 12.82
CA TRP C 54 -37.52 21.57 12.07
C TRP C 54 -38.85 22.20 11.67
N SER C 55 -39.22 22.05 10.40
CA SER C 55 -40.42 22.72 9.90
C SER C 55 -41.67 22.27 10.64
N LYS C 56 -41.82 20.96 10.86
CA LYS C 56 -43.02 20.43 11.50
C LYS C 56 -42.62 19.29 12.43
N GLU C 57 -43.46 19.06 13.42
CA GLU C 57 -43.26 17.97 14.38
C GLU C 57 -44.04 16.72 14.02
N LYS C 58 -45.30 16.87 13.61
CA LYS C 58 -46.14 15.75 13.19
C LYS C 58 -46.65 16.04 11.80
N VAL C 59 -46.45 15.10 10.88
CA VAL C 59 -46.85 15.26 9.49
C VAL C 59 -47.57 14.01 9.03
N LYS C 60 -48.13 14.08 7.83
CA LYS C 60 -48.76 12.95 7.18
C LYS C 60 -47.94 12.55 5.95
N ILE C 61 -48.37 11.47 5.29
CA ILE C 61 -47.64 10.96 4.14
C ILE C 61 -47.65 12.01 3.03
N ASN C 62 -46.55 12.05 2.26
CA ASN C 62 -46.37 12.92 1.11
C ASN C 62 -46.13 14.37 1.52
N GLU C 63 -46.22 14.66 2.81
CA GLU C 63 -45.92 16.01 3.29
C GLU C 63 -44.41 16.19 3.42
N THR C 64 -43.99 17.44 3.38
CA THR C 64 -42.57 17.79 3.39
C THR C 64 -42.17 18.32 4.76
N VAL C 65 -41.05 17.83 5.27
CA VAL C 65 -40.44 18.32 6.50
C VAL C 65 -39.11 18.94 6.14
N GLU C 66 -38.88 20.16 6.61
CA GLU C 66 -37.70 20.93 6.25
C GLU C 66 -36.83 21.14 7.49
N ILE C 67 -35.57 20.76 7.40
CA ILE C 67 -34.61 20.92 8.49
C ILE C 67 -33.60 21.99 8.07
N LYS C 68 -33.52 23.05 8.86
CA LYS C 68 -32.63 24.16 8.60
C LYS C 68 -31.70 24.36 9.79
N GLY C 69 -30.53 24.92 9.53
CA GLY C 69 -29.58 25.18 10.58
C GLY C 69 -28.21 25.46 10.01
N LYS C 70 -27.27 25.66 10.93
CA LYS C 70 -25.88 25.91 10.59
C LYS C 70 -25.00 24.93 11.34
N PHE C 71 -23.99 24.41 10.66
CA PHE C 71 -22.98 23.58 11.29
C PHE C 71 -21.61 24.21 11.09
N HIS C 72 -20.79 24.16 12.13
CA HIS C 72 -19.47 24.78 12.10
C HIS C 72 -18.42 23.68 12.28
N VAL C 73 -17.56 23.53 11.28
CA VAL C 73 -16.49 22.55 11.34
C VAL C 73 -15.42 23.05 12.30
N PHE C 74 -15.15 22.30 13.35
CA PHE C 74 -14.27 22.77 14.41
C PHE C 74 -12.85 22.97 13.89
N GLU C 75 -12.19 24.02 14.38
CA GLU C 75 -10.80 24.26 14.01
C GLU C 75 -9.91 23.13 14.49
N GLY C 76 -10.10 22.67 15.72
CA GLY C 76 -9.31 21.58 16.25
C GLY C 76 -9.83 20.22 15.82
N TRP C 77 -9.91 20.01 14.51
CA TRP C 77 -10.36 18.74 13.99
C TRP C 77 -9.38 17.64 14.42
N PRO C 78 -9.85 16.55 15.01
CA PRO C 78 -8.94 15.52 15.51
C PRO C 78 -8.11 14.90 14.39
N GLU C 79 -6.86 14.57 14.71
CA GLU C 79 -5.97 13.99 13.72
C GLU C 79 -6.42 12.60 13.29
N THR C 80 -6.94 11.81 14.22
CA THR C 80 -7.33 10.44 13.91
C THR C 80 -8.43 10.36 12.86
N VAL C 81 -9.22 11.41 12.69
CA VAL C 81 -10.25 11.47 11.67
C VAL C 81 -9.74 12.31 10.51
N ASP C 82 -9.84 11.78 9.31
CA ASP C 82 -9.36 12.50 8.14
C ASP C 82 -10.18 13.77 7.94
N GLU C 83 -9.53 14.80 7.40
CA GLU C 83 -10.17 16.09 7.25
C GLU C 83 -11.37 15.97 6.31
N PRO C 84 -12.40 16.79 6.49
CA PRO C 84 -13.58 16.70 5.62
C PRO C 84 -13.30 17.27 4.24
N ASP C 85 -12.20 16.85 3.62
CA ASP C 85 -11.92 17.25 2.25
C ASP C 85 -12.95 16.67 1.30
N VAL C 86 -13.57 15.56 1.67
CA VAL C 86 -14.64 14.95 0.89
C VAL C 86 -15.67 14.47 1.92
N ALA C 87 -16.76 15.21 2.04
CA ALA C 87 -17.80 14.91 3.02
C ALA C 87 -19.17 15.00 2.36
N PHE C 88 -20.15 14.38 2.99
CA PHE C 88 -21.50 14.30 2.44
C PHE C 88 -22.50 14.61 3.53
N LEU C 89 -23.43 15.54 3.25
CA LEU C 89 -24.47 15.90 4.19
C LEU C 89 -25.60 14.90 4.09
N ASN C 90 -25.69 13.99 5.04
CA ASN C 90 -26.71 12.96 5.09
C ASN C 90 -27.77 13.35 6.12
N VAL C 91 -28.77 12.49 6.27
CA VAL C 91 -29.76 12.62 7.33
C VAL C 91 -29.98 11.23 7.91
N GLY C 92 -29.94 11.12 9.23
CA GLY C 92 -30.00 9.83 9.88
C GLY C 92 -31.37 9.42 10.36
N MET C 93 -31.98 8.45 9.68
CA MET C 93 -33.23 7.86 10.11
C MET C 93 -33.09 6.34 10.03
N PRO C 94 -33.93 5.60 10.75
CA PRO C 94 -33.90 4.13 10.62
C PRO C 94 -34.50 3.67 9.30
N GLY C 95 -33.73 3.75 8.22
CA GLY C 95 -34.22 3.38 6.91
C GLY C 95 -35.01 4.50 6.27
N PRO C 96 -35.26 4.41 4.98
CA PRO C 96 -35.91 5.52 4.28
C PRO C 96 -37.36 5.71 4.68
N VAL C 97 -37.58 6.09 5.94
CA VAL C 97 -38.91 6.51 6.37
C VAL C 97 -39.21 7.90 5.83
N PHE C 98 -38.18 8.69 5.57
CA PHE C 98 -38.28 9.95 4.87
C PHE C 98 -37.36 9.89 3.66
N ILE C 99 -37.83 10.39 2.52
CA ILE C 99 -36.96 10.52 1.35
C ILE C 99 -36.39 11.92 1.32
N ARG C 100 -35.08 12.02 1.15
CA ARG C 100 -34.39 13.31 1.11
C ARG C 100 -34.68 13.94 -0.25
N LYS C 101 -35.78 14.67 -0.33
CA LYS C 101 -36.16 15.31 -1.58
C LYS C 101 -35.12 16.33 -2.02
N GLU C 102 -34.65 17.16 -1.09
CA GLU C 102 -33.67 18.19 -1.38
C GLU C 102 -32.72 18.34 -0.20
N SER C 103 -31.51 18.79 -0.49
CA SER C 103 -30.54 19.08 0.55
C SER C 103 -29.59 20.15 0.05
N TYR C 104 -29.57 21.29 0.71
CA TYR C 104 -28.75 22.43 0.33
C TYR C 104 -27.82 22.78 1.48
N ILE C 105 -26.59 23.17 1.12
CA ILE C 105 -25.67 23.81 2.05
C ILE C 105 -25.33 25.17 1.46
N GLY C 106 -25.64 26.22 2.19
CA GLY C 106 -25.54 27.54 1.63
C GLY C 106 -26.79 27.87 0.84
N GLY C 107 -26.70 27.81 -0.48
CA GLY C 107 -27.85 28.06 -1.33
C GLY C 107 -27.89 27.14 -2.53
N GLN C 108 -26.94 26.22 -2.59
CA GLN C 108 -26.80 25.31 -3.72
C GLN C 108 -27.06 23.88 -3.29
N LEU C 109 -27.56 23.09 -4.23
CA LEU C 109 -27.86 21.68 -3.95
C LEU C 109 -26.58 20.90 -3.76
N VAL C 110 -26.58 20.02 -2.75
CA VAL C 110 -25.41 19.19 -2.46
C VAL C 110 -25.83 17.74 -2.36
N PRO C 111 -26.18 17.09 -3.48
CA PRO C 111 -26.57 15.69 -3.45
C PRO C 111 -25.41 14.73 -3.51
N ARG C 112 -24.19 15.22 -3.74
CA ARG C 112 -23.00 14.41 -3.83
C ARG C 112 -21.98 14.91 -2.81
N SER C 113 -20.81 14.27 -2.81
CA SER C 113 -19.79 14.60 -1.81
C SER C 113 -19.34 16.05 -1.97
N VAL C 114 -19.06 16.69 -0.85
CA VAL C 114 -18.66 18.09 -0.82
C VAL C 114 -17.39 18.24 0.01
N ARG C 115 -16.69 19.34 -0.22
CA ARG C 115 -15.47 19.66 0.50
C ARG C 115 -15.75 20.76 1.51
N LEU C 116 -15.38 20.51 2.76
CA LEU C 116 -15.57 21.46 3.85
C LEU C 116 -14.22 21.97 4.30
N GLU C 117 -14.15 23.26 4.65
CA GLU C 117 -12.93 23.86 5.14
C GLU C 117 -12.95 23.89 6.67
N ILE C 118 -11.79 23.62 7.26
CA ILE C 118 -11.68 23.56 8.71
C ILE C 118 -11.84 24.95 9.29
N GLY C 119 -12.76 25.10 10.23
CA GLY C 119 -13.01 26.37 10.88
C GLY C 119 -14.12 27.20 10.29
N LYS C 120 -14.52 26.93 9.05
CA LYS C 120 -15.58 27.68 8.42
C LYS C 120 -16.94 27.24 8.96
N THR C 121 -17.91 28.13 8.85
CA THR C 121 -19.28 27.87 9.25
C THR C 121 -20.17 27.85 8.02
N TYR C 122 -20.95 26.77 7.87
CA TYR C 122 -21.86 26.61 6.76
C TYR C 122 -23.29 26.53 7.30
N ASP C 123 -24.24 26.90 6.46
CA ASP C 123 -25.66 26.75 6.77
C ASP C 123 -26.27 25.74 5.81
N PHE C 124 -26.98 24.77 6.35
CA PHE C 124 -27.54 23.68 5.56
C PHE C 124 -29.06 23.71 5.63
N ARG C 125 -29.69 23.06 4.64
CA ARG C 125 -31.14 23.00 4.57
C ARG C 125 -31.53 21.73 3.85
N VAL C 126 -32.24 20.84 4.54
CA VAL C 126 -32.64 19.55 3.99
C VAL C 126 -34.16 19.47 3.97
N VAL C 127 -34.71 19.08 2.83
CA VAL C 127 -36.15 18.89 2.67
C VAL C 127 -36.44 17.40 2.66
N LEU C 128 -37.26 16.96 3.60
CA LEU C 128 -37.60 15.55 3.75
C LEU C 128 -39.09 15.36 3.47
N LYS C 129 -39.42 14.31 2.74
CA LYS C 129 -40.79 13.97 2.41
C LYS C 129 -41.19 12.71 3.15
N ALA C 130 -42.30 12.77 3.87
CA ALA C 130 -42.73 11.64 4.70
C ALA C 130 -43.11 10.45 3.84
N ARG C 131 -42.66 9.26 4.25
CA ARG C 131 -42.92 8.05 3.49
C ARG C 131 -43.52 6.92 4.32
N ARG C 132 -43.09 6.76 5.56
CA ARG C 132 -43.55 5.66 6.39
C ARG C 132 -44.19 6.17 7.67
N PRO C 133 -45.42 5.75 7.98
CA PRO C 133 -46.05 6.19 9.23
C PRO C 133 -45.34 5.63 10.45
N GLY C 134 -45.41 6.38 11.54
CA GLY C 134 -44.82 6.01 12.81
C GLY C 134 -44.05 7.15 13.41
N ASP C 135 -43.31 6.85 14.46
CA ASP C 135 -42.45 7.81 15.14
C ASP C 135 -41.01 7.57 14.72
N TRP C 136 -40.33 8.62 14.27
CA TRP C 136 -38.94 8.46 13.77
C TRP C 136 -38.00 9.56 14.30
N HIS C 137 -36.69 9.37 14.12
CA HIS C 137 -35.69 10.41 14.52
C HIS C 137 -35.37 11.25 13.29
N VAL C 138 -34.28 12.02 13.32
CA VAL C 138 -33.84 12.78 12.10
C VAL C 138 -32.32 12.92 12.15
N HIS C 139 -31.76 13.33 13.29
CA HIS C 139 -30.28 13.42 13.44
C HIS C 139 -29.66 14.36 12.41
N THR C 140 -29.41 15.61 12.77
CA THR C 140 -28.66 16.49 11.83
C THR C 140 -27.23 15.96 11.79
N MET C 141 -27.00 14.86 11.07
CA MET C 141 -25.67 14.20 11.08
C MET C 141 -24.95 14.41 9.75
N MET C 142 -23.79 13.76 9.58
CA MET C 142 -23.00 13.89 8.32
C MET C 142 -22.03 12.72 8.20
N ASN C 143 -21.29 12.65 7.09
CA ASN C 143 -20.34 11.58 6.86
C ASN C 143 -19.09 12.14 6.22
N VAL C 144 -17.92 11.81 6.78
CA VAL C 144 -16.65 12.30 6.28
C VAL C 144 -15.86 11.14 5.71
N GLN C 145 -14.87 11.47 4.88
CA GLN C 145 -14.19 10.46 4.06
C GLN C 145 -13.51 9.40 4.91
N GLY C 146 -12.80 9.81 5.95
CA GLY C 146 -12.03 8.87 6.73
C GLY C 146 -12.47 8.74 8.18
N GLY C 147 -13.69 9.16 8.47
CA GLY C 147 -14.17 9.10 9.84
C GLY C 147 -15.55 8.48 9.97
N GLY C 148 -16.24 8.30 8.86
CA GLY C 148 -17.57 7.76 8.88
C GLY C 148 -18.57 8.73 9.47
N PRO C 149 -19.62 8.21 10.09
CA PRO C 149 -20.73 9.07 10.51
C PRO C 149 -20.36 10.03 11.63
N ILE C 150 -21.00 11.20 11.59
CA ILE C 150 -20.90 12.20 12.65
C ILE C 150 -22.33 12.62 12.95
N ILE C 151 -22.94 11.99 13.96
CA ILE C 151 -24.36 12.17 14.24
C ILE C 151 -24.55 13.49 14.97
N GLY C 152 -25.48 14.31 14.47
CA GLY C 152 -25.88 15.51 15.15
C GLY C 152 -27.14 15.28 15.96
N PRO C 153 -27.61 16.32 16.66
CA PRO C 153 -28.82 16.18 17.46
C PRO C 153 -30.02 15.85 16.58
N GLY C 154 -30.90 15.02 17.11
CA GLY C 154 -32.07 14.57 16.37
C GLY C 154 -33.35 14.80 17.15
N LYS C 155 -34.43 14.98 16.39
CA LYS C 155 -35.74 15.31 16.94
C LYS C 155 -36.75 14.28 16.51
N TRP C 156 -37.63 13.88 17.44
CA TRP C 156 -38.68 12.92 17.12
C TRP C 156 -39.72 13.56 16.22
N ILE C 157 -40.04 12.88 15.12
CA ILE C 157 -41.05 13.34 14.17
C ILE C 157 -42.07 12.22 13.97
N THR C 158 -43.34 12.55 14.15
CA THR C 158 -44.42 11.58 14.03
C THR C 158 -45.04 11.69 12.63
N VAL C 159 -45.22 10.55 11.98
CA VAL C 159 -45.83 10.47 10.66
C VAL C 159 -47.10 9.65 10.75
N GLU C 160 -48.18 10.18 10.18
CA GLU C 160 -49.47 9.50 10.18
C GLU C 160 -49.90 9.21 8.75
N GLY C 161 -50.69 8.16 8.59
CA GLY C 161 -51.18 7.78 7.28
C GLY C 161 -50.90 6.33 6.94
N SER C 162 -50.72 6.04 5.66
CA SER C 162 -50.38 4.70 5.20
C SER C 162 -49.35 4.79 4.09
N MET C 163 -48.49 3.77 4.01
CA MET C 163 -47.45 3.77 3.00
C MET C 163 -48.01 3.69 1.59
N SER C 164 -49.20 3.10 1.43
CA SER C 164 -49.77 2.94 0.09
C SER C 164 -50.04 4.28 -0.57
N GLU C 165 -50.27 5.33 0.22
CA GLU C 165 -50.56 6.65 -0.35
C GLU C 165 -49.31 7.38 -0.81
N PHE C 166 -48.12 6.90 -0.44
CA PHE C 166 -46.90 7.61 -0.77
C PHE C 166 -46.65 7.60 -2.27
N ARG C 167 -46.12 8.71 -2.78
CA ARG C 167 -45.80 8.85 -4.18
C ARG C 167 -44.54 9.69 -4.32
N ASN C 168 -43.65 9.27 -5.23
CA ASN C 168 -42.39 9.97 -5.50
C ASN C 168 -42.24 10.16 -7.01
N PRO C 169 -43.06 11.00 -7.62
CA PRO C 169 -42.94 11.20 -9.06
C PRO C 169 -41.69 12.01 -9.41
N VAL C 170 -41.20 11.79 -10.62
CA VAL C 170 -40.08 12.55 -11.15
C VAL C 170 -40.20 12.56 -12.66
N THR C 171 -39.79 13.68 -13.27
CA THR C 171 -39.90 13.88 -14.71
C THR C 171 -38.51 13.86 -15.31
N THR C 172 -38.29 12.95 -16.24
CA THR C 172 -36.99 12.84 -16.89
C THR C 172 -36.85 13.91 -17.97
N LEU C 173 -35.61 14.13 -18.40
CA LEU C 173 -35.36 15.05 -19.51
C LEU C 173 -35.86 14.50 -20.84
N THR C 174 -36.16 13.20 -20.91
CA THR C 174 -36.71 12.65 -22.14
C THR C 174 -38.17 13.07 -22.34
N GLY C 175 -38.89 13.28 -21.24
CA GLY C 175 -40.24 13.81 -21.35
C GLY C 175 -41.35 12.92 -20.83
N GLN C 176 -41.06 12.09 -19.83
CA GLN C 176 -42.08 11.25 -19.21
C GLN C 176 -41.97 11.37 -17.70
N THR C 177 -43.12 11.21 -17.04
CA THR C 177 -43.20 11.25 -15.58
C THR C 177 -43.27 9.82 -15.07
N VAL C 178 -42.34 9.47 -14.18
CA VAL C 178 -42.24 8.11 -13.66
C VAL C 178 -42.28 8.16 -12.14
N ASP C 179 -42.75 7.07 -11.54
CA ASP C 179 -42.85 6.95 -10.10
C ASP C 179 -41.69 6.08 -9.60
N LEU C 180 -40.79 6.67 -8.83
CA LEU C 180 -39.62 5.94 -8.34
C LEU C 180 -39.97 4.83 -7.38
N GLU C 181 -41.19 4.79 -6.87
CA GLU C 181 -41.58 3.70 -5.97
C GLU C 181 -41.73 2.39 -6.72
N ASN C 182 -42.10 2.44 -8.01
CA ASN C 182 -42.31 1.23 -8.79
C ASN C 182 -41.73 1.33 -10.21
N TYR C 183 -40.87 2.30 -10.46
CA TYR C 183 -40.24 2.40 -11.76
C TYR C 183 -39.20 1.30 -11.93
N ASN C 184 -39.22 0.65 -13.09
CA ASN C 184 -38.27 -0.39 -13.49
C ASN C 184 -38.37 -1.66 -12.63
N GLU C 185 -39.28 -1.71 -11.66
CA GLU C 185 -39.41 -2.91 -10.85
C GLU C 185 -39.88 -4.10 -11.69
N GLY C 186 -40.83 -3.86 -12.59
CA GLY C 186 -41.29 -4.94 -13.45
C GLY C 186 -40.20 -5.48 -14.35
N ASN C 187 -39.42 -4.59 -14.96
CA ASN C 187 -38.33 -5.03 -15.81
C ASN C 187 -37.27 -5.77 -15.01
N THR C 188 -36.96 -5.29 -13.81
CA THR C 188 -35.99 -5.96 -12.96
C THR C 188 -36.44 -7.38 -12.64
N TYR C 189 -37.68 -7.53 -12.18
CA TYR C 189 -38.22 -8.86 -11.91
C TYR C 189 -38.19 -9.74 -13.15
N PHE C 190 -38.61 -9.20 -14.29
CA PHE C 190 -38.68 -10.00 -15.50
C PHE C 190 -37.30 -10.54 -15.88
N TRP C 191 -36.30 -9.66 -15.91
CA TRP C 191 -34.98 -10.11 -16.36
C TRP C 191 -34.33 -11.03 -15.34
N HIS C 192 -34.43 -10.71 -14.06
CA HIS C 192 -33.81 -11.58 -13.05
C HIS C 192 -34.48 -12.94 -13.03
N ALA C 193 -35.81 -12.99 -13.10
CA ALA C 193 -36.52 -14.26 -13.13
C ALA C 193 -36.19 -15.04 -14.39
N PHE C 194 -36.04 -14.36 -15.52
CA PHE C 194 -35.71 -15.04 -16.76
C PHE C 194 -34.35 -15.71 -16.67
N TRP C 195 -33.35 -14.99 -16.16
CA TRP C 195 -32.02 -15.57 -16.05
C TRP C 195 -31.97 -16.69 -15.01
N PHE C 196 -32.68 -16.52 -13.89
CA PHE C 196 -32.76 -17.59 -12.92
C PHE C 196 -33.45 -18.81 -13.49
N ALA C 197 -34.48 -18.60 -14.31
CA ALA C 197 -35.17 -19.71 -14.96
C ALA C 197 -34.26 -20.43 -15.94
N ILE C 198 -33.44 -19.70 -16.69
CA ILE C 198 -32.49 -20.34 -17.60
C ILE C 198 -31.49 -21.17 -16.81
N GLY C 199 -30.95 -20.61 -15.73
CA GLY C 199 -30.02 -21.37 -14.91
C GLY C 199 -30.64 -22.63 -14.32
N VAL C 200 -31.86 -22.51 -13.80
CA VAL C 200 -32.55 -23.65 -13.22
C VAL C 200 -32.88 -24.68 -14.29
N ALA C 201 -33.23 -24.23 -15.49
CA ALA C 201 -33.51 -25.15 -16.58
C ALA C 201 -32.27 -25.95 -16.96
N TRP C 202 -31.12 -25.28 -17.03
CA TRP C 202 -29.87 -25.97 -17.32
C TRP C 202 -29.53 -26.99 -16.24
N ILE C 203 -29.63 -26.57 -14.97
CA ILE C 203 -29.28 -27.48 -13.88
C ILE C 203 -30.24 -28.65 -13.82
N GLY C 204 -31.53 -28.43 -14.10
CA GLY C 204 -32.47 -29.52 -14.14
C GLY C 204 -32.25 -30.46 -15.30
N TYR C 205 -31.88 -29.90 -16.46
CA TYR C 205 -31.54 -30.72 -17.61
C TYR C 205 -30.40 -31.66 -17.29
N TRP C 206 -29.39 -31.18 -16.58
CA TRP C 206 -28.31 -32.08 -16.21
C TRP C 206 -28.55 -32.80 -14.89
N SER C 207 -29.68 -32.54 -14.22
CA SER C 207 -30.02 -33.24 -12.99
C SER C 207 -31.10 -34.30 -13.14
N ARG C 208 -31.75 -34.41 -14.30
CA ARG C 208 -32.75 -35.46 -14.45
C ARG C 208 -32.10 -36.84 -14.35
N ARG C 209 -30.93 -37.01 -14.96
CA ARG C 209 -30.20 -38.25 -14.85
C ARG C 209 -29.59 -38.38 -13.46
N PRO C 210 -29.22 -39.59 -13.05
CA PRO C 210 -28.52 -39.76 -11.77
C PRO C 210 -27.24 -38.93 -11.75
N ILE C 211 -26.95 -38.35 -10.58
CA ILE C 211 -26.04 -37.21 -10.53
C ILE C 211 -24.66 -37.57 -10.01
N PHE C 212 -24.57 -37.97 -8.74
CA PHE C 212 -23.29 -37.94 -8.04
C PHE C 212 -22.56 -39.28 -8.05
N ILE C 213 -23.13 -40.32 -7.46
CA ILE C 213 -22.40 -41.56 -7.22
C ILE C 213 -22.17 -42.34 -8.51
N PRO C 214 -23.20 -42.62 -9.32
CA PRO C 214 -22.91 -43.35 -10.57
C PRO C 214 -21.94 -42.62 -11.49
N ARG C 215 -22.06 -41.29 -11.60
CA ARG C 215 -21.15 -40.55 -12.46
C ARG C 215 -19.73 -40.55 -11.91
N LEU C 216 -19.59 -40.40 -10.59
CA LEU C 216 -18.27 -40.47 -9.99
C LEU C 216 -17.63 -41.84 -10.21
N LEU C 217 -18.42 -42.91 -10.03
CA LEU C 217 -17.88 -44.25 -10.24
C LEU C 217 -17.50 -44.47 -11.70
N MET C 218 -18.32 -43.99 -12.63
CA MET C 218 -18.00 -44.16 -14.05
C MET C 218 -16.75 -43.39 -14.43
N VAL C 219 -16.57 -42.17 -13.89
CA VAL C 219 -15.41 -41.40 -14.26
C VAL C 219 -14.15 -41.90 -13.57
N ASP C 220 -14.29 -42.54 -12.40
CA ASP C 220 -13.12 -43.10 -11.74
C ASP C 220 -12.70 -44.42 -12.36
N ALA C 221 -13.65 -45.31 -12.64
CA ALA C 221 -13.38 -46.62 -13.21
C ALA C 221 -13.07 -46.44 -14.69
N GLY C 222 -11.85 -46.01 -14.97
CA GLY C 222 -11.41 -45.82 -16.33
C GLY C 222 -12.08 -44.61 -16.97
N ARG C 223 -11.84 -44.47 -18.26
CA ARG C 223 -12.46 -43.39 -19.02
C ARG C 223 -13.96 -43.57 -19.08
N ALA C 224 -14.70 -42.49 -18.79
CA ALA C 224 -16.15 -42.55 -18.91
C ALA C 224 -16.59 -42.35 -20.36
N ASP C 225 -16.34 -41.15 -20.90
CA ASP C 225 -16.63 -40.80 -22.30
C ASP C 225 -18.06 -41.14 -22.70
N GLU C 226 -18.94 -41.33 -21.71
CA GLU C 226 -20.33 -41.66 -21.94
C GLU C 226 -21.30 -40.78 -21.19
N LEU C 227 -20.86 -40.09 -20.14
CA LEU C 227 -21.70 -39.15 -19.42
C LEU C 227 -21.97 -37.87 -20.22
N VAL C 228 -21.03 -37.46 -21.06
CA VAL C 228 -21.17 -36.29 -21.91
C VAL C 228 -21.06 -36.76 -23.36
N SER C 229 -22.15 -36.67 -24.11
CA SER C 229 -22.17 -37.10 -25.49
C SER C 229 -23.39 -36.49 -26.16
N ALA C 230 -23.44 -36.61 -27.49
CA ALA C 230 -24.59 -36.13 -28.23
C ALA C 230 -25.87 -36.79 -27.73
N THR C 231 -26.93 -36.00 -27.60
CA THR C 231 -26.93 -34.61 -28.05
C THR C 231 -26.79 -33.61 -26.91
N ASP C 232 -26.12 -34.01 -25.83
CA ASP C 232 -25.86 -33.06 -24.74
C ASP C 232 -24.96 -31.94 -25.20
N ARG C 233 -23.92 -32.26 -25.99
CA ARG C 233 -23.06 -31.21 -26.53
C ARG C 233 -23.85 -30.28 -27.45
N LYS C 234 -24.75 -30.85 -28.27
CA LYS C 234 -25.55 -30.02 -29.15
C LYS C 234 -26.47 -29.09 -28.37
N VAL C 235 -27.12 -29.62 -27.32
CA VAL C 235 -28.03 -28.78 -26.55
C VAL C 235 -27.26 -27.74 -25.75
N ALA C 236 -26.01 -28.04 -25.36
CA ALA C 236 -25.23 -27.03 -24.65
C ALA C 236 -24.72 -25.95 -25.60
N MET C 237 -24.37 -26.32 -26.83
CA MET C 237 -24.13 -25.30 -27.84
C MET C 237 -25.37 -24.44 -28.05
N GLY C 238 -26.55 -25.06 -28.02
CA GLY C 238 -27.78 -24.31 -28.09
C GLY C 238 -27.93 -23.35 -26.93
N PHE C 239 -27.62 -23.80 -25.71
CA PHE C 239 -27.68 -22.93 -24.54
C PHE C 239 -26.73 -21.75 -24.67
N LEU C 240 -25.49 -22.01 -25.08
CA LEU C 240 -24.51 -20.94 -25.19
C LEU C 240 -24.92 -19.93 -26.26
N ALA C 241 -25.32 -20.42 -27.43
CA ALA C 241 -25.74 -19.52 -28.50
C ALA C 241 -26.97 -18.73 -28.09
N ALA C 242 -27.93 -19.39 -27.42
CA ALA C 242 -29.13 -18.70 -26.97
C ALA C 242 -28.79 -17.62 -25.95
N THR C 243 -27.89 -17.92 -25.02
CA THR C 243 -27.50 -16.92 -24.03
C THR C 243 -26.86 -15.72 -24.67
N ILE C 244 -25.89 -15.94 -25.56
CA ILE C 244 -25.21 -14.82 -26.20
C ILE C 244 -26.17 -14.01 -27.05
N LEU C 245 -27.01 -14.70 -27.85
CA LEU C 245 -27.94 -14.00 -28.71
C LEU C 245 -28.98 -13.23 -27.91
N ILE C 246 -29.46 -13.81 -26.80
CA ILE C 246 -30.44 -13.14 -25.97
C ILE C 246 -29.82 -11.89 -25.34
N VAL C 247 -28.57 -12.00 -24.86
CA VAL C 247 -27.91 -10.84 -24.29
C VAL C 247 -27.76 -9.75 -25.33
N VAL C 248 -27.34 -10.10 -26.54
CA VAL C 248 -27.13 -9.09 -27.58
C VAL C 248 -28.46 -8.44 -27.97
N MET C 249 -29.51 -9.24 -28.16
CA MET C 249 -30.80 -8.69 -28.53
C MET C 249 -31.39 -7.83 -27.42
N ALA C 250 -31.22 -8.24 -26.17
CA ALA C 250 -31.72 -7.44 -25.06
C ALA C 250 -30.96 -6.13 -24.95
N MET C 251 -29.64 -6.15 -25.17
CA MET C 251 -28.88 -4.92 -25.20
C MET C 251 -29.34 -4.00 -26.32
N SER C 252 -29.61 -4.56 -27.50
CA SER C 252 -30.09 -3.76 -28.61
C SER C 252 -31.46 -3.16 -28.30
N SER C 253 -32.34 -3.94 -27.68
CA SER C 253 -33.66 -3.42 -27.31
C SER C 253 -33.55 -2.32 -26.27
N ALA C 254 -32.68 -2.49 -25.27
CA ALA C 254 -32.44 -1.45 -24.29
C ALA C 254 -31.67 -0.28 -24.85
N ASN C 255 -31.12 -0.40 -26.07
CA ASN C 255 -30.57 0.74 -26.77
C ASN C 255 -31.55 1.37 -27.74
N SER C 256 -32.58 0.63 -28.14
CA SER C 256 -33.67 1.22 -28.92
C SER C 256 -34.65 1.95 -28.01
N LYS C 257 -35.26 1.22 -27.08
CA LYS C 257 -35.96 1.86 -25.98
C LYS C 257 -34.94 2.52 -25.06
N TYR C 258 -35.31 3.65 -24.49
CA TYR C 258 -34.38 4.51 -23.74
C TYR C 258 -33.15 4.84 -24.58
N PRO C 259 -33.32 5.51 -25.73
CA PRO C 259 -32.15 5.80 -26.58
C PRO C 259 -31.23 6.85 -26.00
N ILE C 260 -31.70 7.66 -25.06
CA ILE C 260 -30.88 8.70 -24.43
C ILE C 260 -30.58 8.25 -23.01
N THR C 261 -29.30 8.00 -22.74
CA THR C 261 -28.83 7.63 -21.41
C THR C 261 -27.56 8.39 -21.09
N ILE C 262 -27.33 8.62 -19.80
CA ILE C 262 -26.12 9.30 -19.34
C ILE C 262 -25.48 8.45 -18.25
N PRO C 263 -24.17 8.52 -18.06
CA PRO C 263 -23.54 7.80 -16.95
C PRO C 263 -23.97 8.36 -15.61
N LEU C 264 -23.62 7.63 -14.55
CA LEU C 264 -23.97 8.07 -13.22
C LEU C 264 -23.14 9.29 -12.83
N GLN C 265 -23.82 10.32 -12.33
CA GLN C 265 -23.16 11.58 -12.01
C GLN C 265 -22.51 11.49 -10.63
N ALA C 266 -21.24 11.85 -10.55
CA ALA C 266 -20.53 11.81 -9.28
C ALA C 266 -19.33 12.75 -9.36
N GLY C 267 -18.76 13.06 -8.21
CA GLY C 267 -17.62 13.94 -8.13
C GLY C 267 -17.78 14.99 -7.04
N THR C 268 -16.78 15.14 -6.19
CA THR C 268 -16.89 16.07 -5.07
C THR C 268 -17.05 17.50 -5.57
N MET C 269 -18.01 18.22 -4.99
CA MET C 269 -18.25 19.62 -5.33
C MET C 269 -17.41 20.51 -4.44
N ARG C 270 -16.55 21.31 -5.05
CA ARG C 270 -15.72 22.27 -4.35
C ARG C 270 -16.28 23.67 -4.55
N GLY C 271 -15.53 24.66 -4.09
CA GLY C 271 -15.94 26.05 -4.22
C GLY C 271 -17.24 26.33 -3.48
N MET C 272 -17.32 25.83 -2.25
CA MET C 272 -18.56 25.75 -1.53
C MET C 272 -18.65 26.89 -0.53
N LYS C 273 -19.78 27.59 -0.52
CA LYS C 273 -19.89 28.87 0.16
C LYS C 273 -20.08 28.68 1.65
N PRO C 274 -19.23 29.25 2.49
CA PRO C 274 -19.50 29.30 3.92
C PRO C 274 -20.18 30.62 4.32
N LEU C 275 -20.65 30.66 5.55
CA LEU C 275 -21.22 31.89 6.10
C LEU C 275 -20.12 32.88 6.43
N GLU C 276 -20.37 34.15 6.13
CA GLU C 276 -19.45 35.23 6.47
C GLU C 276 -19.88 35.82 7.81
N LEU C 277 -19.59 35.08 8.87
CA LEU C 277 -19.94 35.53 10.21
C LEU C 277 -19.11 36.75 10.58
N PRO C 278 -19.70 37.76 11.21
CA PRO C 278 -18.92 38.90 11.70
C PRO C 278 -17.95 38.45 12.78
N ALA C 279 -16.82 39.13 12.85
CA ALA C 279 -15.81 38.80 13.85
C ALA C 279 -16.37 39.01 15.25
N PRO C 280 -16.31 38.01 16.12
CA PRO C 280 -16.90 38.16 17.45
C PRO C 280 -16.21 39.26 18.24
N THR C 281 -17.00 40.00 19.02
CA THR C 281 -16.48 41.04 19.90
C THR C 281 -16.23 40.53 21.30
N VAL C 282 -16.42 39.24 21.54
CA VAL C 282 -16.25 38.64 22.86
C VAL C 282 -15.10 37.66 22.80
N SER C 283 -14.12 37.84 23.70
CA SER C 283 -12.97 36.95 23.79
C SER C 283 -13.06 36.20 25.12
N VAL C 284 -13.10 34.87 25.04
CA VAL C 284 -13.19 34.01 26.21
C VAL C 284 -12.00 33.08 26.21
N LYS C 285 -11.25 33.06 27.32
CA LYS C 285 -10.13 32.16 27.50
C LYS C 285 -10.40 31.31 28.73
N VAL C 286 -10.26 29.99 28.59
CA VAL C 286 -10.65 29.05 29.62
C VAL C 286 -9.44 28.72 30.47
N GLU C 287 -9.55 28.97 31.78
CA GLU C 287 -8.55 28.55 32.76
C GLU C 287 -9.13 27.31 33.46
N ASP C 288 -8.67 26.15 33.01
CA ASP C 288 -9.00 24.80 33.49
C ASP C 288 -10.48 24.48 33.35
N ALA C 289 -10.81 23.18 33.38
CA ALA C 289 -12.19 22.73 33.32
C ALA C 289 -12.25 21.36 33.96
N THR C 290 -13.29 21.14 34.78
CA THR C 290 -13.40 19.93 35.56
C THR C 290 -14.80 19.35 35.45
N TYR C 291 -14.91 18.05 35.70
CA TYR C 291 -16.19 17.37 35.74
C TYR C 291 -16.13 16.25 36.78
N ARG C 292 -17.18 16.15 37.57
CA ARG C 292 -17.22 15.19 38.67
C ARG C 292 -17.38 13.77 38.14
N VAL C 293 -16.57 12.86 38.66
CA VAL C 293 -16.63 11.46 38.26
C VAL C 293 -16.88 10.60 39.49
N PRO C 294 -18.07 10.00 39.63
CA PRO C 294 -19.20 10.16 38.71
C PRO C 294 -19.99 11.43 38.97
N GLY C 295 -20.66 11.94 37.95
CA GLY C 295 -21.45 13.14 38.11
C GLY C 295 -22.12 13.51 36.81
N ARG C 296 -22.94 14.55 36.88
CA ARG C 296 -23.66 15.06 35.72
C ARG C 296 -23.34 16.52 35.44
N ALA C 297 -22.32 17.08 36.08
CA ALA C 297 -21.99 18.49 35.98
C ALA C 297 -20.60 18.67 35.40
N MET C 298 -20.42 19.77 34.67
CA MET C 298 -19.13 20.16 34.10
C MET C 298 -18.83 21.57 34.56
N ARG C 299 -17.78 21.72 35.36
CA ARG C 299 -17.40 23.00 35.93
C ARG C 299 -16.17 23.55 35.22
N MET C 300 -16.22 24.82 34.85
CA MET C 300 -15.12 25.44 34.14
C MET C 300 -15.06 26.93 34.48
N LYS C 301 -13.86 27.49 34.38
CA LYS C 301 -13.59 28.88 34.74
C LYS C 301 -13.32 29.68 33.47
N LEU C 302 -13.96 30.85 33.36
CA LEU C 302 -13.92 31.65 32.15
C LEU C 302 -13.42 33.05 32.46
N THR C 303 -12.79 33.67 31.47
CA THR C 303 -12.37 35.08 31.54
C THR C 303 -12.94 35.76 30.29
N ILE C 304 -14.16 36.26 30.41
CA ILE C 304 -14.84 36.90 29.28
C ILE C 304 -14.31 38.32 29.11
N THR C 305 -13.89 38.63 27.89
CA THR C 305 -13.51 39.98 27.50
C THR C 305 -14.60 40.56 26.63
N ASN C 306 -15.10 41.74 26.99
CA ASN C 306 -16.20 42.38 26.32
C ASN C 306 -15.70 43.52 25.45
N HIS C 307 -16.17 43.59 24.21
CA HIS C 307 -15.92 44.71 23.33
C HIS C 307 -17.25 45.21 22.77
N GLY C 308 -17.17 46.19 21.88
CA GLY C 308 -18.38 46.81 21.37
C GLY C 308 -18.91 47.86 22.34
N ASN C 309 -20.21 48.08 22.28
CA ASN C 309 -20.86 49.08 23.13
C ASN C 309 -22.17 48.55 23.67
N SER C 310 -22.18 47.28 24.09
CA SER C 310 -23.38 46.68 24.63
C SER C 310 -23.04 45.79 25.82
N PRO C 311 -23.92 45.71 26.82
CA PRO C 311 -23.68 44.79 27.94
C PRO C 311 -24.15 43.38 27.62
N ILE C 312 -23.24 42.42 27.64
CA ILE C 312 -23.54 41.06 27.21
C ILE C 312 -23.73 40.17 28.43
N ARG C 313 -24.41 39.05 28.22
CA ARG C 313 -24.59 38.03 29.23
C ARG C 313 -24.49 36.66 28.59
N LEU C 314 -23.75 35.75 29.22
CA LEU C 314 -23.61 34.40 28.70
C LEU C 314 -24.94 33.67 28.83
N GLY C 315 -25.40 33.08 27.74
CA GLY C 315 -26.74 32.55 27.71
C GLY C 315 -26.87 31.06 27.43
N GLU C 316 -25.91 30.48 26.71
CA GLU C 316 -26.02 29.10 26.30
C GLU C 316 -24.63 28.51 26.10
N PHE C 317 -24.47 27.26 26.50
CA PHE C 317 -23.21 26.52 26.31
C PHE C 317 -23.53 25.22 25.58
N TYR C 318 -23.20 25.18 24.30
CA TYR C 318 -23.42 24.01 23.45
C TYR C 318 -22.13 23.20 23.37
N THR C 319 -22.16 21.97 23.90
CA THR C 319 -20.95 21.15 23.94
C THR C 319 -20.97 20.02 22.93
N ALA C 320 -21.94 19.10 23.00
CA ALA C 320 -22.07 18.05 21.98
C ALA C 320 -23.54 17.68 21.93
N SER C 321 -24.27 18.29 20.99
CA SER C 321 -25.70 18.09 20.81
C SER C 321 -26.51 18.40 22.06
N VAL C 322 -25.89 18.99 23.08
CA VAL C 322 -26.56 19.31 24.33
C VAL C 322 -26.47 20.82 24.54
N ARG C 323 -27.61 21.46 24.76
CA ARG C 323 -27.69 22.91 24.93
C ARG C 323 -27.96 23.20 26.40
N PHE C 324 -26.95 23.73 27.08
CA PHE C 324 -27.11 24.20 28.46
C PHE C 324 -27.50 25.67 28.42
N LEU C 325 -28.72 25.96 28.88
CA LEU C 325 -29.27 27.31 28.82
C LEU C 325 -29.48 27.85 30.22
N ASP C 326 -29.36 29.16 30.34
CA ASP C 326 -29.69 29.88 31.57
C ASP C 326 -31.03 30.57 31.37
N SER C 327 -32.02 30.17 32.16
CA SER C 327 -33.39 30.66 31.95
C SER C 327 -33.49 32.16 32.19
N ASP C 328 -32.66 32.71 33.08
CA ASP C 328 -32.73 34.12 33.41
C ASP C 328 -32.29 35.03 32.27
N VAL C 329 -31.58 34.50 31.27
CA VAL C 329 -31.05 35.29 30.18
C VAL C 329 -31.61 34.86 28.82
N TYR C 330 -31.82 33.56 28.62
CA TYR C 330 -32.28 33.09 27.32
C TYR C 330 -33.17 31.88 27.51
N LYS C 331 -34.21 31.79 26.66
CA LYS C 331 -35.13 30.67 26.64
C LYS C 331 -35.30 30.19 25.22
N ASP C 332 -35.32 28.88 25.02
CA ASP C 332 -35.42 28.31 23.69
C ASP C 332 -36.88 28.27 23.24
N THR C 333 -37.12 28.69 21.99
CA THR C 333 -38.45 28.66 21.39
C THR C 333 -38.45 27.98 20.03
N THR C 334 -37.39 27.23 19.71
CA THR C 334 -37.26 26.58 18.41
C THR C 334 -37.71 25.13 18.44
N GLY C 335 -38.30 24.68 19.53
CA GLY C 335 -38.71 23.29 19.64
C GLY C 335 -37.55 22.31 19.67
N TYR C 336 -36.46 22.68 20.34
CA TYR C 336 -35.32 21.78 20.47
C TYR C 336 -35.72 20.57 21.31
N PRO C 337 -35.13 19.41 21.03
CA PRO C 337 -35.51 18.20 21.77
C PRO C 337 -35.33 18.37 23.28
N GLU C 338 -36.30 17.83 24.03
CA GLU C 338 -36.31 18.03 25.48
C GLU C 338 -35.13 17.38 26.15
N ASP C 339 -34.75 16.17 25.72
CA ASP C 339 -33.64 15.47 26.34
C ASP C 339 -32.31 16.17 26.12
N LEU C 340 -32.19 17.00 25.09
CA LEU C 340 -30.97 17.74 24.81
C LEU C 340 -31.06 19.20 25.22
N LEU C 341 -32.10 19.59 25.94
CA LEU C 341 -32.31 20.97 26.35
C LEU C 341 -32.18 21.08 27.86
N ALA C 342 -31.35 22.00 28.32
CA ALA C 342 -31.18 22.28 29.74
C ALA C 342 -31.69 23.71 29.98
N GLU C 343 -32.96 23.82 30.34
CA GLU C 343 -33.57 25.13 30.52
C GLU C 343 -32.88 25.92 31.63
N ASP C 344 -32.55 25.25 32.74
CA ASP C 344 -31.81 25.88 33.83
C ASP C 344 -30.54 25.11 34.16
N GLY C 345 -30.04 24.30 33.23
CA GLY C 345 -28.87 23.49 33.47
C GLY C 345 -27.55 24.23 33.43
N LEU C 346 -27.56 25.47 32.93
CA LEU C 346 -26.35 26.29 32.86
C LEU C 346 -26.41 27.32 33.98
N SER C 347 -25.52 27.19 34.96
CA SER C 347 -25.46 28.08 36.10
C SER C 347 -24.14 28.86 36.07
N VAL C 348 -24.24 30.17 36.19
CA VAL C 348 -23.08 31.06 36.20
C VAL C 348 -23.07 31.78 37.53
N SER C 349 -21.92 31.76 38.21
CA SER C 349 -21.84 32.33 39.55
C SER C 349 -22.12 33.83 39.54
N ASP C 350 -21.59 34.54 38.55
CA ASP C 350 -21.81 35.98 38.40
C ASP C 350 -22.27 36.23 36.97
N ASN C 351 -23.59 36.15 36.75
CA ASN C 351 -24.18 36.34 35.43
C ASN C 351 -24.74 37.75 35.24
N SER C 352 -24.25 38.70 36.02
CA SER C 352 -24.66 40.08 35.83
C SER C 352 -24.17 40.61 34.49
N PRO C 353 -24.86 41.59 33.91
CA PRO C 353 -24.44 42.10 32.60
C PRO C 353 -23.00 42.63 32.66
N LEU C 354 -22.26 42.35 31.59
CA LEU C 354 -20.85 42.70 31.51
C LEU C 354 -20.70 43.98 30.70
N ALA C 355 -20.22 45.04 31.33
CA ALA C 355 -20.05 46.30 30.65
C ALA C 355 -18.97 46.18 29.58
N PRO C 356 -19.13 46.88 28.45
CA PRO C 356 -18.13 46.81 27.39
C PRO C 356 -16.77 47.29 27.88
N GLY C 357 -15.72 46.62 27.40
CA GLY C 357 -14.37 46.91 27.84
C GLY C 357 -13.97 46.27 29.14
N GLU C 358 -14.93 45.93 30.01
CA GLU C 358 -14.63 45.32 31.29
C GLU C 358 -14.53 43.81 31.16
N THR C 359 -13.50 43.24 31.77
CA THR C 359 -13.26 41.80 31.74
C THR C 359 -13.31 41.27 33.17
N ARG C 360 -13.98 40.13 33.35
CA ARG C 360 -14.08 39.52 34.67
C ARG C 360 -13.98 38.01 34.54
N THR C 361 -13.51 37.38 35.61
CA THR C 361 -13.36 35.93 35.69
C THR C 361 -14.52 35.36 36.48
N VAL C 362 -15.23 34.40 35.89
CA VAL C 362 -16.41 33.82 36.52
C VAL C 362 -16.40 32.31 36.29
N ASP C 363 -16.92 31.58 37.28
CA ASP C 363 -17.02 30.14 37.20
C ASP C 363 -18.36 29.74 36.57
N VAL C 364 -18.30 28.85 35.59
CA VAL C 364 -19.47 28.39 34.85
C VAL C 364 -19.67 26.92 35.13
N THR C 365 -20.87 26.55 35.55
CA THR C 365 -21.23 25.16 35.82
C THR C 365 -22.39 24.76 34.94
N ALA C 366 -22.19 23.72 34.14
CA ALA C 366 -23.22 23.19 33.24
C ALA C 366 -23.59 21.80 33.72
N SER C 367 -24.74 21.68 34.38
CA SER C 367 -25.18 20.43 34.98
C SER C 367 -26.51 20.02 34.38
N ASP C 368 -26.58 18.78 33.89
CA ASP C 368 -27.82 18.23 33.39
C ASP C 368 -27.72 16.71 33.40
N ALA C 369 -28.86 16.05 33.55
CA ALA C 369 -28.90 14.60 33.45
C ALA C 369 -28.51 14.12 32.06
N ALA C 370 -28.66 14.95 31.04
CA ALA C 370 -28.25 14.57 29.70
C ALA C 370 -26.75 14.30 29.63
N TRP C 371 -25.96 14.97 30.48
CA TRP C 371 -24.52 14.76 30.48
C TRP C 371 -24.15 13.31 30.73
N GLU C 372 -24.99 12.57 31.45
CA GLU C 372 -24.77 11.14 31.65
C GLU C 372 -25.70 10.28 30.80
N VAL C 373 -26.86 10.81 30.39
CA VAL C 373 -27.74 10.05 29.52
C VAL C 373 -27.11 9.82 28.16
N TYR C 374 -26.51 10.86 27.59
CA TYR C 374 -25.87 10.77 26.28
C TYR C 374 -24.40 10.39 26.38
N ARG C 375 -23.96 9.90 27.54
CA ARG C 375 -22.61 9.43 27.76
C ARG C 375 -21.57 10.49 27.35
N LEU C 376 -21.67 11.64 28.00
CA LEU C 376 -20.61 12.64 27.92
C LEU C 376 -19.59 12.48 29.02
N SER C 377 -19.83 11.57 29.97
CA SER C 377 -18.93 11.33 31.09
C SER C 377 -17.95 10.20 30.83
N ASP C 378 -17.95 9.61 29.64
CA ASP C 378 -16.98 8.60 29.26
C ASP C 378 -15.75 9.20 28.58
N ILE C 379 -15.65 10.53 28.56
CA ILE C 379 -14.42 11.16 28.10
C ILE C 379 -13.24 10.72 28.98
N ILE C 380 -13.50 10.32 30.22
CA ILE C 380 -12.44 9.75 31.05
C ILE C 380 -11.92 8.47 30.42
N TYR C 381 -12.82 7.68 29.83
CA TYR C 381 -12.42 6.49 29.10
C TYR C 381 -11.86 6.80 27.72
N ASP C 382 -12.11 8.01 27.20
CA ASP C 382 -11.56 8.40 25.92
C ASP C 382 -10.08 8.77 26.06
N PRO C 383 -9.30 8.61 24.99
CA PRO C 383 -7.85 8.87 25.06
C PRO C 383 -7.44 10.32 24.82
N ASP C 384 -8.36 11.28 24.86
CA ASP C 384 -8.02 12.69 24.69
C ASP C 384 -9.03 13.50 25.49
N SER C 385 -8.66 13.88 26.71
CA SER C 385 -9.57 14.59 27.61
C SER C 385 -9.51 16.09 27.30
N ARG C 386 -10.04 16.42 26.13
CA ARG C 386 -10.21 17.80 25.70
C ARG C 386 -11.62 17.98 25.18
N PHE C 387 -12.23 19.10 25.51
CA PHE C 387 -13.58 19.38 25.08
C PHE C 387 -13.58 20.61 24.18
N ALA C 388 -14.66 20.76 23.43
CA ALA C 388 -14.90 21.97 22.64
C ALA C 388 -16.39 22.23 22.60
N GLY C 389 -16.74 23.50 22.42
CA GLY C 389 -18.15 23.85 22.41
C GLY C 389 -18.33 25.28 21.95
N LEU C 390 -19.57 25.72 21.99
CA LEU C 390 -19.96 27.06 21.58
C LEU C 390 -20.59 27.79 22.75
N LEU C 391 -20.21 29.04 22.94
CA LEU C 391 -20.80 29.90 23.95
C LEU C 391 -21.61 30.98 23.25
N PHE C 392 -22.86 31.14 23.67
CA PHE C 392 -23.78 32.10 23.08
C PHE C 392 -23.98 33.25 24.05
N PHE C 393 -23.62 34.46 23.64
CA PHE C 393 -23.70 35.64 24.47
C PHE C 393 -24.83 36.52 23.98
N PHE C 394 -25.72 36.92 24.90
CA PHE C 394 -26.86 37.75 24.58
C PHE C 394 -26.74 39.08 25.33
N ASP C 395 -27.34 40.12 24.77
CA ASP C 395 -27.37 41.44 25.37
C ASP C 395 -28.82 41.88 25.57
N ALA C 396 -28.98 43.11 26.07
CA ALA C 396 -30.32 43.64 26.27
C ALA C 396 -31.02 43.90 24.95
N THR C 397 -30.27 44.18 23.88
CA THR C 397 -30.88 44.41 22.58
C THR C 397 -31.62 43.17 22.08
N GLY C 398 -30.98 42.00 22.20
CA GLY C 398 -31.62 40.77 21.79
C GLY C 398 -30.75 39.92 20.88
N ASN C 399 -29.91 40.56 20.07
CA ASN C 399 -29.04 39.81 19.17
C ASN C 399 -27.96 39.08 19.96
N ARG C 400 -27.46 37.99 19.38
CA ARG C 400 -26.52 37.11 20.04
C ARG C 400 -25.21 37.01 19.25
N GLN C 401 -24.16 36.63 19.96
CA GLN C 401 -22.84 36.45 19.38
C GLN C 401 -22.28 35.11 19.83
N VAL C 402 -21.67 34.39 18.90
CA VAL C 402 -21.13 33.06 19.17
C VAL C 402 -19.62 33.15 19.30
N VAL C 403 -19.10 32.55 20.36
CA VAL C 403 -17.66 32.42 20.56
C VAL C 403 -17.36 30.96 20.89
N GLN C 404 -16.19 30.50 20.48
CA GLN C 404 -15.83 29.10 20.62
C GLN C 404 -14.74 28.95 21.67
N ILE C 405 -14.85 27.89 22.47
CA ILE C 405 -13.88 27.58 23.51
C ILE C 405 -13.42 26.14 23.34
N ASP C 406 -12.18 25.88 23.75
CA ASP C 406 -11.61 24.55 23.70
C ASP C 406 -10.48 24.49 24.71
N ALA C 407 -10.59 23.60 25.68
CA ALA C 407 -9.60 23.49 26.74
C ALA C 407 -9.55 22.05 27.21
N PRO C 408 -8.43 21.62 27.77
CA PRO C 408 -8.38 20.28 28.37
C PRO C 408 -9.39 20.14 29.50
N LEU C 409 -9.96 18.95 29.60
CA LEU C 409 -10.98 18.65 30.60
C LEU C 409 -10.34 17.75 31.66
N ILE C 410 -10.32 18.22 32.89
CA ILE C 410 -9.61 17.56 33.98
C ILE C 410 -10.64 16.92 34.91
N PRO C 411 -10.74 15.59 34.93
CA PRO C 411 -11.66 14.95 35.88
C PRO C 411 -11.20 15.14 37.32
N SER C 412 -12.17 15.12 38.23
CA SER C 412 -11.90 15.21 39.65
C SER C 412 -12.65 14.09 40.37
N PHE C 413 -12.05 13.61 41.45
CA PHE C 413 -12.61 12.44 42.13
C PHE C 413 -12.87 12.68 43.62
N MET C 414 -12.02 13.46 44.28
CA MET C 414 -12.22 13.75 45.71
C MET C 414 -12.97 15.06 45.91
N HIS D 33 24.66 15.99 18.08
CA HIS D 33 25.57 16.48 17.01
C HIS D 33 25.02 16.06 15.64
N GLY D 34 23.79 15.52 15.59
CA GLY D 34 23.18 15.10 14.32
C GLY D 34 23.16 16.22 13.30
N GLU D 35 23.08 17.46 13.76
CA GLU D 35 23.13 18.64 12.85
C GLU D 35 24.41 18.57 12.01
N LYS D 36 24.44 19.22 10.85
CA LYS D 36 25.64 19.25 9.97
C LYS D 36 25.73 17.93 9.18
N SER D 37 25.44 16.79 9.81
CA SER D 37 25.44 15.50 9.09
C SER D 37 24.30 15.48 8.06
N GLN D 38 23.24 16.25 8.32
CA GLN D 38 22.11 16.33 7.40
C GLN D 38 22.49 17.18 6.18
N ALA D 39 21.66 17.10 5.15
CA ALA D 39 21.92 17.83 3.93
C ALA D 39 22.00 19.33 4.21
N ALA D 40 22.95 20.01 3.56
CA ALA D 40 23.15 21.42 3.82
C ALA D 40 21.91 22.23 3.43
N PHE D 41 21.37 21.97 2.24
CA PHE D 41 20.19 22.71 1.81
C PHE D 41 18.99 22.38 2.68
N MET D 42 18.85 21.12 3.09
CA MET D 42 17.74 20.74 3.95
C MET D 42 17.84 21.42 5.31
N ARG D 43 19.06 21.55 5.84
CA ARG D 43 19.24 22.29 7.09
C ARG D 43 18.94 23.77 6.92
N MET D 44 19.39 24.36 5.81
CA MET D 44 19.18 25.79 5.62
C MET D 44 17.71 26.13 5.45
N ARG D 45 16.99 25.38 4.62
CA ARG D 45 15.57 25.67 4.41
C ARG D 45 14.72 24.50 4.87
N THR D 46 14.59 24.35 6.19
CA THR D 46 13.50 23.60 6.78
C THR D 46 12.80 24.42 7.85
N ILE D 47 13.58 24.88 8.82
CA ILE D 47 13.09 25.61 9.99
C ILE D 47 14.21 26.51 10.48
N HIS D 48 13.87 27.76 10.79
CA HIS D 48 14.85 28.74 11.23
C HIS D 48 14.57 29.12 12.67
N TRP D 49 15.58 28.98 13.52
CA TRP D 49 15.49 29.32 14.93
C TRP D 49 16.23 30.62 15.18
N TYR D 50 15.57 31.57 15.82
CA TYR D 50 16.21 32.83 16.17
C TYR D 50 15.65 33.33 17.49
N ASP D 51 16.32 34.34 18.05
CA ASP D 51 16.02 34.89 19.36
C ASP D 51 16.12 33.83 20.45
N LEU D 52 17.04 32.89 20.28
CA LEU D 52 17.24 31.84 21.28
C LEU D 52 17.91 32.42 22.52
N SER D 53 17.45 31.98 23.68
CA SER D 53 18.02 32.44 24.95
C SER D 53 17.95 31.29 25.95
N TRP D 54 19.11 30.92 26.50
CA TRP D 54 19.19 29.90 27.52
C TRP D 54 19.25 30.56 28.89
N SER D 55 18.43 30.08 29.82
CA SER D 55 18.33 30.72 31.12
C SER D 55 19.66 30.74 31.86
N LYS D 56 20.37 29.62 31.86
CA LYS D 56 21.62 29.50 32.59
C LYS D 56 22.61 28.69 31.77
N GLU D 57 23.89 28.92 32.03
CA GLU D 57 24.96 28.18 31.37
C GLU D 57 25.47 27.01 32.22
N LYS D 58 25.66 27.22 33.52
CA LYS D 58 26.09 26.18 34.43
C LYS D 58 25.09 26.08 35.56
N VAL D 59 24.58 24.87 35.80
CA VAL D 59 23.57 24.63 36.83
C VAL D 59 23.98 23.42 37.65
N LYS D 60 23.23 23.20 38.72
CA LYS D 60 23.39 22.03 39.57
C LYS D 60 22.15 21.13 39.43
N ILE D 61 22.20 19.98 40.10
CA ILE D 61 21.10 19.03 40.01
C ILE D 61 19.84 19.64 40.57
N ASN D 62 18.70 19.25 39.98
CA ASN D 62 17.35 19.67 40.38
C ASN D 62 17.06 21.12 40.00
N GLU D 63 18.05 21.83 39.46
CA GLU D 63 17.82 23.18 39.01
C GLU D 63 17.19 23.17 37.62
N THR D 64 16.50 24.26 37.29
CA THR D 64 15.75 24.37 36.05
C THR D 64 16.50 25.24 35.05
N VAL D 65 16.58 24.77 33.81
CA VAL D 65 17.13 25.53 32.70
C VAL D 65 16.01 25.78 31.70
N GLU D 66 15.86 27.04 31.30
CA GLU D 66 14.75 27.45 30.45
C GLU D 66 15.29 27.91 29.11
N ILE D 67 14.78 27.33 28.03
CA ILE D 67 15.17 27.68 26.68
C ILE D 67 14.00 28.39 26.02
N LYS D 68 14.23 29.62 25.58
CA LYS D 68 13.21 30.43 24.94
C LYS D 68 13.68 30.84 23.56
N GLY D 69 12.73 31.12 22.67
CA GLY D 69 13.08 31.55 21.34
C GLY D 69 11.89 31.41 20.41
N LYS D 70 12.15 31.74 19.15
CA LYS D 70 11.14 31.65 18.10
C LYS D 70 11.71 30.83 16.95
N PHE D 71 10.88 29.98 16.38
CA PHE D 71 11.23 29.24 15.18
C PHE D 71 10.21 29.56 14.09
N HIS D 72 10.71 29.71 12.87
CA HIS D 72 9.87 30.07 11.73
C HIS D 72 9.93 28.95 10.71
N VAL D 73 8.77 28.34 10.43
CA VAL D 73 8.69 27.28 9.45
C VAL D 73 8.80 27.89 8.06
N PHE D 74 9.81 27.48 7.30
CA PHE D 74 10.11 28.12 6.04
C PHE D 74 8.98 27.91 5.04
N GLU D 75 8.69 28.96 4.25
CA GLU D 75 7.67 28.85 3.21
C GLU D 75 8.06 27.81 2.17
N GLY D 76 9.33 27.81 1.75
CA GLY D 76 9.79 26.84 0.77
C GLY D 76 10.15 25.51 1.40
N TRP D 77 9.21 24.91 2.10
CA TRP D 77 9.43 23.61 2.72
C TRP D 77 9.73 22.58 1.64
N PRO D 78 10.81 21.81 1.76
CA PRO D 78 11.17 20.88 0.69
C PRO D 78 10.11 19.81 0.49
N GLU D 79 9.92 19.40 -0.77
CA GLU D 79 8.90 18.41 -1.08
C GLU D 79 9.26 17.04 -0.50
N THR D 80 10.55 16.68 -0.51
CA THR D 80 10.95 15.36 -0.05
C THR D 80 10.63 15.12 1.42
N VAL D 81 10.46 16.18 2.21
CA VAL D 81 10.08 16.07 3.62
C VAL D 81 8.62 16.41 3.74
N ASP D 82 7.86 15.53 4.39
CA ASP D 82 6.43 15.75 4.55
C ASP D 82 6.19 17.00 5.38
N GLU D 83 5.08 17.69 5.09
CA GLU D 83 4.80 18.95 5.75
C GLU D 83 4.61 18.72 7.25
N PRO D 84 4.94 19.70 8.08
CA PRO D 84 4.79 19.51 9.52
C PRO D 84 3.34 19.57 9.96
N ASP D 85 2.48 18.80 9.28
CA ASP D 85 1.09 18.70 9.71
C ASP D 85 0.99 18.01 11.06
N VAL D 86 1.97 17.18 11.40
CA VAL D 86 2.04 16.53 12.70
C VAL D 86 3.51 16.58 13.10
N ALA D 87 3.85 17.47 14.02
CA ALA D 87 5.23 17.68 14.45
C ALA D 87 5.27 17.76 15.96
N PHE D 88 6.46 17.54 16.52
CA PHE D 88 6.65 17.49 17.96
C PHE D 88 7.89 18.30 18.32
N LEU D 89 7.75 19.21 19.29
CA LEU D 89 8.86 20.03 19.75
C LEU D 89 9.65 19.23 20.78
N ASN D 90 10.79 18.70 20.37
CA ASN D 90 11.67 17.92 21.23
C ASN D 90 12.84 18.77 21.67
N VAL D 91 13.72 18.18 22.46
CA VAL D 91 15.00 18.80 22.82
C VAL D 91 16.07 17.73 22.72
N GLY D 92 17.16 18.04 22.05
CA GLY D 92 18.17 17.05 21.76
C GLY D 92 19.34 17.03 22.72
N MET D 93 19.42 16.01 23.57
CA MET D 93 20.55 15.79 24.46
C MET D 93 20.96 14.33 24.34
N PRO D 94 22.19 13.99 24.71
CA PRO D 94 22.59 12.58 24.72
C PRO D 94 21.96 11.82 25.87
N GLY D 95 20.70 11.43 25.72
CA GLY D 95 19.98 10.73 26.77
C GLY D 95 19.42 11.70 27.78
N PRO D 96 18.50 11.23 28.63
CA PRO D 96 17.83 12.15 29.55
C PRO D 96 18.76 12.68 30.63
N VAL D 97 19.75 13.47 30.22
CA VAL D 97 20.55 14.22 31.19
C VAL D 97 19.75 15.39 31.75
N PHE D 98 18.78 15.89 30.98
CA PHE D 98 17.80 16.86 31.43
C PHE D 98 16.42 16.26 31.21
N ILE D 99 15.53 16.43 32.16
CA ILE D 99 14.14 16.04 31.97
C ILE D 99 13.35 17.25 31.51
N ARG D 100 12.58 17.08 30.45
CA ARG D 100 11.78 18.16 29.90
C ARG D 100 10.57 18.36 30.80
N LYS D 101 10.75 19.19 31.82
CA LYS D 101 9.67 19.45 32.77
C LYS D 101 8.48 20.09 32.09
N GLU D 102 8.73 21.10 31.23
CA GLU D 102 7.67 21.81 30.54
C GLU D 102 8.15 22.18 29.15
N SER D 103 7.20 22.32 28.22
CA SER D 103 7.51 22.77 26.87
C SER D 103 6.28 23.46 26.32
N TYR D 104 6.41 24.74 26.00
CA TYR D 104 5.32 25.55 25.47
C TYR D 104 5.70 26.10 24.13
N ILE D 105 4.71 26.16 23.24
CA ILE D 105 4.82 26.90 21.99
C ILE D 105 3.71 27.92 21.99
N GLY D 106 4.07 29.19 21.93
CA GLY D 106 3.08 30.24 22.14
C GLY D 106 2.89 30.48 23.61
N GLY D 107 1.79 29.99 24.17
CA GLY D 107 1.54 30.14 25.59
C GLY D 107 0.91 28.89 26.18
N GLN D 108 0.76 27.86 25.36
CA GLN D 108 0.10 26.63 25.77
C GLN D 108 1.08 25.47 25.76
N LEU D 109 0.82 24.50 26.64
CA LEU D 109 1.68 23.33 26.75
C LEU D 109 1.55 22.47 25.51
N VAL D 110 2.68 21.97 25.01
CA VAL D 110 2.68 21.11 23.83
C VAL D 110 3.47 19.83 24.12
N PRO D 111 2.95 18.94 24.96
CA PRO D 111 3.66 17.69 25.26
C PRO D 111 3.42 16.59 24.25
N ARG D 112 2.51 16.79 23.31
CA ARG D 112 2.19 15.81 22.29
C ARG D 112 2.37 16.45 20.92
N SER D 113 2.07 15.67 19.87
CA SER D 113 2.29 16.14 18.51
C SER D 113 1.45 17.37 18.23
N VAL D 114 2.00 18.29 17.44
CA VAL D 114 1.34 19.54 17.10
C VAL D 114 1.39 19.75 15.60
N ARG D 115 0.50 20.59 15.11
CA ARG D 115 0.42 20.92 13.70
C ARG D 115 0.97 22.33 13.49
N LEU D 116 1.92 22.44 12.56
CA LEU D 116 2.55 23.71 12.22
C LEU D 116 2.13 24.12 10.81
N GLU D 117 1.91 25.41 10.62
CA GLU D 117 1.54 25.94 9.32
C GLU D 117 2.78 26.46 8.60
N ILE D 118 2.84 26.23 7.29
CA ILE D 118 4.00 26.62 6.51
C ILE D 118 4.04 28.14 6.39
N GLY D 119 5.17 28.73 6.76
CA GLY D 119 5.36 30.15 6.68
C GLY D 119 5.09 30.90 7.96
N LYS D 120 4.36 30.31 8.89
CA LYS D 120 4.06 30.99 10.15
C LYS D 120 5.27 30.96 11.07
N THR D 121 5.30 31.91 11.99
CA THR D 121 6.35 32.01 12.99
C THR D 121 5.75 31.73 14.36
N TYR D 122 6.37 30.81 15.10
CA TYR D 122 5.94 30.45 16.43
C TYR D 122 7.05 30.75 17.42
N ASP D 123 6.67 30.99 18.67
CA ASP D 123 7.63 31.16 19.75
C ASP D 123 7.47 30.01 20.74
N PHE D 124 8.59 29.40 21.09
CA PHE D 124 8.59 28.21 21.93
C PHE D 124 9.32 28.49 23.24
N ARG D 125 9.04 27.67 24.24
CA ARG D 125 9.66 27.82 25.55
C ARG D 125 9.71 26.46 26.21
N VAL D 126 10.91 25.97 26.50
CA VAL D 126 11.11 24.65 27.08
C VAL D 126 11.80 24.80 28.42
N VAL D 127 11.27 24.16 29.45
CA VAL D 127 11.85 24.15 30.78
C VAL D 127 12.51 22.81 31.02
N LEU D 128 13.82 22.82 31.26
CA LEU D 128 14.59 21.60 31.48
C LEU D 128 15.10 21.58 32.92
N LYS D 129 15.03 20.41 33.53
CA LYS D 129 15.51 20.20 34.89
C LYS D 129 16.75 19.32 34.86
N ALA D 130 17.82 19.79 35.48
CA ALA D 130 19.09 19.07 35.44
C ALA D 130 18.99 17.73 36.17
N ARG D 131 19.55 16.70 35.56
CA ARG D 131 19.47 15.35 36.12
C ARG D 131 20.83 14.66 36.23
N ARG D 132 21.70 14.84 35.25
CA ARG D 132 22.98 14.15 35.25
C ARG D 132 24.14 15.15 35.20
N PRO D 133 25.10 15.05 36.12
CA PRO D 133 26.24 15.96 36.08
C PRO D 133 27.12 15.71 34.86
N GLY D 134 27.78 16.79 34.41
CA GLY D 134 28.67 16.74 33.29
C GLY D 134 28.41 17.88 32.34
N ASP D 135 29.03 17.82 31.17
CA ASP D 135 28.85 18.82 30.12
C ASP D 135 27.95 18.22 29.05
N TRP D 136 26.88 18.96 28.68
CA TRP D 136 25.91 18.42 27.70
C TRP D 136 25.52 19.47 26.65
N HIS D 137 24.85 19.04 25.59
CA HIS D 137 24.35 19.96 24.53
C HIS D 137 22.89 20.32 24.86
N VAL D 138 22.15 20.87 23.90
CA VAL D 138 20.69 21.13 24.11
C VAL D 138 19.98 21.03 22.77
N HIS D 139 20.50 21.69 21.73
CA HIS D 139 19.92 21.59 20.37
C HIS D 139 18.47 22.03 20.33
N THR D 140 18.20 23.29 19.96
CA THR D 140 16.79 23.70 19.77
C THR D 140 16.29 22.95 18.53
N MET D 141 15.99 21.66 18.66
CA MET D 141 15.63 20.84 17.47
C MET D 141 14.14 20.50 17.47
N MET D 142 13.71 19.64 16.54
CA MET D 142 12.28 19.24 16.45
C MET D 142 12.16 17.96 15.62
N ASN D 143 10.93 17.43 15.52
CA ASN D 143 10.70 16.20 14.77
C ASN D 143 9.41 16.33 13.98
N VAL D 144 9.47 16.01 12.69
CA VAL D 144 8.30 16.10 11.82
C VAL D 144 7.89 14.71 11.39
N GLN D 145 6.64 14.61 10.92
CA GLN D 145 6.02 13.29 10.70
C GLN D 145 6.79 12.47 9.68
N GLY D 146 7.16 13.08 8.56
CA GLY D 146 7.79 12.32 7.49
C GLY D 146 9.22 12.74 7.19
N GLY D 147 9.86 13.42 8.12
CA GLY D 147 11.22 13.87 7.89
C GLY D 147 12.17 13.55 9.02
N GLY D 148 11.64 13.14 10.16
CA GLY D 148 12.46 12.85 11.30
C GLY D 148 13.04 14.11 11.91
N PRO D 149 14.22 13.98 12.52
CA PRO D 149 14.76 15.09 13.31
C PRO D 149 15.17 16.29 12.47
N ILE D 150 15.00 17.46 13.07
CA ILE D 150 15.46 18.73 12.49
C ILE D 150 16.21 19.44 13.61
N ILE D 151 17.53 19.27 13.65
CA ILE D 151 18.33 19.76 14.77
C ILE D 151 18.55 21.26 14.62
N GLY D 152 18.28 21.99 15.68
CA GLY D 152 18.58 23.40 15.72
C GLY D 152 19.90 23.66 16.43
N PRO D 153 20.30 24.92 16.53
CA PRO D 153 21.56 25.22 17.20
C PRO D 153 21.51 24.84 18.68
N GLY D 154 22.65 24.36 19.18
CA GLY D 154 22.72 23.89 20.54
C GLY D 154 23.84 24.55 21.30
N LYS D 155 23.66 24.65 22.62
CA LYS D 155 24.60 25.34 23.49
C LYS D 155 25.07 24.39 24.59
N TRP D 156 26.36 24.46 24.90
CA TRP D 156 26.93 23.63 25.95
C TRP D 156 26.43 24.10 27.31
N ILE D 157 25.92 23.17 28.11
CA ILE D 157 25.45 23.44 29.46
C ILE D 157 26.14 22.50 30.43
N THR D 158 26.75 23.06 31.46
CA THR D 158 27.49 22.27 32.45
C THR D 158 26.60 22.03 33.66
N VAL D 159 26.57 20.79 34.12
CA VAL D 159 25.77 20.38 35.28
C VAL D 159 26.71 19.84 36.34
N GLU D 160 26.55 20.32 37.57
CA GLU D 160 27.39 19.89 38.69
C GLU D 160 26.52 19.23 39.74
N GLY D 161 27.12 18.32 40.49
CA GLY D 161 26.42 17.62 41.55
C GLY D 161 26.52 16.12 41.43
N SER D 162 25.50 15.40 41.88
CA SER D 162 25.46 13.95 41.78
C SER D 162 24.04 13.51 41.42
N MET D 163 23.96 12.40 40.69
CA MET D 163 22.67 11.90 40.25
C MET D 163 21.79 11.47 41.42
N SER D 164 22.41 11.05 42.53
CA SER D 164 21.64 10.57 43.66
C SER D 164 20.74 11.65 44.25
N GLU D 165 21.12 12.92 44.10
CA GLU D 165 20.32 14.01 44.64
C GLU D 165 19.11 14.34 43.79
N PHE D 166 19.04 13.83 42.55
CA PHE D 166 17.96 14.20 41.65
C PHE D 166 16.63 13.67 42.16
N ARG D 167 15.58 14.46 41.95
CA ARG D 167 14.23 14.08 42.35
C ARG D 167 13.24 14.62 41.33
N ASN D 168 12.26 13.81 40.98
CA ASN D 168 11.22 14.18 40.02
C ASN D 168 9.85 13.83 40.60
N PRO D 169 9.42 14.55 41.64
CA PRO D 169 8.11 14.27 42.23
C PRO D 169 6.98 14.71 41.31
N VAL D 170 5.84 14.04 41.47
CA VAL D 170 4.64 14.40 40.74
C VAL D 170 3.44 13.95 41.58
N THR D 171 2.37 14.73 41.53
CA THR D 171 1.18 14.47 42.32
C THR D 171 0.04 14.05 41.40
N THR D 172 -0.48 12.85 41.62
CA THR D 172 -1.56 12.34 40.80
C THR D 172 -2.89 12.97 41.22
N LEU D 173 -3.89 12.84 40.34
CA LEU D 173 -5.23 13.30 40.67
C LEU D 173 -5.89 12.45 41.74
N THR D 174 -5.35 11.26 42.01
CA THR D 174 -5.90 10.42 43.07
C THR D 174 -5.55 10.99 44.44
N GLY D 175 -4.40 11.65 44.57
CA GLY D 175 -4.07 12.33 45.81
C GLY D 175 -2.83 11.82 46.51
N GLN D 176 -1.85 11.33 45.77
CA GLN D 176 -0.57 10.91 46.34
C GLN D 176 0.57 11.49 45.54
N THR D 177 1.68 11.73 46.21
CA THR D 177 2.89 12.25 45.58
C THR D 177 3.86 11.09 45.37
N VAL D 178 4.28 10.89 44.12
CA VAL D 178 5.15 9.78 43.77
C VAL D 178 6.38 10.32 43.07
N ASP D 179 7.49 9.57 43.18
CA ASP D 179 8.75 9.94 42.56
C ASP D 179 8.94 9.11 41.31
N LEU D 180 8.95 9.77 40.14
CA LEU D 180 9.07 9.06 38.87
C LEU D 180 10.42 8.38 38.70
N GLU D 181 11.41 8.71 39.53
CA GLU D 181 12.70 8.04 39.41
C GLU D 181 12.62 6.59 39.89
N ASN D 182 11.72 6.29 40.82
CA ASN D 182 11.61 4.93 41.36
C ASN D 182 10.16 4.49 41.53
N TYR D 183 9.21 5.18 40.92
CA TYR D 183 7.83 4.76 41.00
C TYR D 183 7.61 3.51 40.14
N ASN D 184 6.91 2.53 40.70
CA ASN D 184 6.53 1.28 40.04
C ASN D 184 7.72 0.40 39.70
N GLU D 185 8.95 0.80 40.03
CA GLU D 185 10.11 -0.04 39.74
C GLU D 185 10.04 -1.35 40.53
N GLY D 186 9.66 -1.28 41.80
CA GLY D 186 9.55 -2.48 42.60
C GLY D 186 8.52 -3.44 42.06
N ASN D 187 7.34 -2.94 41.68
CA ASN D 187 6.31 -3.79 41.12
C ASN D 187 6.75 -4.39 39.80
N THR D 188 7.41 -3.60 38.96
CA THR D 188 7.91 -4.11 37.69
C THR D 188 8.89 -5.26 37.90
N TYR D 189 9.88 -5.05 38.77
CA TYR D 189 10.82 -6.13 39.08
C TYR D 189 10.10 -7.34 39.64
N PHE D 190 9.17 -7.14 40.57
CA PHE D 190 8.51 -8.27 41.20
C PHE D 190 7.77 -9.11 40.16
N TRP D 191 6.97 -8.47 39.32
CA TRP D 191 6.16 -9.24 38.37
C TRP D 191 7.03 -9.87 37.29
N HIS D 192 8.00 -9.15 36.75
CA HIS D 192 8.86 -9.73 35.72
C HIS D 192 9.67 -10.89 36.27
N ALA D 193 10.23 -10.74 37.47
CA ALA D 193 10.98 -11.83 38.07
C ALA D 193 10.09 -13.02 38.39
N PHE D 194 8.85 -12.76 38.81
CA PHE D 194 7.94 -13.86 39.11
C PHE D 194 7.62 -14.66 37.85
N TRP D 195 7.33 -13.98 36.74
CA TRP D 195 7.02 -14.70 35.52
C TRP D 195 8.25 -15.41 34.95
N PHE D 196 9.42 -14.79 35.04
CA PHE D 196 10.64 -15.46 34.63
C PHE D 196 10.92 -16.68 35.49
N ALA D 197 10.64 -16.58 36.79
CA ALA D 197 10.82 -17.72 37.68
C ALA D 197 9.87 -18.85 37.34
N ILE D 198 8.62 -18.52 36.99
CA ILE D 198 7.68 -19.57 36.58
C ILE D 198 8.16 -20.26 35.31
N GLY D 199 8.61 -19.47 34.33
CA GLY D 199 9.12 -20.06 33.11
C GLY D 199 10.34 -20.94 33.35
N VAL D 200 11.26 -20.48 34.17
CA VAL D 200 12.46 -21.25 34.47
C VAL D 200 12.10 -22.50 35.25
N ALA D 201 11.13 -22.41 36.16
CA ALA D 201 10.70 -23.58 36.90
C ALA D 201 10.10 -24.63 35.98
N TRP D 202 9.28 -24.22 35.01
CA TRP D 202 8.72 -25.15 34.05
C TRP D 202 9.83 -25.81 33.21
N ILE D 203 10.75 -25.00 32.71
CA ILE D 203 11.80 -25.55 31.85
C ILE D 203 12.72 -26.47 32.65
N GLY D 204 12.99 -26.14 33.91
CA GLY D 204 13.78 -27.04 34.74
C GLY D 204 13.06 -28.32 35.08
N TYR D 205 11.74 -28.23 35.33
CA TYR D 205 10.95 -29.43 35.58
C TYR D 205 11.03 -30.38 34.40
N TRP D 206 10.98 -29.85 33.18
CA TRP D 206 11.11 -30.75 32.04
C TRP D 206 12.56 -30.96 31.60
N SER D 207 13.52 -30.32 32.28
CA SER D 207 14.93 -30.52 31.96
C SER D 207 15.67 -31.38 32.97
N ARG D 208 15.07 -31.75 34.09
CA ARG D 208 15.77 -32.64 35.02
C ARG D 208 16.06 -33.99 34.38
N ARG D 209 15.08 -34.53 33.64
CA ARG D 209 15.28 -35.77 32.92
C ARG D 209 16.19 -35.55 31.73
N PRO D 210 16.78 -36.60 31.17
CA PRO D 210 17.57 -36.45 29.95
C PRO D 210 16.71 -35.87 28.83
N ILE D 211 17.33 -35.00 28.02
CA ILE D 211 16.54 -34.06 27.23
C ILE D 211 16.47 -34.45 25.76
N PHE D 212 17.61 -34.42 25.06
CA PHE D 212 17.60 -34.37 23.60
C PHE D 212 17.72 -35.74 22.94
N ILE D 213 18.84 -36.43 23.15
CA ILE D 213 19.16 -37.63 22.36
C ILE D 213 18.28 -38.80 22.77
N PRO D 214 18.18 -39.17 24.04
CA PRO D 214 17.28 -40.30 24.38
C PRO D 214 15.84 -40.06 23.99
N ARG D 215 15.34 -38.84 24.17
CA ARG D 215 13.95 -38.57 23.81
C ARG D 215 13.75 -38.61 22.30
N LEU D 216 14.71 -38.08 21.53
CA LEU D 216 14.63 -38.16 20.08
C LEU D 216 14.65 -39.60 19.61
N LEU D 217 15.53 -40.42 20.19
CA LEU D 217 15.59 -41.82 19.80
C LEU D 217 14.31 -42.56 20.16
N MET D 218 13.75 -42.28 21.34
CA MET D 218 12.52 -42.94 21.73
C MET D 218 11.35 -42.54 20.84
N VAL D 219 11.28 -41.26 20.45
CA VAL D 219 10.16 -40.83 19.61
C VAL D 219 10.35 -41.27 18.17
N ASP D 220 11.59 -41.48 17.72
CA ASP D 220 11.80 -41.96 16.36
C ASP D 220 11.57 -43.47 16.26
N ALA D 221 12.10 -44.23 17.22
CA ALA D 221 11.97 -45.69 17.23
C ALA D 221 10.56 -46.04 17.67
N GLY D 222 9.62 -45.94 16.75
CA GLY D 222 8.24 -46.25 17.03
C GLY D 222 7.60 -45.23 17.95
N ARG D 223 6.39 -45.55 18.36
CA ARG D 223 5.66 -44.69 19.27
C ARG D 223 6.37 -44.64 20.62
N ALA D 224 6.54 -43.43 21.15
CA ALA D 224 7.13 -43.30 22.48
C ALA D 224 6.07 -43.51 23.56
N ASP D 225 5.09 -42.61 23.62
CA ASP D 225 3.95 -42.69 24.55
C ASP D 225 4.41 -42.89 26.00
N GLU D 226 5.68 -42.61 26.28
CA GLU D 226 6.24 -42.79 27.61
C GLU D 226 6.97 -41.57 28.12
N LEU D 227 7.38 -40.65 27.24
CA LEU D 227 8.01 -39.41 27.66
C LEU D 227 7.03 -38.45 28.30
N VAL D 228 5.76 -38.48 27.88
CA VAL D 228 4.72 -37.63 28.43
C VAL D 228 3.65 -38.54 29.02
N SER D 229 3.51 -38.53 30.34
CA SER D 229 2.54 -39.38 31.01
C SER D 229 2.34 -38.84 32.42
N ALA D 230 1.32 -39.37 33.10
CA ALA D 230 1.05 -38.98 34.48
C ALA D 230 2.28 -39.23 35.33
N THR D 231 2.59 -38.29 36.22
CA THR D 231 1.73 -37.13 36.46
C THR D 231 2.23 -35.85 35.81
N ASP D 232 2.96 -35.99 34.70
CA ASP D 232 3.39 -34.79 33.97
C ASP D 232 2.19 -34.03 33.41
N ARG D 233 1.20 -34.75 32.88
CA ARG D 233 0.00 -34.08 32.41
C ARG D 233 -0.73 -33.39 33.55
N LYS D 234 -0.78 -34.03 34.72
CA LYS D 234 -1.44 -33.42 35.87
C LYS D 234 -0.71 -32.15 36.31
N VAL D 235 0.62 -32.21 36.37
CA VAL D 235 1.36 -31.03 36.81
C VAL D 235 1.30 -29.93 35.77
N ALA D 236 1.15 -30.27 34.49
CA ALA D 236 1.01 -29.23 33.48
C ALA D 236 -0.37 -28.60 33.51
N MET D 237 -1.41 -29.40 33.79
CA MET D 237 -2.71 -28.81 34.08
C MET D 237 -2.61 -27.88 35.28
N GLY D 238 -1.84 -28.27 36.29
CA GLY D 238 -1.60 -27.39 37.42
C GLY D 238 -0.93 -26.10 37.01
N PHE D 239 0.09 -26.18 36.15
CA PHE D 239 0.76 -24.98 35.66
C PHE D 239 -0.20 -24.08 34.90
N LEU D 240 -1.01 -24.64 34.01
CA LEU D 240 -1.93 -23.83 33.22
C LEU D 240 -2.98 -23.16 34.11
N ALA D 241 -3.58 -23.94 35.01
CA ALA D 241 -4.58 -23.38 35.91
C ALA D 241 -3.96 -22.31 36.82
N ALA D 242 -2.75 -22.56 37.31
CA ALA D 242 -2.09 -21.58 38.16
C ALA D 242 -1.78 -20.30 37.40
N THR D 243 -1.34 -20.42 36.15
CA THR D 243 -1.05 -19.24 35.36
C THR D 243 -2.31 -18.42 35.13
N ILE D 244 -3.39 -19.07 34.70
CA ILE D 244 -4.62 -18.33 34.42
C ILE D 244 -5.17 -17.70 35.69
N LEU D 245 -5.19 -18.47 36.79
CA LEU D 245 -5.72 -17.94 38.05
C LEU D 245 -4.87 -16.80 38.58
N ILE D 246 -3.55 -16.92 38.47
CA ILE D 246 -2.66 -15.87 38.93
C ILE D 246 -2.87 -14.60 38.11
N VAL D 247 -3.00 -14.74 36.79
CA VAL D 247 -3.26 -13.58 35.95
C VAL D 247 -4.56 -12.91 36.34
N VAL D 248 -5.63 -13.70 36.54
CA VAL D 248 -6.92 -13.12 36.89
C VAL D 248 -6.87 -12.43 38.24
N MET D 249 -6.26 -13.08 39.25
CA MET D 249 -6.18 -12.49 40.58
C MET D 249 -5.32 -11.24 40.57
N ALA D 250 -4.22 -11.24 39.81
CA ALA D 250 -3.37 -10.05 39.73
C ALA D 250 -4.09 -8.90 39.03
N MET D 251 -4.86 -9.21 37.99
CA MET D 251 -5.68 -8.19 37.34
C MET D 251 -6.71 -7.62 38.32
N SER D 252 -7.35 -8.49 39.09
CA SER D 252 -8.32 -8.01 40.08
C SER D 252 -7.66 -7.13 41.14
N SER D 253 -6.47 -7.53 41.60
CA SER D 253 -5.77 -6.72 42.58
C SER D 253 -5.36 -5.37 42.01
N ALA D 254 -4.88 -5.35 40.76
CA ALA D 254 -4.56 -4.10 40.10
C ALA D 254 -5.79 -3.30 39.72
N ASN D 255 -6.98 -3.90 39.82
CA ASN D 255 -8.22 -3.14 39.68
C ASN D 255 -8.79 -2.72 41.03
N SER D 256 -8.38 -3.38 42.11
CA SER D 256 -8.74 -2.90 43.45
C SER D 256 -7.80 -1.77 43.88
N LYS D 257 -6.50 -2.06 43.96
CA LYS D 257 -5.52 -1.00 44.05
C LYS D 257 -5.47 -0.25 42.74
N TYR D 258 -5.24 1.05 42.80
CA TYR D 258 -5.36 1.94 41.65
C TYR D 258 -6.73 1.79 40.98
N PRO D 259 -7.82 2.07 41.69
CA PRO D 259 -9.15 1.89 41.08
C PRO D 259 -9.47 2.91 40.01
N ILE D 260 -8.78 4.05 39.98
CA ILE D 260 -9.01 5.08 38.99
C ILE D 260 -7.84 5.08 38.03
N THR D 261 -8.10 4.72 36.77
CA THR D 261 -7.09 4.74 35.72
C THR D 261 -7.68 5.36 34.46
N ILE D 262 -6.82 5.95 33.65
CA ILE D 262 -7.23 6.54 32.38
C ILE D 262 -6.33 6.00 31.28
N PRO D 263 -6.79 5.93 30.03
CA PRO D 263 -5.92 5.50 28.95
C PRO D 263 -4.83 6.52 28.69
N LEU D 264 -3.87 6.13 27.86
CA LEU D 264 -2.77 7.03 27.52
C LEU D 264 -3.27 8.16 26.64
N GLN D 265 -2.92 9.39 27.01
CA GLN D 265 -3.40 10.57 26.30
C GLN D 265 -2.54 10.82 25.08
N ALA D 266 -3.19 10.99 23.92
CA ALA D 266 -2.46 11.24 22.68
C ALA D 266 -3.42 11.90 21.70
N GLY D 267 -2.83 12.48 20.65
CA GLY D 267 -3.60 13.15 19.62
C GLY D 267 -3.03 14.50 19.27
N THR D 268 -2.82 14.76 17.98
CA THR D 268 -2.20 16.01 17.56
C THR D 268 -3.05 17.21 17.96
N MET D 269 -2.40 18.22 18.54
CA MET D 269 -3.06 19.45 18.94
C MET D 269 -3.04 20.44 17.79
N ARG D 270 -4.21 20.86 17.34
CA ARG D 270 -4.36 21.85 16.30
C ARG D 270 -4.77 23.19 16.91
N GLY D 271 -5.09 24.14 16.05
CA GLY D 271 -5.51 25.45 16.51
C GLY D 271 -4.42 26.16 17.29
N MET D 272 -3.20 26.10 16.75
CA MET D 272 -2.01 26.45 17.50
C MET D 272 -1.56 27.86 17.12
N LYS D 273 -1.30 28.68 18.12
CA LYS D 273 -1.16 30.11 17.92
C LYS D 273 0.22 30.45 17.36
N PRO D 274 0.32 31.12 16.22
CA PRO D 274 1.59 31.67 15.77
C PRO D 274 1.74 33.13 16.19
N LEU D 275 2.96 33.64 16.02
CA LEU D 275 3.22 35.05 16.29
C LEU D 275 2.64 35.92 15.17
N GLU D 276 2.05 37.04 15.56
CA GLU D 276 1.53 38.02 14.61
C GLU D 276 2.60 39.07 14.35
N LEU D 277 3.61 38.67 13.58
CA LEU D 277 4.69 39.58 13.26
C LEU D 277 4.17 40.71 12.36
N PRO D 278 4.61 41.95 12.60
CA PRO D 278 4.24 43.04 11.70
C PRO D 278 4.85 42.82 10.32
N ALA D 279 4.14 43.31 9.30
CA ALA D 279 4.61 43.16 7.93
C ALA D 279 5.94 43.88 7.77
N PRO D 280 6.99 43.22 7.29
CA PRO D 280 8.28 43.89 7.16
C PRO D 280 8.22 45.06 6.18
N THR D 281 8.94 46.12 6.52
CA THR D 281 9.06 47.30 5.68
C THR D 281 10.27 47.24 4.76
N VAL D 282 11.01 46.14 4.78
CA VAL D 282 12.23 45.98 4.00
C VAL D 282 12.01 44.86 3.00
N SER D 283 12.23 45.16 1.72
CA SER D 283 12.11 44.19 0.65
C SER D 283 13.49 43.92 0.07
N VAL D 284 13.92 42.66 0.11
CA VAL D 284 15.23 42.25 -0.38
C VAL D 284 15.01 41.19 -1.45
N LYS D 285 15.59 41.42 -2.62
CA LYS D 285 15.55 40.46 -3.72
C LYS D 285 16.98 40.10 -4.09
N VAL D 286 17.26 38.81 -4.16
CA VAL D 286 18.63 38.32 -4.34
C VAL D 286 18.89 38.09 -5.82
N GLU D 287 19.91 38.76 -6.34
CA GLU D 287 20.42 38.53 -7.69
C GLU D 287 21.69 37.70 -7.55
N ASP D 288 21.54 36.39 -7.75
CA ASP D 288 22.55 35.33 -7.73
C ASP D 288 23.22 35.22 -6.36
N ALA D 289 23.86 34.08 -6.11
CA ALA D 289 24.60 33.85 -4.88
C ALA D 289 25.66 32.79 -5.16
N THR D 290 26.87 33.00 -4.65
CA THR D 290 27.99 32.15 -4.95
C THR D 290 28.74 31.79 -3.67
N TYR D 291 29.45 30.68 -3.72
CA TYR D 291 30.32 30.25 -2.63
C TYR D 291 31.53 29.53 -3.20
N ARG D 292 32.70 29.85 -2.67
CA ARG D 292 33.95 29.32 -3.18
C ARG D 292 34.10 27.85 -2.80
N VAL D 293 34.48 27.04 -3.78
CA VAL D 293 34.68 25.61 -3.57
C VAL D 293 36.11 25.25 -3.95
N PRO D 294 36.98 24.92 -2.99
CA PRO D 294 36.69 24.94 -1.55
C PRO D 294 36.80 26.35 -0.96
N GLY D 295 36.09 26.59 0.13
CA GLY D 295 36.15 27.90 0.77
C GLY D 295 35.27 27.92 1.99
N ARG D 296 35.32 29.04 2.69
CA ARG D 296 34.52 29.26 3.89
C ARG D 296 33.62 30.49 3.76
N ALA D 297 33.49 31.05 2.57
CA ALA D 297 32.74 32.28 2.36
C ALA D 297 31.57 32.04 1.42
N MET D 298 30.50 32.81 1.63
CA MET D 298 29.32 32.79 0.79
C MET D 298 29.05 34.21 0.33
N ARG D 299 29.17 34.44 -0.98
CA ARG D 299 29.01 35.76 -1.55
C ARG D 299 27.67 35.85 -2.28
N MET D 300 26.93 36.93 -2.04
CA MET D 300 25.63 37.11 -2.66
C MET D 300 25.35 38.59 -2.84
N LYS D 301 24.53 38.90 -3.83
CA LYS D 301 24.20 40.26 -4.21
C LYS D 301 22.76 40.56 -3.83
N LEU D 302 22.54 41.71 -3.20
CA LEU D 302 21.25 42.07 -2.63
C LEU D 302 20.78 43.40 -3.19
N THR D 303 19.46 43.57 -3.27
CA THR D 303 18.82 44.83 -3.63
C THR D 303 17.82 45.17 -2.52
N ILE D 304 18.28 45.86 -1.50
CA ILE D 304 17.45 46.19 -0.35
C ILE D 304 16.56 47.37 -0.70
N THR D 305 15.25 47.21 -0.49
CA THR D 305 14.29 48.29 -0.61
C THR D 305 13.87 48.72 0.78
N ASN D 306 13.97 50.02 1.06
CA ASN D 306 13.69 50.57 2.37
C ASN D 306 12.35 51.29 2.36
N HIS D 307 11.53 51.02 3.37
CA HIS D 307 10.28 51.73 3.60
C HIS D 307 10.26 52.23 5.04
N GLY D 308 9.15 52.85 5.41
CA GLY D 308 9.06 53.46 6.73
C GLY D 308 9.72 54.83 6.75
N ASN D 309 10.18 55.23 7.93
CA ASN D 309 10.80 56.54 8.11
C ASN D 309 12.05 56.42 8.98
N SER D 310 12.84 55.37 8.77
CA SER D 310 14.03 55.16 9.55
C SER D 310 15.17 54.66 8.67
N PRO D 311 16.42 55.05 8.95
CA PRO D 311 17.55 54.51 8.18
C PRO D 311 18.01 53.17 8.74
N ILE D 312 17.95 52.13 7.91
CA ILE D 312 18.22 50.78 8.34
C ILE D 312 19.62 50.37 7.90
N ARG D 313 20.16 49.36 8.59
CA ARG D 313 21.44 48.76 8.23
C ARG D 313 21.34 47.26 8.43
N LEU D 314 21.86 46.50 7.47
CA LEU D 314 21.85 45.06 7.57
C LEU D 314 22.82 44.62 8.67
N GLY D 315 22.35 43.78 9.58
CA GLY D 315 23.13 43.48 10.77
C GLY D 315 23.49 42.03 10.97
N GLU D 316 22.67 41.11 10.47
CA GLU D 316 22.89 39.70 10.74
C GLU D 316 22.30 38.87 9.61
N PHE D 317 23.00 37.80 9.24
CA PHE D 317 22.54 36.86 8.22
C PHE D 317 22.55 35.47 8.83
N TYR D 318 21.37 34.95 9.15
CA TYR D 318 21.21 33.63 9.73
C TYR D 318 20.83 32.64 8.63
N THR D 319 21.71 31.67 8.37
CA THR D 319 21.50 30.73 7.28
C THR D 319 21.09 29.35 7.76
N ALA D 320 21.91 28.67 8.56
CA ALA D 320 21.52 27.38 9.14
C ALA D 320 22.27 27.25 10.46
N SER D 321 21.62 27.64 11.55
CA SER D 321 22.19 27.61 12.90
C SER D 321 23.48 28.42 13.01
N VAL D 322 23.81 29.21 12.00
CA VAL D 322 25.03 30.03 11.97
C VAL D 322 24.61 31.48 11.83
N ARG D 323 25.08 32.32 12.74
CA ARG D 323 24.74 33.74 12.76
C ARG D 323 25.95 34.53 12.29
N PHE D 324 25.86 35.10 11.09
CA PHE D 324 26.89 35.99 10.56
C PHE D 324 26.51 37.41 10.96
N LEU D 325 27.34 38.03 11.81
CA LEU D 325 27.05 39.34 12.35
C LEU D 325 28.10 40.35 11.87
N ASP D 326 27.68 41.60 11.72
CA ASP D 326 28.57 42.70 11.44
C ASP D 326 28.77 43.49 12.72
N SER D 327 30.01 43.52 13.21
CA SER D 327 30.29 44.14 14.51
C SER D 327 29.99 45.63 14.51
N ASP D 328 30.14 46.30 13.37
CA ASP D 328 29.94 47.74 13.31
C ASP D 328 28.48 48.14 13.49
N VAL D 329 27.53 47.21 13.33
CA VAL D 329 26.12 47.52 13.40
C VAL D 329 25.42 46.78 14.54
N TYR D 330 25.81 45.53 14.79
CA TYR D 330 25.13 44.74 15.81
C TYR D 330 26.12 43.80 16.49
N LYS D 331 25.94 43.62 17.79
CA LYS D 331 26.74 42.71 18.59
C LYS D 331 25.82 41.83 19.42
N ASP D 332 26.15 40.55 19.51
CA ASP D 332 25.31 39.60 20.23
C ASP D 332 25.61 39.65 21.72
N THR D 333 24.55 39.67 22.53
CA THR D 333 24.68 39.67 23.99
C THR D 333 23.82 38.59 24.62
N THR D 334 23.33 37.62 23.85
CA THR D 334 22.46 36.58 24.34
C THR D 334 23.20 35.30 24.69
N GLY D 335 24.52 35.32 24.68
CA GLY D 335 25.28 34.11 24.96
C GLY D 335 25.14 33.05 23.91
N TYR D 336 25.06 33.43 22.64
CA TYR D 336 24.97 32.46 21.56
C TYR D 336 26.27 31.65 21.49
N PRO D 337 26.19 30.39 21.07
CA PRO D 337 27.40 29.56 21.03
C PRO D 337 28.49 30.17 20.16
N GLU D 338 29.73 30.06 20.63
CA GLU D 338 30.84 30.72 19.97
C GLU D 338 31.09 30.14 18.58
N ASP D 339 31.00 28.81 18.44
CA ASP D 339 31.25 28.18 17.16
C ASP D 339 30.22 28.56 16.10
N LEU D 340 29.03 28.99 16.51
CA LEU D 340 27.98 29.39 15.59
C LEU D 340 27.83 30.91 15.50
N LEU D 341 28.75 31.67 16.08
CA LEU D 341 28.68 33.12 16.07
C LEU D 341 29.83 33.69 15.25
N ALA D 342 29.49 34.56 14.31
CA ALA D 342 30.47 35.26 13.48
C ALA D 342 30.39 36.74 13.84
N GLU D 343 31.24 37.15 14.79
CA GLU D 343 31.18 38.54 15.26
C GLU D 343 31.49 39.52 14.13
N ASP D 344 32.48 39.21 13.31
CA ASP D 344 32.81 40.03 12.15
C ASP D 344 32.78 39.22 10.86
N GLY D 345 32.08 38.08 10.86
CA GLY D 345 32.04 37.23 9.69
C GLY D 345 31.13 37.70 8.58
N LEU D 346 30.30 38.69 8.84
CA LEU D 346 29.39 39.24 7.83
C LEU D 346 29.97 40.57 7.36
N SER D 347 30.40 40.62 6.11
CA SER D 347 30.99 41.82 5.53
C SER D 347 30.09 42.33 4.40
N VAL D 348 29.76 43.61 4.45
CA VAL D 348 28.93 44.26 3.45
C VAL D 348 29.75 45.36 2.80
N SER D 349 29.78 45.38 1.47
CA SER D 349 30.64 46.33 0.77
C SER D 349 30.22 47.77 1.05
N ASP D 350 28.91 48.03 1.08
CA ASP D 350 28.38 49.37 1.36
C ASP D 350 27.33 49.21 2.46
N ASN D 351 27.78 49.27 3.71
CA ASN D 351 26.91 49.11 4.88
C ASN D 351 26.51 50.46 5.48
N SER D 352 26.58 51.53 4.69
CA SER D 352 26.12 52.81 5.18
C SER D 352 24.61 52.79 5.40
N PRO D 353 24.10 53.63 6.30
CA PRO D 353 22.65 53.63 6.56
C PRO D 353 21.86 53.91 5.29
N LEU D 354 20.76 53.19 5.14
CA LEU D 354 19.93 53.27 3.95
C LEU D 354 18.74 54.18 4.23
N ALA D 355 18.67 55.31 3.53
CA ALA D 355 17.57 56.23 3.72
C ALA D 355 16.25 55.60 3.30
N PRO D 356 15.15 55.92 4.00
CA PRO D 356 13.86 55.35 3.63
C PRO D 356 13.46 55.75 2.20
N GLY D 357 12.83 54.81 1.50
CA GLY D 357 12.48 55.01 0.11
C GLY D 357 13.59 54.77 -0.88
N GLU D 358 14.85 54.87 -0.45
CA GLU D 358 15.97 54.68 -1.35
C GLU D 358 16.37 53.20 -1.39
N THR D 359 16.60 52.70 -2.61
CA THR D 359 16.99 51.31 -2.83
C THR D 359 18.36 51.28 -3.48
N ARG D 360 19.23 50.39 -3.00
CA ARG D 360 20.56 50.26 -3.55
C ARG D 360 20.95 48.78 -3.61
N THR D 361 21.84 48.47 -4.55
CA THR D 361 22.35 47.12 -4.75
C THR D 361 23.73 47.03 -4.12
N VAL D 362 23.91 46.05 -3.23
CA VAL D 362 25.17 45.90 -2.51
C VAL D 362 25.52 44.42 -2.44
N ASP D 363 26.82 44.13 -2.46
CA ASP D 363 27.33 42.78 -2.37
C ASP D 363 27.55 42.41 -0.90
N VAL D 364 27.04 41.25 -0.50
CA VAL D 364 27.14 40.77 0.88
C VAL D 364 27.98 39.51 0.89
N THR D 365 29.01 39.49 1.74
CA THR D 365 29.89 38.34 1.90
C THR D 365 29.83 37.87 3.33
N ALA D 366 29.46 36.60 3.52
CA ALA D 366 29.39 35.98 4.84
C ALA D 366 30.44 34.89 4.91
N SER D 367 31.54 35.17 5.60
CA SER D 367 32.69 34.27 5.67
C SER D 367 32.95 33.90 7.12
N ASP D 368 33.02 32.60 7.39
CA ASP D 368 33.37 32.11 8.71
C ASP D 368 33.87 30.68 8.59
N ALA D 369 34.76 30.30 9.52
CA ALA D 369 35.21 28.92 9.57
C ALA D 369 34.08 27.96 9.88
N ALA D 370 33.01 28.43 10.52
CA ALA D 370 31.86 27.57 10.79
C ALA D 370 31.22 27.07 9.51
N TRP D 371 31.32 27.84 8.43
CA TRP D 371 30.74 27.43 7.15
C TRP D 371 31.30 26.09 6.69
N GLU D 372 32.53 25.77 7.06
CA GLU D 372 33.10 24.47 6.75
C GLU D 372 33.15 23.54 7.96
N VAL D 373 33.14 24.08 9.17
CA VAL D 373 33.11 23.22 10.35
C VAL D 373 31.79 22.48 10.44
N TYR D 374 30.68 23.17 10.21
CA TYR D 374 29.36 22.55 10.28
C TYR D 374 28.91 22.01 8.93
N ARG D 375 29.83 21.86 7.99
CA ARG D 375 29.55 21.28 6.68
C ARG D 375 28.38 21.97 6.00
N LEU D 376 28.53 23.27 5.79
CA LEU D 376 27.64 24.01 4.91
C LEU D 376 28.13 24.05 3.48
N SER D 377 29.33 23.55 3.23
CA SER D 377 29.93 23.54 1.90
C SER D 377 29.67 22.25 1.13
N ASP D 378 28.91 21.31 1.70
CA ASP D 378 28.52 20.10 1.01
C ASP D 378 27.20 20.25 0.28
N ILE D 379 26.66 21.47 0.21
CA ILE D 379 25.51 21.72 -0.63
C ILE D 379 25.83 21.40 -2.09
N ILE D 380 27.11 21.48 -2.47
CA ILE D 380 27.51 21.04 -3.80
C ILE D 380 27.22 19.56 -3.98
N TYR D 381 27.42 18.77 -2.93
CA TYR D 381 27.07 17.35 -2.95
C TYR D 381 25.58 17.13 -2.77
N ASP D 382 24.85 18.12 -2.27
CA ASP D 382 23.41 17.99 -2.14
C ASP D 382 22.71 18.15 -3.50
N PRO D 383 21.54 17.53 -3.67
CA PRO D 383 20.85 17.57 -4.96
C PRO D 383 19.96 18.78 -5.19
N ASP D 384 20.06 19.84 -4.38
CA ASP D 384 19.27 21.04 -4.58
C ASP D 384 20.08 22.22 -4.06
N SER D 385 20.78 22.90 -4.97
CA SER D 385 21.66 24.00 -4.59
C SER D 385 20.85 25.29 -4.46
N ARG D 386 20.02 25.31 -3.42
CA ARG D 386 19.26 26.49 -3.05
C ARG D 386 19.40 26.70 -1.56
N PHE D 387 19.55 27.96 -1.16
CA PHE D 387 19.71 28.29 0.25
C PHE D 387 18.54 29.15 0.70
N ALA D 388 18.35 29.22 2.01
CA ALA D 388 17.40 30.12 2.61
C ALA D 388 17.95 30.59 3.95
N GLY D 389 17.50 31.77 4.37
CA GLY D 389 18.00 32.32 5.61
C GLY D 389 17.21 33.54 6.01
N LEU D 390 17.65 34.15 7.09
CA LEU D 390 17.00 35.33 7.65
C LEU D 390 17.99 36.49 7.67
N LEU D 391 17.51 37.66 7.26
CA LEU D 391 18.30 38.88 7.31
C LEU D 391 17.71 39.79 8.37
N PHE D 392 18.57 40.27 9.27
CA PHE D 392 18.16 41.12 10.38
C PHE D 392 18.65 42.53 10.10
N PHE D 393 17.71 43.47 10.01
CA PHE D 393 18.00 44.86 9.71
C PHE D 393 17.80 45.71 10.96
N PHE D 394 18.81 46.50 11.29
CA PHE D 394 18.76 47.37 12.45
C PHE D 394 18.86 48.82 12.02
N ASP D 395 18.30 49.71 12.84
CA ASP D 395 18.33 51.14 12.60
C ASP D 395 18.99 51.85 13.78
N ALA D 396 19.04 53.17 13.70
CA ALA D 396 19.62 53.96 14.79
C ALA D 396 18.77 53.88 16.06
N THR D 397 17.45 53.67 15.91
CA THR D 397 16.59 53.57 17.07
C THR D 397 16.95 52.37 17.93
N GLY D 398 17.19 51.22 17.29
CA GLY D 398 17.57 50.02 18.03
C GLY D 398 16.75 48.80 17.69
N ASN D 399 15.48 49.00 17.35
CA ASN D 399 14.61 47.89 17.01
C ASN D 399 15.03 47.28 15.67
N ARG D 400 14.72 46.01 15.50
CA ARG D 400 15.13 45.24 14.33
C ARG D 400 13.93 44.71 13.57
N GLN D 401 14.17 44.41 12.30
CA GLN D 401 13.17 43.84 11.41
C GLN D 401 13.76 42.64 10.68
N VAL D 402 12.97 41.58 10.57
CA VAL D 402 13.42 40.34 9.95
C VAL D 402 12.82 40.23 8.56
N VAL D 403 13.66 39.93 7.57
CA VAL D 403 13.21 39.65 6.22
C VAL D 403 13.87 38.35 5.78
N GLN D 404 13.17 37.60 4.94
CA GLN D 404 13.62 36.28 4.52
C GLN D 404 14.04 36.30 3.07
N ILE D 405 15.12 35.60 2.77
CA ILE D 405 15.63 35.48 1.40
C ILE D 405 15.80 34.01 1.05
N ASP D 406 15.66 33.72 -0.23
CA ASP D 406 15.85 32.36 -0.74
C ASP D 406 16.17 32.45 -2.21
N ALA D 407 17.34 31.95 -2.60
CA ALA D 407 17.80 32.04 -3.97
C ALA D 407 18.67 30.84 -4.28
N PRO D 408 18.77 30.43 -5.54
CA PRO D 408 19.70 29.36 -5.89
C PRO D 408 21.13 29.76 -5.54
N LEU D 409 21.91 28.78 -5.11
CA LEU D 409 23.30 28.97 -4.71
C LEU D 409 24.19 28.36 -5.79
N ILE D 410 25.03 29.20 -6.40
CA ILE D 410 25.82 28.84 -7.56
C ILE D 410 27.28 28.68 -7.10
N PRO D 411 27.82 27.48 -7.05
CA PRO D 411 29.24 27.32 -6.71
C PRO D 411 30.13 27.90 -7.81
N SER D 412 31.32 28.33 -7.39
CA SER D 412 32.34 28.82 -8.31
C SER D 412 33.65 28.12 -8.02
N PHE D 413 34.44 27.92 -9.07
CA PHE D 413 35.67 27.15 -8.92
C PHE D 413 36.91 27.89 -9.41
N MET D 414 36.79 28.70 -10.46
CA MET D 414 37.94 29.45 -10.96
C MET D 414 37.98 30.86 -10.38
N LEU E 16 19.80 -33.06 -48.81
CA LEU E 16 18.77 -32.05 -48.68
C LEU E 16 18.61 -31.61 -47.23
N LEU E 17 17.83 -32.38 -46.47
CA LEU E 17 17.56 -32.12 -45.05
C LEU E 17 16.95 -30.73 -44.93
N ASP E 18 17.55 -29.81 -44.18
CA ASP E 18 16.98 -28.47 -44.03
C ASP E 18 17.12 -27.70 -45.34
N LYS E 19 16.03 -27.09 -45.78
CA LYS E 19 16.02 -26.30 -47.01
C LYS E 19 16.04 -24.82 -46.60
N LYS E 20 15.90 -23.93 -47.58
CA LYS E 20 16.09 -22.50 -47.35
C LYS E 20 14.82 -21.84 -46.82
N TRP E 21 13.97 -22.61 -46.15
CA TRP E 21 12.84 -22.03 -45.43
C TRP E 21 13.31 -21.02 -44.39
N LEU E 22 14.53 -21.19 -43.88
CA LEU E 22 15.07 -20.27 -42.88
C LEU E 22 15.19 -18.86 -43.45
N THR E 23 15.65 -18.74 -44.70
CA THR E 23 15.76 -17.42 -45.32
C THR E 23 14.40 -16.76 -45.45
N PHE E 24 13.39 -17.53 -45.85
CA PHE E 24 12.03 -17.00 -45.98
C PHE E 24 11.45 -16.66 -44.62
N VAL E 69 -9.33 -8.57 -39.07
CA VAL E 69 -10.05 -9.42 -40.00
C VAL E 69 -9.09 -10.40 -40.67
N LEU E 70 -8.03 -9.86 -41.28
CA LEU E 70 -7.04 -10.70 -41.93
C LEU E 70 -6.33 -11.61 -40.93
N GLU E 71 -6.01 -11.07 -39.75
CA GLU E 71 -5.34 -11.86 -38.72
C GLU E 71 -6.22 -13.01 -38.26
N ILE E 72 -7.50 -12.76 -38.05
CA ILE E 72 -8.41 -13.82 -37.64
C ILE E 72 -8.56 -14.86 -38.76
N VAL E 73 -8.68 -14.40 -40.00
CA VAL E 73 -8.81 -15.32 -41.13
C VAL E 73 -7.54 -16.15 -41.30
N THR E 74 -6.37 -15.51 -41.21
CA THR E 74 -5.12 -16.22 -41.44
C THR E 74 -4.94 -17.35 -40.43
N ALA E 75 -5.33 -17.12 -39.17
CA ALA E 75 -5.21 -18.17 -38.16
C ALA E 75 -6.13 -19.35 -38.48
N SER E 76 -7.28 -19.08 -39.09
CA SER E 76 -8.25 -20.15 -39.34
C SER E 76 -7.70 -21.17 -40.33
N ILE E 77 -7.20 -20.72 -41.47
CA ILE E 77 -6.68 -21.65 -42.48
C ILE E 77 -5.39 -22.29 -42.00
N LEU E 78 -4.47 -21.48 -41.44
CA LEU E 78 -3.16 -22.01 -41.08
C LEU E 78 -3.27 -23.08 -40.00
N TRP E 79 -4.10 -22.86 -38.99
CA TRP E 79 -4.36 -23.93 -38.02
C TRP E 79 -5.15 -25.07 -38.65
N GLY E 80 -6.17 -24.74 -39.45
CA GLY E 80 -6.98 -25.78 -40.06
C GLY E 80 -6.20 -26.64 -41.04
N TYR E 81 -5.43 -26.00 -41.93
CA TYR E 81 -4.64 -26.77 -42.89
C TYR E 81 -3.62 -27.65 -42.19
N LEU E 82 -3.01 -27.14 -41.12
CA LEU E 82 -1.99 -27.90 -40.40
C LEU E 82 -2.62 -29.05 -39.60
N TRP E 83 -3.79 -28.81 -39.01
CA TRP E 83 -4.43 -29.84 -38.19
C TRP E 83 -5.05 -30.94 -39.03
N LYS E 84 -5.67 -30.59 -40.15
CA LYS E 84 -6.25 -31.61 -41.03
C LYS E 84 -5.17 -32.47 -41.68
N THR E 85 -3.99 -31.90 -41.94
CA THR E 85 -2.92 -32.61 -42.61
C THR E 85 -2.02 -33.36 -41.63
N ARG E 86 -2.53 -33.69 -40.44
CA ARG E 86 -1.75 -34.42 -39.47
C ARG E 86 -1.54 -35.87 -39.92
N ASP E 87 -0.38 -36.43 -39.57
CA ASP E 87 -0.06 -37.80 -39.94
C ASP E 87 -0.65 -38.75 -38.91
N ARG E 88 -1.63 -39.54 -39.34
CA ARG E 88 -2.28 -40.47 -38.42
C ARG E 88 -1.36 -41.65 -38.08
N ASN E 89 -0.62 -42.14 -39.07
CA ASN E 89 0.30 -43.27 -38.87
C ASN E 89 1.66 -42.71 -38.46
N LEU E 90 1.73 -42.24 -37.22
CA LEU E 90 2.96 -41.66 -36.70
C LEU E 90 4.02 -42.72 -36.40
N ALA E 91 3.61 -43.94 -36.07
CA ALA E 91 4.58 -44.98 -35.75
C ALA E 91 5.43 -45.35 -36.95
N ALA E 92 4.80 -45.49 -38.13
CA ALA E 92 5.52 -45.86 -39.35
C ALA E 92 6.23 -44.62 -39.90
N LEU E 93 7.29 -44.24 -39.22
CA LEU E 93 8.03 -43.01 -39.52
C LEU E 93 9.53 -43.29 -39.37
N THR E 94 10.24 -43.27 -40.50
CA THR E 94 11.67 -43.55 -40.47
C THR E 94 12.43 -42.41 -39.80
N PRO E 95 13.52 -42.73 -39.10
CA PRO E 95 14.31 -41.66 -38.46
C PRO E 95 14.88 -40.65 -39.43
N ARG E 96 15.23 -41.05 -40.65
CA ARG E 96 15.78 -40.10 -41.61
C ARG E 96 14.78 -39.01 -41.97
N GLU E 97 13.52 -39.38 -42.21
CA GLU E 97 12.52 -38.38 -42.52
C GLU E 97 12.13 -37.60 -41.27
N GLU E 98 12.30 -38.22 -40.10
CA GLU E 98 12.07 -37.50 -38.85
C GLU E 98 12.96 -36.26 -38.76
N LEU E 99 14.26 -36.45 -38.96
CA LEU E 99 15.19 -35.32 -38.85
C LEU E 99 14.88 -34.24 -39.88
N ARG E 100 14.51 -34.64 -41.10
CA ARG E 100 14.05 -33.68 -42.09
C ARG E 100 12.79 -32.98 -41.61
N ARG E 101 11.84 -33.74 -41.05
CA ARG E 101 10.64 -33.13 -40.49
C ARG E 101 10.95 -32.38 -39.20
N ASN E 102 11.94 -32.83 -38.43
CA ASN E 102 12.22 -32.23 -37.14
C ASN E 102 12.87 -30.86 -37.28
N PHE E 103 13.59 -30.62 -38.38
CA PHE E 103 14.10 -29.28 -38.65
C PHE E 103 12.96 -28.28 -38.87
N THR E 104 11.94 -28.68 -39.64
CA THR E 104 10.87 -27.74 -39.96
C THR E 104 10.17 -27.25 -38.70
N HIS E 105 10.10 -28.08 -37.66
CA HIS E 105 9.58 -27.61 -36.38
C HIS E 105 10.48 -26.51 -35.80
N LEU E 106 11.80 -26.69 -35.90
CA LEU E 106 12.72 -25.67 -35.43
C LEU E 106 12.59 -24.39 -36.25
N VAL E 107 12.27 -24.51 -37.54
CA VAL E 107 12.05 -23.33 -38.37
C VAL E 107 10.86 -22.55 -37.85
N TRP E 108 9.80 -23.25 -37.43
CA TRP E 108 8.64 -22.56 -36.85
C TRP E 108 9.02 -21.86 -35.56
N LEU E 109 9.86 -22.50 -34.74
CA LEU E 109 10.33 -21.84 -33.52
C LEU E 109 11.17 -20.61 -33.84
N VAL E 110 12.03 -20.70 -34.86
CA VAL E 110 12.81 -19.55 -35.29
C VAL E 110 11.88 -18.45 -35.78
N ALA E 111 10.87 -18.81 -36.56
CA ALA E 111 9.87 -17.84 -37.00
C ALA E 111 9.09 -17.29 -35.80
N TYR E 112 8.92 -18.10 -34.76
CA TYR E 112 8.24 -17.62 -33.56
C TYR E 112 9.11 -16.63 -32.79
N ALA E 113 10.40 -16.93 -32.65
CA ALA E 113 11.29 -16.00 -31.98
C ALA E 113 11.38 -14.68 -32.74
N TRP E 114 11.44 -14.74 -34.07
CA TRP E 114 11.42 -13.54 -34.87
C TRP E 114 10.15 -12.74 -34.64
N ALA E 115 9.01 -13.43 -34.58
CA ALA E 115 7.74 -12.74 -34.38
C ALA E 115 7.61 -12.18 -32.97
N ILE E 116 8.10 -12.91 -31.96
CA ILE E 116 8.10 -12.38 -30.60
C ILE E 116 9.02 -11.16 -30.50
N TYR E 117 10.20 -11.26 -31.11
CA TYR E 117 11.12 -10.14 -31.14
C TYR E 117 10.53 -8.95 -31.90
N TRP E 118 9.92 -9.20 -33.06
CA TRP E 118 9.33 -8.13 -33.84
C TRP E 118 8.08 -7.56 -33.18
N GLY E 119 7.46 -8.31 -32.26
CA GLY E 119 6.25 -7.85 -31.62
C GLY E 119 6.47 -7.26 -30.24
N ALA E 120 7.28 -7.94 -29.42
CA ALA E 120 7.48 -7.54 -28.04
C ALA E 120 8.69 -6.65 -27.84
N SER E 121 9.46 -6.36 -28.87
CA SER E 121 10.60 -5.46 -28.72
C SER E 121 10.49 -4.20 -29.55
N TYR E 122 10.27 -4.34 -30.86
CA TYR E 122 10.23 -3.16 -31.72
C TYR E 122 8.90 -2.41 -31.59
N PHE E 123 7.85 -3.08 -31.13
CA PHE E 123 6.52 -2.48 -31.16
C PHE E 123 5.97 -2.13 -29.78
N THR E 124 6.36 -2.83 -28.71
CA THR E 124 5.88 -2.45 -27.39
C THR E 124 6.53 -1.16 -26.92
N GLU E 125 7.86 -1.05 -27.06
CA GLU E 125 8.52 0.21 -26.75
C GLU E 125 8.24 1.27 -27.79
N GLN E 126 7.74 0.90 -28.97
CA GLN E 126 7.31 1.88 -29.93
C GLN E 126 6.24 2.79 -29.35
N ASP E 127 5.31 2.22 -28.59
CA ASP E 127 4.36 3.03 -27.84
C ASP E 127 5.06 3.81 -26.73
N GLY E 128 6.20 3.30 -26.24
CA GLY E 128 6.95 4.04 -25.24
C GLY E 128 7.48 5.36 -25.76
N THR E 129 7.93 5.37 -27.02
CA THR E 129 8.33 6.63 -27.64
C THR E 129 7.13 7.53 -27.89
N TRP E 130 5.95 6.94 -28.08
CA TRP E 130 4.73 7.70 -28.33
C TRP E 130 4.28 8.43 -27.07
N LEU E 150 -1.40 -5.83 -34.32
CA LEU E 150 -0.88 -6.49 -35.52
C LEU E 150 0.18 -7.52 -35.15
N SER E 151 1.29 -7.04 -34.59
CA SER E 151 2.40 -7.93 -34.25
C SER E 151 2.00 -8.96 -33.19
N TYR E 152 1.17 -8.55 -32.23
CA TYR E 152 0.69 -9.51 -31.24
C TYR E 152 -0.10 -10.63 -31.90
N PRO E 153 -1.11 -10.38 -32.76
CA PRO E 153 -1.73 -11.51 -33.47
C PRO E 153 -0.78 -12.27 -34.36
N ILE E 154 0.21 -11.61 -34.99
CA ILE E 154 1.15 -12.35 -35.83
C ILE E 154 1.91 -13.39 -35.01
N TYR E 155 2.48 -12.98 -33.88
CA TYR E 155 3.22 -13.98 -33.12
C TYR E 155 2.29 -14.96 -32.41
N ILE E 156 1.05 -14.57 -32.13
CA ILE E 156 0.07 -15.53 -31.61
C ILE E 156 -0.15 -16.65 -32.62
N ILE E 157 -0.39 -16.27 -33.87
CA ILE E 157 -0.62 -17.25 -34.92
C ILE E 157 0.61 -18.12 -35.12
N THR E 158 1.80 -17.50 -35.13
CA THR E 158 3.02 -18.28 -35.33
C THR E 158 3.23 -19.28 -34.19
N GLY E 159 3.01 -18.85 -32.95
CA GLY E 159 3.20 -19.76 -31.83
C GLY E 159 2.22 -20.91 -31.83
N PHE E 160 0.94 -20.63 -32.09
CA PHE E 160 -0.04 -21.72 -32.10
C PHE E 160 0.20 -22.65 -33.29
N ALA E 161 0.65 -22.10 -34.42
CA ALA E 161 0.98 -22.95 -35.56
C ALA E 161 2.16 -23.86 -35.24
N ALA E 162 3.18 -23.33 -34.56
CA ALA E 162 4.29 -24.18 -34.15
C ALA E 162 3.83 -25.25 -33.18
N PHE E 163 2.92 -24.90 -32.27
CA PHE E 163 2.38 -25.89 -31.33
C PHE E 163 1.67 -27.01 -32.08
N ILE E 164 0.79 -26.65 -33.01
CA ILE E 164 0.05 -27.67 -33.75
C ILE E 164 1.00 -28.53 -34.58
N TYR E 165 1.99 -27.90 -35.22
CA TYR E 165 2.95 -28.67 -36.01
C TYR E 165 3.68 -29.67 -35.14
N ALA E 166 4.20 -29.23 -33.99
CA ALA E 166 4.90 -30.15 -33.10
C ALA E 166 3.97 -31.29 -32.68
N LYS E 167 2.78 -30.95 -32.20
CA LYS E 167 1.87 -31.96 -31.66
C LYS E 167 1.50 -32.99 -32.72
N THR E 168 1.20 -32.55 -33.95
CA THR E 168 0.75 -33.47 -34.97
C THR E 168 1.91 -34.19 -35.63
N ARG E 169 2.80 -33.45 -36.29
CA ARG E 169 3.85 -34.09 -37.07
C ARG E 169 4.90 -34.77 -36.18
N LEU E 170 5.20 -34.16 -35.03
CA LEU E 170 6.38 -34.75 -34.42
C LEU E 170 5.98 -35.84 -33.43
N PRO E 171 6.76 -36.93 -33.38
CA PRO E 171 6.73 -37.80 -32.20
C PRO E 171 7.45 -37.11 -31.04
N PHE E 172 7.27 -37.68 -29.85
CA PHE E 172 7.82 -37.15 -28.60
C PHE E 172 7.13 -35.84 -28.23
N PHE E 173 6.28 -35.32 -29.10
CA PHE E 173 5.41 -34.21 -28.78
C PHE E 173 3.93 -34.57 -28.81
N ALA E 174 3.58 -35.70 -29.42
CA ALA E 174 2.21 -36.19 -29.41
C ALA E 174 1.95 -36.87 -28.09
N LYS E 175 0.83 -37.62 -28.00
CA LYS E 175 0.40 -38.36 -26.83
C LYS E 175 0.51 -37.56 -25.54
N GLY E 176 0.40 -36.23 -25.64
CA GLY E 176 0.51 -35.38 -24.48
C GLY E 176 0.86 -33.95 -24.82
N ILE E 177 0.31 -33.01 -24.05
CA ILE E 177 0.59 -31.59 -24.24
C ILE E 177 1.79 -31.22 -23.38
N SER E 178 2.80 -30.62 -24.01
CA SER E 178 3.99 -30.20 -23.28
C SER E 178 3.67 -28.97 -22.45
N LEU E 179 3.95 -29.04 -21.15
CA LEU E 179 3.66 -27.90 -20.28
C LEU E 179 4.47 -26.66 -20.62
N PRO E 180 5.81 -26.71 -20.74
CA PRO E 180 6.53 -25.50 -21.12
C PRO E 180 6.17 -24.98 -22.50
N TYR E 181 5.93 -25.88 -23.45
CA TYR E 181 5.55 -25.44 -24.79
C TYR E 181 4.20 -24.73 -24.76
N LEU E 182 3.24 -25.29 -24.01
CA LEU E 182 1.94 -24.66 -23.87
C LEU E 182 2.04 -23.31 -23.20
N VAL E 183 2.87 -23.21 -22.16
CA VAL E 183 3.05 -21.93 -21.46
C VAL E 183 3.66 -20.90 -22.42
N LEU E 184 4.68 -21.30 -23.18
CA LEU E 184 5.30 -20.38 -24.12
C LEU E 184 4.33 -19.93 -25.19
N VAL E 185 3.45 -20.82 -25.63
CA VAL E 185 2.46 -20.43 -26.64
C VAL E 185 1.41 -19.49 -26.05
N VAL E 186 0.97 -19.77 -24.83
CA VAL E 186 -0.20 -19.09 -24.28
C VAL E 186 0.14 -17.75 -23.65
N GLY E 187 1.23 -17.67 -22.88
CA GLY E 187 1.59 -16.47 -22.17
C GLY E 187 1.65 -15.23 -23.05
N PRO E 188 2.58 -15.22 -24.01
CA PRO E 188 2.60 -14.12 -24.98
C PRO E 188 1.30 -13.97 -25.75
N PHE E 189 0.56 -15.05 -25.97
CA PHE E 189 -0.75 -14.93 -26.60
C PHE E 189 -1.70 -14.11 -25.72
N MET E 190 -1.78 -14.45 -24.45
CA MET E 190 -2.68 -13.76 -23.53
C MET E 190 -2.20 -12.36 -23.19
N ILE E 191 -0.93 -12.05 -23.45
CA ILE E 191 -0.41 -10.69 -23.32
C ILE E 191 -1.26 -9.73 -24.14
N GLY E 218 0.59 -4.73 -16.08
CA GLY E 218 0.04 -6.06 -15.87
C GLY E 218 0.69 -7.11 -16.74
N PHE E 219 1.28 -6.67 -17.85
CA PHE E 219 1.93 -7.59 -18.77
C PHE E 219 3.28 -8.07 -18.24
N VAL E 220 3.75 -7.51 -17.13
CA VAL E 220 5.02 -7.95 -16.56
C VAL E 220 4.93 -9.42 -16.14
N ILE E 221 3.86 -9.79 -15.45
CA ILE E 221 3.70 -11.18 -15.03
C ILE E 221 3.59 -12.09 -16.24
N PHE E 222 2.96 -11.60 -17.31
CA PHE E 222 2.75 -12.42 -18.50
C PHE E 222 4.02 -12.54 -19.34
N GLY E 223 4.87 -11.51 -19.33
CA GLY E 223 6.10 -11.58 -20.11
C GLY E 223 7.12 -12.57 -19.59
N TRP E 224 7.00 -12.96 -18.32
CA TRP E 224 7.85 -14.02 -17.78
C TRP E 224 7.51 -15.38 -18.39
N LEU E 225 6.27 -15.55 -18.85
CA LEU E 225 5.87 -16.84 -19.40
C LEU E 225 6.62 -17.18 -20.68
N ALA E 226 7.28 -16.21 -21.30
CA ALA E 226 8.13 -16.50 -22.44
C ALA E 226 9.44 -17.15 -22.04
N LEU E 227 9.75 -17.21 -20.74
CA LEU E 227 10.91 -17.97 -20.28
C LEU E 227 10.74 -19.46 -20.45
N ALA E 228 9.53 -19.93 -20.77
CA ALA E 228 9.27 -21.35 -20.98
C ALA E 228 9.95 -21.82 -22.25
N VAL E 229 10.53 -20.89 -23.01
CA VAL E 229 11.30 -21.25 -24.18
C VAL E 229 12.47 -22.15 -23.79
N MET E 230 12.95 -22.07 -22.56
CA MET E 230 14.04 -22.95 -22.13
C MET E 230 13.59 -24.41 -22.07
N GLY E 231 12.43 -24.66 -21.45
CA GLY E 231 11.88 -26.00 -21.46
C GLY E 231 11.52 -26.45 -22.86
N THR E 232 10.97 -25.54 -23.67
CA THR E 232 10.72 -25.84 -25.07
C THR E 232 11.98 -26.29 -25.79
N LEU E 233 13.09 -25.58 -25.55
CA LEU E 233 14.32 -25.85 -26.27
C LEU E 233 14.94 -27.17 -25.83
N THR E 234 14.90 -27.46 -24.53
CA THR E 234 15.43 -28.75 -24.08
C THR E 234 14.56 -29.90 -24.57
N GLN E 235 13.24 -29.70 -24.65
CA GLN E 235 12.37 -30.73 -25.22
C GLN E 235 12.65 -30.94 -26.70
N THR E 236 12.87 -29.85 -27.44
CA THR E 236 13.21 -29.98 -28.85
C THR E 236 14.55 -30.70 -29.03
N PHE E 237 15.51 -30.43 -28.16
CA PHE E 237 16.78 -31.13 -28.22
C PHE E 237 16.60 -32.63 -27.95
N TYR E 238 15.75 -32.97 -26.98
CA TYR E 238 15.44 -34.38 -26.75
C TYR E 238 14.78 -35.00 -27.97
N SER E 239 13.90 -34.25 -28.63
CA SER E 239 13.27 -34.75 -29.85
C SER E 239 14.31 -35.00 -30.94
N PHE E 240 15.28 -34.10 -31.07
CA PHE E 240 16.38 -34.31 -32.01
C PHE E 240 17.18 -35.56 -31.65
N ALA E 241 17.48 -35.75 -30.37
CA ALA E 241 18.31 -36.87 -29.91
C ALA E 241 17.48 -38.13 -29.68
N GLN E 242 16.76 -38.57 -30.70
CA GLN E 242 15.98 -39.79 -30.64
C GLN E 242 16.56 -40.87 -31.55
N GLY E 243 16.74 -40.56 -32.83
CA GLY E 243 17.37 -41.47 -33.75
C GLY E 243 18.71 -40.96 -34.24
N GLY E 244 18.85 -39.63 -34.27
CA GLY E 244 20.07 -39.01 -34.75
C GLY E 244 21.02 -38.64 -33.63
N LEU E 245 20.86 -39.30 -32.47
CA LEU E 245 21.78 -39.07 -31.37
C LEU E 245 23.20 -39.48 -31.73
N GLY E 246 23.35 -40.60 -32.42
CA GLY E 246 24.66 -41.07 -32.84
C GLY E 246 24.63 -41.73 -34.20
N GLN E 247 25.75 -42.31 -34.61
CA GLN E 247 26.93 -42.38 -33.76
C GLN E 247 27.94 -41.30 -34.15
N SER E 248 28.40 -40.55 -33.15
CA SER E 248 29.21 -39.35 -33.28
C SER E 248 29.18 -38.58 -31.97
N LEU E 249 27.99 -38.08 -31.62
CA LEU E 249 27.81 -37.46 -30.32
C LEU E 249 27.99 -38.50 -29.21
N CYS E 250 28.56 -38.05 -28.09
CA CYS E 250 28.93 -38.93 -26.97
C CYS E 250 30.00 -39.93 -27.39
N GLU E 251 30.66 -39.69 -28.52
CA GLU E 251 31.78 -40.51 -28.97
C GLU E 251 32.85 -39.66 -29.64
N LEU F 16 -37.01 -49.69 5.38
CA LEU F 16 -36.80 -48.54 6.25
C LEU F 16 -35.70 -47.65 5.70
N LEU F 17 -34.45 -47.99 6.01
CA LEU F 17 -33.26 -47.26 5.57
C LEU F 17 -33.38 -45.82 6.07
N ASP F 18 -33.37 -44.81 5.21
CA ASP F 18 -33.48 -43.43 5.67
C ASP F 18 -34.88 -43.16 6.18
N LYS F 19 -34.98 -42.55 7.36
CA LYS F 19 -36.24 -42.20 7.98
C LYS F 19 -36.46 -40.70 7.78
N LYS F 20 -37.51 -40.16 8.40
CA LYS F 20 -37.92 -38.79 8.15
C LYS F 20 -37.14 -37.79 9.01
N TRP F 21 -35.94 -38.18 9.43
CA TRP F 21 -35.05 -37.22 10.09
C TRP F 21 -34.77 -36.02 9.20
N LEU F 22 -34.84 -36.20 7.87
CA LEU F 22 -34.60 -35.10 6.96
C LEU F 22 -35.63 -33.99 7.14
N THR F 23 -36.89 -34.35 7.33
CA THR F 23 -37.93 -33.34 7.55
C THR F 23 -37.66 -32.56 8.84
N PHE F 24 -37.25 -33.23 9.89
CA PHE F 24 -36.93 -32.58 11.16
C PHE F 24 -35.68 -31.72 11.02
N VAL F 69 -24.62 -19.16 26.77
CA VAL F 69 -24.75 -20.14 27.83
C VAL F 69 -25.38 -21.42 27.29
N LEU F 70 -26.56 -21.28 26.66
CA LEU F 70 -27.23 -22.43 26.09
C LEU F 70 -26.42 -23.05 24.97
N GLU F 71 -25.79 -22.22 24.13
CA GLU F 71 -24.97 -22.73 23.04
C GLU F 71 -23.79 -23.53 23.56
N ILE F 72 -23.12 -23.02 24.59
CA ILE F 72 -21.99 -23.75 25.19
C ILE F 72 -22.46 -25.05 25.82
N VAL F 73 -23.60 -25.00 26.53
CA VAL F 73 -24.14 -26.21 27.17
C VAL F 73 -24.53 -27.23 26.12
N THR F 74 -25.22 -26.79 25.07
CA THR F 74 -25.72 -27.72 24.06
C THR F 74 -24.58 -28.48 23.40
N ALA F 75 -23.46 -27.80 23.14
CA ALA F 75 -22.32 -28.46 22.53
C ALA F 75 -21.74 -29.52 23.46
N SER F 76 -21.81 -29.29 24.78
CA SER F 76 -21.20 -30.22 25.73
C SER F 76 -21.88 -31.58 25.70
N ILE F 77 -23.21 -31.61 25.81
CA ILE F 77 -23.92 -32.88 25.82
C ILE F 77 -23.90 -33.52 24.44
N LEU F 78 -24.14 -32.73 23.38
CA LEU F 78 -24.25 -33.30 22.05
C LEU F 78 -22.94 -33.96 21.61
N TRP F 79 -21.81 -33.29 21.87
CA TRP F 79 -20.52 -33.93 21.61
C TRP F 79 -20.27 -35.08 22.58
N GLY F 80 -20.58 -34.87 23.86
CA GLY F 80 -20.35 -35.90 24.86
C GLY F 80 -21.20 -37.15 24.62
N TYR F 81 -22.49 -36.96 24.37
CA TYR F 81 -23.36 -38.11 24.13
C TYR F 81 -22.92 -38.87 22.87
N LEU F 82 -22.51 -38.14 21.84
CA LEU F 82 -22.11 -38.78 20.60
C LEU F 82 -20.77 -39.49 20.74
N TRP F 83 -19.84 -38.90 21.49
CA TRP F 83 -18.52 -39.49 21.62
C TRP F 83 -18.52 -40.70 22.55
N LYS F 84 -19.29 -40.63 23.65
CA LYS F 84 -19.37 -41.78 24.56
C LYS F 84 -20.09 -42.96 23.90
N THR F 85 -21.04 -42.69 23.01
CA THR F 85 -21.83 -43.75 22.36
C THR F 85 -21.15 -44.26 21.09
N ARG F 86 -19.84 -44.11 20.97
CA ARG F 86 -19.13 -44.61 19.80
C ARG F 86 -19.08 -46.12 19.81
N ASP F 87 -19.12 -46.71 18.62
CA ASP F 87 -19.08 -48.16 18.49
C ASP F 87 -17.64 -48.63 18.48
N ARG F 88 -17.25 -49.36 19.54
CA ARG F 88 -15.88 -49.84 19.64
C ARG F 88 -15.60 -50.96 18.66
N ASN F 89 -16.56 -51.85 18.47
CA ASN F 89 -16.41 -52.99 17.55
C ASN F 89 -16.89 -52.54 16.17
N LEU F 90 -16.07 -51.71 15.52
CA LEU F 90 -16.42 -51.20 14.20
C LEU F 90 -16.28 -52.24 13.11
N ALA F 91 -15.38 -53.22 13.29
CA ALA F 91 -15.19 -54.24 12.26
C ALA F 91 -16.43 -55.10 12.09
N ALA F 92 -17.05 -55.52 13.19
CA ALA F 92 -18.24 -56.37 13.14
C ALA F 92 -19.46 -55.51 12.82
N LEU F 93 -19.51 -55.09 11.55
CA LEU F 93 -20.53 -54.15 11.07
C LEU F 93 -20.99 -54.60 9.69
N THR F 94 -22.24 -55.06 9.60
CA THR F 94 -22.77 -55.53 8.33
C THR F 94 -22.97 -54.37 7.37
N PRO F 95 -22.78 -54.60 6.06
CA PRO F 95 -22.99 -53.53 5.08
C PRO F 95 -24.41 -52.98 5.07
N ARG F 96 -25.42 -53.81 5.34
CA ARG F 96 -26.80 -53.32 5.33
C ARG F 96 -27.02 -52.26 6.39
N GLU F 97 -26.52 -52.49 7.61
CA GLU F 97 -26.68 -51.50 8.67
C GLU F 97 -25.76 -50.30 8.42
N GLU F 98 -24.66 -50.52 7.71
CA GLU F 98 -23.79 -49.42 7.31
C GLU F 98 -24.56 -48.38 6.51
N LEU F 99 -25.26 -48.81 5.46
CA LEU F 99 -25.99 -47.88 4.62
C LEU F 99 -27.07 -47.15 5.42
N ARG F 100 -27.76 -47.86 6.30
CA ARG F 100 -28.71 -47.21 7.20
C ARG F 100 -27.99 -46.20 8.10
N ARG F 101 -26.83 -46.58 8.64
CA ARG F 101 -26.04 -45.64 9.43
C ARG F 101 -25.40 -44.58 8.57
N ASN F 102 -25.06 -44.91 7.32
CA ASN F 102 -24.34 -43.97 6.47
C ASN F 102 -25.24 -42.84 5.99
N PHE F 103 -26.56 -43.09 5.90
CA PHE F 103 -27.49 -41.99 5.60
C PHE F 103 -27.51 -40.96 6.72
N THR F 104 -27.53 -41.42 7.98
CA THR F 104 -27.63 -40.48 9.09
C THR F 104 -26.47 -39.51 9.11
N HIS F 105 -25.29 -39.93 8.66
CA HIS F 105 -24.19 -39.00 8.52
C HIS F 105 -24.50 -37.94 7.47
N LEU F 106 -25.11 -38.33 6.36
CA LEU F 106 -25.52 -37.36 5.34
C LEU F 106 -26.59 -36.42 5.87
N VAL F 107 -27.46 -36.91 6.77
CA VAL F 107 -28.46 -36.03 7.38
C VAL F 107 -27.78 -34.95 8.20
N TRP F 108 -26.70 -35.31 8.90
CA TRP F 108 -25.95 -34.30 9.66
C TRP F 108 -25.32 -33.28 8.72
N LEU F 109 -24.80 -33.74 7.59
CA LEU F 109 -24.25 -32.81 6.60
C LEU F 109 -25.34 -31.89 6.04
N VAL F 110 -26.52 -32.45 5.77
CA VAL F 110 -27.63 -31.62 5.31
C VAL F 110 -28.02 -30.61 6.38
N ALA F 111 -28.05 -31.05 7.64
CA ALA F 111 -28.31 -30.11 8.73
C ALA F 111 -27.19 -29.10 8.87
N TYR F 112 -25.96 -29.49 8.50
CA TYR F 112 -24.85 -28.56 8.54
C TYR F 112 -24.96 -27.53 7.42
N ALA F 113 -25.34 -27.95 6.22
CA ALA F 113 -25.52 -27.01 5.12
C ALA F 113 -26.65 -26.03 5.44
N TRP F 114 -27.74 -26.54 6.02
CA TRP F 114 -28.82 -25.66 6.45
C TRP F 114 -28.34 -24.65 7.47
N ALA F 115 -27.53 -25.09 8.42
CA ALA F 115 -27.03 -24.19 9.46
C ALA F 115 -26.01 -23.20 8.91
N ILE F 116 -25.16 -23.62 7.98
CA ILE F 116 -24.24 -22.68 7.34
C ILE F 116 -25.01 -21.66 6.52
N TYR F 117 -26.01 -22.13 5.76
CA TYR F 117 -26.85 -21.24 4.99
C TYR F 117 -27.63 -20.29 5.90
N TRP F 118 -28.21 -20.80 6.98
CA TRP F 118 -28.96 -19.95 7.90
C TRP F 118 -28.06 -19.02 8.69
N GLY F 119 -26.77 -19.32 8.77
CA GLY F 119 -25.86 -18.50 9.54
C GLY F 119 -25.04 -17.54 8.70
N ALA F 120 -24.50 -18.04 7.60
CA ALA F 120 -23.60 -17.24 6.76
C ALA F 120 -24.31 -16.53 5.61
N SER F 121 -25.61 -16.71 5.44
CA SER F 121 -26.31 -16.01 4.37
C SER F 121 -27.39 -15.08 4.90
N TYR F 122 -28.31 -15.60 5.72
CA TYR F 122 -29.41 -14.77 6.19
C TYR F 122 -28.99 -13.82 7.31
N PHE F 123 -27.89 -14.14 7.99
CA PHE F 123 -27.52 -13.37 9.18
C PHE F 123 -26.28 -12.52 9.02
N THR F 124 -25.33 -12.89 8.16
CA THR F 124 -24.17 -12.04 7.95
C THR F 124 -24.54 -10.78 7.17
N GLU F 125 -25.29 -10.93 6.09
CA GLU F 125 -25.78 -9.76 5.37
C GLU F 125 -26.90 -9.06 6.14
N GLN F 126 -27.49 -9.71 7.14
CA GLN F 126 -28.45 -9.03 7.99
C GLN F 126 -27.80 -7.83 8.67
N ASP F 127 -26.55 -7.98 9.12
CA ASP F 127 -25.80 -6.83 9.60
C ASP F 127 -25.49 -5.85 8.47
N GLY F 128 -25.43 -6.33 7.23
CA GLY F 128 -25.22 -5.45 6.10
C GLY F 128 -26.35 -4.46 5.92
N THR F 129 -27.59 -4.93 6.12
CA THR F 129 -28.73 -4.02 6.09
C THR F 129 -28.71 -3.07 7.28
N TRP F 130 -28.13 -3.50 8.40
CA TRP F 130 -28.04 -2.69 9.60
C TRP F 130 -27.07 -1.53 9.40
N LEU F 150 -25.32 -16.30 17.60
CA LEU F 150 -26.29 -17.38 17.69
C LEU F 150 -26.12 -18.39 16.56
N SER F 151 -26.32 -17.93 15.33
CA SER F 151 -26.23 -18.82 14.18
C SER F 151 -24.82 -19.38 14.01
N TYR F 152 -23.81 -18.56 14.28
CA TYR F 152 -22.44 -19.07 14.22
C TYR F 152 -22.21 -20.21 15.20
N PRO F 153 -22.54 -20.09 16.50
CA PRO F 153 -22.45 -21.27 17.37
C PRO F 153 -23.33 -22.42 16.93
N ILE F 154 -24.52 -22.16 16.38
CA ILE F 154 -25.38 -23.27 15.94
C ILE F 154 -24.68 -24.10 14.87
N TYR F 155 -24.16 -23.44 13.83
CA TYR F 155 -23.52 -24.25 12.80
C TYR F 155 -22.16 -24.78 13.26
N ILE F 156 -21.51 -24.14 14.22
CA ILE F 156 -20.30 -24.71 14.81
C ILE F 156 -20.62 -26.04 15.46
N ILE F 157 -21.68 -26.06 16.29
CA ILE F 157 -22.08 -27.28 16.97
C ILE F 157 -22.49 -28.35 15.96
N THR F 158 -23.25 -27.95 14.94
CA THR F 158 -23.69 -28.92 13.95
C THR F 158 -22.51 -29.53 13.20
N GLY F 159 -21.53 -28.70 12.81
CA GLY F 159 -20.38 -29.22 12.09
C GLY F 159 -19.53 -30.14 12.94
N PHE F 160 -19.27 -29.76 14.18
CA PHE F 160 -18.44 -30.63 15.02
C PHE F 160 -19.18 -31.91 15.36
N ALA F 161 -20.51 -31.85 15.52
CA ALA F 161 -21.28 -33.05 15.76
C ALA F 161 -21.23 -33.98 14.56
N ALA F 162 -21.33 -33.43 13.34
CA ALA F 162 -21.19 -34.26 12.15
C ALA F 162 -19.81 -34.88 12.07
N PHE F 163 -18.77 -34.12 12.45
CA PHE F 163 -17.42 -34.64 12.45
C PHE F 163 -17.29 -35.82 13.41
N ILE F 164 -17.80 -35.66 14.64
CA ILE F 164 -17.70 -36.73 15.61
C ILE F 164 -18.50 -37.94 15.17
N TYR F 165 -19.69 -37.72 14.61
CA TYR F 165 -20.49 -38.83 14.13
C TYR F 165 -19.76 -39.61 13.06
N ALA F 166 -19.22 -38.91 12.06
CA ALA F 166 -18.47 -39.59 11.01
C ALA F 166 -17.31 -40.37 11.59
N LYS F 167 -16.48 -39.72 12.41
CA LYS F 167 -15.28 -40.35 12.93
C LYS F 167 -15.61 -41.59 13.76
N THR F 168 -16.64 -41.52 14.61
CA THR F 168 -16.93 -42.65 15.48
C THR F 168 -17.74 -43.72 14.76
N ARG F 169 -18.95 -43.38 14.31
CA ARG F 169 -19.83 -44.39 13.75
C ARG F 169 -19.33 -44.89 12.40
N LEU F 170 -18.77 -44.01 11.58
CA LEU F 170 -18.57 -44.55 10.25
C LEU F 170 -17.20 -45.18 10.10
N PRO F 171 -17.12 -46.29 9.37
CA PRO F 171 -15.84 -46.72 8.82
C PRO F 171 -15.46 -45.82 7.65
N PHE F 172 -14.20 -45.94 7.23
CA PHE F 172 -13.62 -45.13 6.15
C PHE F 172 -13.48 -43.67 6.59
N PHE F 173 -13.99 -43.34 7.78
CA PHE F 173 -13.72 -42.06 8.41
C PHE F 173 -12.95 -42.18 9.71
N ALA F 174 -12.89 -43.37 10.29
CA ALA F 174 -12.09 -43.62 11.49
C ALA F 174 -10.63 -43.79 11.06
N LYS F 175 -9.80 -44.28 11.99
CA LYS F 175 -8.38 -44.53 11.79
C LYS F 175 -7.65 -43.38 11.10
N GLY F 176 -8.17 -42.16 11.27
CA GLY F 176 -7.57 -41.01 10.64
C GLY F 176 -8.51 -39.83 10.52
N ILE F 177 -7.98 -38.62 10.64
CA ILE F 177 -8.77 -37.40 10.52
C ILE F 177 -8.75 -36.96 9.06
N SER F 178 -9.93 -36.77 8.49
CA SER F 178 -10.03 -36.32 7.10
C SER F 178 -9.64 -34.86 7.01
N LEU F 179 -8.68 -34.55 6.14
CA LEU F 179 -8.25 -33.15 6.00
C LEU F 179 -9.34 -32.24 5.48
N PRO F 180 -10.02 -32.53 4.35
CA PRO F 180 -11.09 -31.63 3.93
C PRO F 180 -12.24 -31.53 4.91
N TYR F 181 -12.59 -32.64 5.57
CA TYR F 181 -13.67 -32.60 6.55
C TYR F 181 -13.29 -31.74 7.74
N LEU F 182 -12.04 -31.85 8.20
CA LEU F 182 -11.57 -31.03 9.30
C LEU F 182 -11.54 -29.56 8.91
N VAL F 183 -11.10 -29.26 7.68
CA VAL F 183 -11.08 -27.87 7.22
C VAL F 183 -12.49 -27.31 7.16
N LEU F 184 -13.43 -28.09 6.62
CA LEU F 184 -14.82 -27.63 6.54
C LEU F 184 -15.41 -27.39 7.92
N VAL F 185 -15.06 -28.24 8.89
CA VAL F 185 -15.57 -28.05 10.24
C VAL F 185 -14.96 -26.83 10.91
N VAL F 186 -13.65 -26.62 10.71
CA VAL F 186 -12.92 -25.62 11.49
C VAL F 186 -13.05 -24.22 10.90
N GLY F 187 -12.93 -24.07 9.58
CA GLY F 187 -12.94 -22.77 8.95
C GLY F 187 -14.13 -21.91 9.34
N PRO F 188 -15.34 -22.36 8.98
CA PRO F 188 -16.53 -21.65 9.45
C PRO F 188 -16.63 -21.55 10.96
N PHE F 189 -16.09 -22.52 11.69
CA PHE F 189 -16.05 -22.40 13.15
C PHE F 189 -15.20 -21.20 13.58
N MET F 190 -14.00 -21.10 13.03
CA MET F 190 -13.09 -20.02 13.40
C MET F 190 -13.54 -18.68 12.84
N ILE F 191 -14.43 -18.67 11.85
CA ILE F 191 -15.05 -17.44 11.36
C ILE F 191 -15.67 -16.66 12.52
N GLY F 218 -11.73 -9.69 7.13
CA GLY F 218 -10.83 -10.78 7.49
C GLY F 218 -11.45 -12.14 7.32
N PHE F 219 -12.79 -12.18 7.35
CA PHE F 219 -13.50 -13.43 7.19
C PHE F 219 -13.51 -13.92 5.74
N VAL F 220 -13.02 -13.11 4.81
CA VAL F 220 -12.96 -13.54 3.41
C VAL F 220 -12.06 -14.75 3.26
N ILE F 221 -10.88 -14.71 3.87
CA ILE F 221 -9.96 -15.85 3.78
C ILE F 221 -10.58 -17.08 4.44
N PHE F 222 -11.34 -16.87 5.51
CA PHE F 222 -11.92 -17.99 6.25
C PHE F 222 -13.14 -18.57 5.53
N GLY F 223 -13.89 -17.74 4.80
CA GLY F 223 -15.06 -18.24 4.09
C GLY F 223 -14.74 -19.16 2.94
N TRP F 224 -13.51 -19.09 2.42
CA TRP F 224 -13.09 -20.04 1.40
C TRP F 224 -12.93 -21.44 1.96
N LEU F 225 -12.68 -21.57 3.26
CA LEU F 225 -12.48 -22.89 3.86
C LEU F 225 -13.75 -23.73 3.80
N ALA F 226 -14.91 -23.13 3.54
CA ALA F 226 -16.12 -23.90 3.33
C ALA F 226 -16.15 -24.59 1.97
N LEU F 227 -15.21 -24.27 1.07
CA LEU F 227 -15.09 -25.01 -0.18
C LEU F 227 -14.61 -26.43 0.03
N ALA F 228 -14.15 -26.78 1.24
CA ALA F 228 -13.70 -28.14 1.53
C ALA F 228 -14.88 -29.10 1.54
N VAL F 229 -16.09 -28.56 1.41
CA VAL F 229 -17.28 -29.39 1.28
C VAL F 229 -17.18 -30.29 0.05
N MET F 230 -16.40 -29.89 -0.96
CA MET F 230 -16.23 -30.74 -2.13
C MET F 230 -15.45 -32.01 -1.79
N GLY F 231 -14.34 -31.87 -1.08
CA GLY F 231 -13.62 -33.04 -0.61
C GLY F 231 -14.44 -33.86 0.37
N THR F 232 -15.17 -33.18 1.25
CA THR F 232 -16.09 -33.88 2.14
C THR F 232 -17.09 -34.72 1.36
N LEU F 233 -17.66 -34.15 0.29
CA LEU F 233 -18.71 -34.83 -0.45
C LEU F 233 -18.15 -36.02 -1.23
N THR F 234 -16.96 -35.86 -1.82
CA THR F 234 -16.37 -37.00 -2.53
C THR F 234 -15.97 -38.10 -1.56
N GLN F 235 -15.51 -37.73 -0.35
CA GLN F 235 -15.21 -38.74 0.65
C GLN F 235 -16.47 -39.46 1.12
N THR F 236 -17.57 -38.72 1.30
CA THR F 236 -18.83 -39.35 1.68
C THR F 236 -19.33 -40.28 0.58
N PHE F 237 -19.14 -39.90 -0.68
CA PHE F 237 -19.52 -40.78 -1.78
C PHE F 237 -18.69 -42.05 -1.79
N TYR F 238 -17.38 -41.94 -1.52
CA TYR F 238 -16.55 -43.12 -1.38
C TYR F 238 -17.03 -44.00 -0.22
N SER F 239 -17.43 -43.37 0.88
CA SER F 239 -17.97 -44.14 2.01
C SER F 239 -19.24 -44.88 1.62
N PHE F 240 -20.10 -44.24 0.83
CA PHE F 240 -21.30 -44.91 0.32
C PHE F 240 -20.91 -46.08 -0.58
N ALA F 241 -19.94 -45.89 -1.46
CA ALA F 241 -19.55 -46.91 -2.43
C ALA F 241 -18.53 -47.89 -1.85
N GLN F 242 -18.89 -48.51 -0.72
CA GLN F 242 -18.03 -49.51 -0.08
C GLN F 242 -18.65 -50.90 -0.19
N GLY F 243 -19.89 -51.05 0.28
CA GLY F 243 -20.60 -52.30 0.15
C GLY F 243 -21.79 -52.19 -0.78
N GLY F 244 -22.36 -50.98 -0.86
CA GLY F 244 -23.52 -50.75 -1.70
C GLY F 244 -23.17 -50.19 -3.07
N LEU F 245 -21.92 -50.41 -3.49
CA LEU F 245 -21.52 -49.97 -4.82
C LEU F 245 -22.31 -50.69 -5.90
N GLY F 246 -22.54 -51.99 -5.72
CA GLY F 246 -23.30 -52.76 -6.68
C GLY F 246 -24.17 -53.83 -6.01
N GLN F 247 -24.80 -54.67 -6.82
CA GLN F 247 -24.62 -54.63 -8.26
C GLN F 247 -25.78 -53.92 -8.94
N SER F 248 -25.43 -52.97 -9.80
CA SER F 248 -26.35 -52.02 -10.43
C SER F 248 -25.54 -50.87 -11.01
N LEU F 249 -24.89 -50.11 -10.14
CA LEU F 249 -23.96 -49.07 -10.59
C LEU F 249 -22.78 -49.72 -11.29
N CYS F 250 -22.28 -49.03 -12.32
CA CYS F 250 -21.22 -49.54 -13.19
C CYS F 250 -21.67 -50.78 -13.96
N GLU F 251 -22.99 -51.01 -13.99
CA GLU F 251 -23.57 -52.11 -14.76
C GLU F 251 -24.90 -51.69 -15.37
N LEU G 16 38.96 -38.88 28.95
CA LEU G 16 39.16 -37.56 28.37
C LEU G 16 37.89 -37.08 27.68
N LEU G 17 37.70 -37.49 26.44
CA LEU G 17 36.54 -37.13 25.62
C LEU G 17 36.50 -35.61 25.51
N ASP G 18 35.42 -34.95 25.93
CA ASP G 18 35.35 -33.49 25.82
C ASP G 18 36.32 -32.86 26.82
N LYS G 19 37.10 -31.89 26.34
CA LYS G 19 38.05 -31.18 27.17
C LYS G 19 37.46 -29.80 27.47
N LYS G 20 38.24 -28.94 28.12
CA LYS G 20 37.74 -27.67 28.62
C LYS G 20 37.73 -26.59 27.54
N TRP G 21 37.67 -27.00 26.27
CA TRP G 21 37.46 -26.04 25.20
C TRP G 21 36.17 -25.24 25.40
N LEU G 22 35.19 -25.82 26.10
CA LEU G 22 33.94 -25.13 26.36
C LEU G 22 34.16 -23.87 27.19
N THR G 23 35.02 -23.94 28.19
CA THR G 23 35.31 -22.77 29.01
C THR G 23 35.96 -21.67 28.18
N PHE G 24 36.88 -22.02 27.30
CA PHE G 24 37.52 -21.06 26.42
C PHE G 24 36.54 -20.50 25.40
N VAL G 69 39.88 -5.43 8.38
CA VAL G 69 41.16 -5.98 7.96
C VAL G 69 41.46 -7.25 8.76
N LEU G 70 41.43 -7.13 10.09
CA LEU G 70 41.69 -8.29 10.94
C LEU G 70 40.62 -9.36 10.75
N GLU G 71 39.36 -8.95 10.61
CA GLU G 71 38.27 -9.91 10.41
C GLU G 71 38.44 -10.67 9.10
N ILE G 72 38.80 -9.97 8.03
CA ILE G 72 39.03 -10.63 6.75
C ILE G 72 40.23 -11.58 6.85
N VAL G 73 41.30 -11.12 7.49
CA VAL G 73 42.50 -11.96 7.63
C VAL G 73 42.20 -13.19 8.46
N THR G 74 41.49 -13.01 9.59
CA THR G 74 41.22 -14.12 10.49
C THR G 74 40.44 -15.22 9.79
N ALA G 75 39.48 -14.84 8.94
CA ALA G 75 38.70 -15.84 8.22
C ALA G 75 39.58 -16.62 7.24
N SER G 76 40.59 -15.97 6.68
CA SER G 76 41.42 -16.62 5.67
C SER G 76 42.20 -17.80 6.26
N ILE G 77 42.91 -17.58 7.36
CA ILE G 77 43.69 -18.66 7.98
C ILE G 77 42.78 -19.71 8.60
N LEU G 78 41.75 -19.26 9.34
CA LEU G 78 40.91 -20.21 10.06
C LEU G 78 40.20 -21.17 9.11
N TRP G 79 39.65 -20.64 8.01
CA TRP G 79 39.08 -21.53 6.99
C TRP G 79 40.17 -22.32 6.28
N GLY G 80 41.28 -21.66 5.94
CA GLY G 80 42.35 -22.35 5.25
C GLY G 80 42.99 -23.46 6.06
N TYR G 81 43.32 -23.16 7.33
CA TYR G 81 43.92 -24.18 8.19
C TYR G 81 42.97 -25.35 8.40
N LEU G 82 41.68 -25.07 8.54
CA LEU G 82 40.72 -26.13 8.79
C LEU G 82 40.46 -26.96 7.53
N TRP G 83 40.45 -26.31 6.35
CA TRP G 83 40.17 -27.02 5.12
C TRP G 83 41.36 -27.85 4.66
N LYS G 84 42.58 -27.32 4.80
CA LYS G 84 43.77 -28.08 4.43
C LYS G 84 43.99 -29.28 5.34
N THR G 85 43.59 -29.17 6.61
CA THR G 85 43.79 -30.25 7.58
C THR G 85 42.63 -31.24 7.61
N ARG G 86 41.89 -31.34 6.51
CA ARG G 86 40.79 -32.29 6.44
C ARG G 86 41.32 -33.71 6.36
N ASP G 87 40.57 -34.64 6.96
CA ASP G 87 40.96 -36.05 6.96
C ASP G 87 40.47 -36.71 5.68
N ARG G 88 41.41 -37.10 4.82
CA ARG G 88 41.04 -37.73 3.56
C ARG G 88 40.52 -39.14 3.77
N ASN G 89 41.12 -39.89 4.69
CA ASN G 89 40.71 -41.26 4.98
C ASN G 89 39.65 -41.22 6.08
N LEU G 90 38.44 -40.79 5.68
CA LEU G 90 37.35 -40.67 6.63
C LEU G 90 36.76 -42.02 7.01
N ALA G 91 36.84 -43.02 6.12
CA ALA G 91 36.28 -44.33 6.42
C ALA G 91 37.02 -45.00 7.58
N ALA G 92 38.34 -44.94 7.59
CA ALA G 92 39.14 -45.55 8.64
C ALA G 92 39.12 -44.66 9.88
N LEU G 93 37.97 -44.67 10.54
CA LEU G 93 37.71 -43.80 11.68
C LEU G 93 36.96 -44.58 12.74
N THR G 94 37.62 -44.84 13.87
CA THR G 94 36.99 -45.61 14.93
C THR G 94 35.87 -44.81 15.60
N PRO G 95 34.80 -45.47 16.05
CA PRO G 95 33.72 -44.75 16.73
C PRO G 95 34.16 -44.03 17.99
N ARG G 96 35.13 -44.55 18.73
CA ARG G 96 35.57 -43.88 19.95
C ARG G 96 36.17 -42.51 19.65
N GLU G 97 37.01 -42.42 18.62
CA GLU G 97 37.59 -41.12 18.27
C GLU G 97 36.54 -40.24 17.62
N GLU G 98 35.54 -40.85 16.99
CA GLU G 98 34.43 -40.07 16.43
C GLU G 98 33.76 -39.23 17.51
N LEU G 99 33.37 -39.87 18.62
CA LEU G 99 32.68 -39.15 19.69
C LEU G 99 33.56 -38.05 20.26
N ARG G 100 34.86 -38.32 20.43
CA ARG G 100 35.79 -37.27 20.83
C ARG G 100 35.83 -36.16 19.80
N ARG G 101 35.88 -36.52 18.51
CA ARG G 101 35.84 -35.51 17.46
C ARG G 101 34.46 -34.89 17.33
N ASN G 102 33.41 -35.66 17.63
CA ASN G 102 32.05 -35.17 17.43
C ASN G 102 31.66 -34.13 18.47
N PHE G 103 32.27 -34.18 19.66
CA PHE G 103 32.06 -33.12 20.63
C PHE G 103 32.62 -31.78 20.14
N THR G 104 33.81 -31.80 19.54
CA THR G 104 34.44 -30.56 19.11
C THR G 104 33.58 -29.81 18.10
N HIS G 105 32.82 -30.55 17.28
CA HIS G 105 31.87 -29.90 16.39
C HIS G 105 30.78 -29.18 17.19
N LEU G 106 30.30 -29.83 18.27
CA LEU G 106 29.31 -29.18 19.12
C LEU G 106 29.89 -27.96 19.82
N VAL G 107 31.18 -27.99 20.14
CA VAL G 107 31.82 -26.82 20.75
C VAL G 107 31.80 -25.66 19.77
N TRP G 108 32.02 -25.92 18.48
CA TRP G 108 31.93 -24.87 17.48
C TRP G 108 30.52 -24.31 17.39
N LEU G 109 29.51 -25.19 17.48
CA LEU G 109 28.13 -24.72 17.49
C LEU G 109 27.84 -23.88 18.72
N VAL G 110 28.35 -24.29 19.88
CA VAL G 110 28.18 -23.49 21.09
C VAL G 110 28.88 -22.15 20.93
N ALA G 111 30.08 -22.15 20.36
CA ALA G 111 30.76 -20.88 20.08
C ALA G 111 29.99 -20.08 19.04
N TYR G 112 29.28 -20.75 18.14
CA TYR G 112 28.46 -20.03 17.16
C TYR G 112 27.24 -19.41 17.81
N ALA G 113 26.58 -20.13 18.71
CA ALA G 113 25.43 -19.57 19.41
C ALA G 113 25.85 -18.39 20.28
N TRP G 114 27.00 -18.50 20.94
CA TRP G 114 27.53 -17.37 21.71
C TRP G 114 27.78 -16.18 20.81
N ALA G 115 28.35 -16.42 19.62
CA ALA G 115 28.64 -15.32 18.72
C ALA G 115 27.38 -14.72 18.10
N ILE G 116 26.38 -15.55 17.79
CA ILE G 116 25.11 -15.02 17.31
C ILE G 116 24.43 -14.21 18.40
N TYR G 117 24.43 -14.75 19.63
CA TYR G 117 23.87 -14.02 20.76
C TYR G 117 24.62 -12.72 21.02
N TRP G 118 25.95 -12.77 20.99
CA TRP G 118 26.73 -11.56 21.23
C TRP G 118 26.64 -10.58 20.07
N GLY G 119 26.23 -11.03 18.90
CA GLY G 119 26.14 -10.16 17.75
C GLY G 119 24.74 -9.67 17.45
N ALA G 120 23.77 -10.56 17.50
CA ALA G 120 22.40 -10.23 17.13
C ALA G 120 21.53 -9.83 18.31
N SER G 121 22.05 -9.85 19.53
CA SER G 121 21.25 -9.42 20.67
C SER G 121 21.84 -8.22 21.39
N TYR G 122 23.10 -8.30 21.79
CA TYR G 122 23.69 -7.20 22.55
C TYR G 122 24.08 -6.03 21.65
N PHE G 123 24.26 -6.26 20.35
CA PHE G 123 24.78 -5.24 19.47
C PHE G 123 23.77 -4.67 18.48
N THR G 124 22.77 -5.46 18.06
CA THR G 124 21.77 -4.90 17.15
C THR G 124 20.87 -3.91 17.87
N GLU G 125 20.37 -4.29 19.06
CA GLU G 125 19.59 -3.34 19.84
C GLU G 125 20.47 -2.27 20.47
N GLN G 126 21.79 -2.48 20.50
CA GLN G 126 22.68 -1.41 20.94
C GLN G 126 22.51 -0.17 20.07
N ASP G 127 22.36 -0.36 18.76
CA ASP G 127 22.00 0.76 17.89
C ASP G 127 20.59 1.25 18.18
N GLY G 128 19.73 0.38 18.70
CA GLY G 128 18.39 0.83 19.08
C GLY G 128 18.40 1.85 20.19
N THR G 129 19.30 1.68 21.17
CA THR G 129 19.47 2.71 22.19
C THR G 129 20.09 3.97 21.62
N TRP G 130 20.89 3.84 20.57
CA TRP G 130 21.54 4.97 19.93
C TRP G 130 20.52 5.84 19.20
N LEU G 150 31.69 -5.60 13.45
CA LEU G 150 32.60 -6.43 14.23
C LEU G 150 31.96 -7.76 14.60
N SER G 151 30.88 -7.70 15.38
CA SER G 151 30.22 -8.91 15.85
C SER G 151 29.64 -9.71 14.68
N TYR G 152 29.11 -9.01 13.67
CA TYR G 152 28.61 -9.71 12.49
C TYR G 152 29.72 -10.51 11.80
N PRO G 153 30.88 -9.92 11.47
CA PRO G 153 31.98 -10.76 10.95
C PRO G 153 32.44 -11.84 11.92
N ILE G 154 32.43 -11.59 13.22
CA ILE G 154 32.85 -12.62 14.17
C ILE G 154 31.96 -13.85 14.06
N TYR G 155 30.64 -13.66 14.11
CA TYR G 155 29.79 -14.84 14.02
C TYR G 155 29.75 -15.41 12.61
N ILE G 156 30.01 -14.59 11.59
CA ILE G 156 30.15 -15.13 10.23
C ILE G 156 31.30 -16.12 10.17
N ILE G 157 32.45 -15.71 10.70
CA ILE G 157 33.63 -16.56 10.70
C ILE G 157 33.37 -17.81 11.53
N THR G 158 32.75 -17.66 12.69
CA THR G 158 32.49 -18.82 13.54
C THR G 158 31.55 -19.81 12.85
N GLY G 159 30.50 -19.31 12.20
CA GLY G 159 29.57 -20.20 11.52
C GLY G 159 30.20 -20.93 10.35
N PHE G 160 30.96 -20.21 9.53
CA PHE G 160 31.58 -20.88 8.39
C PHE G 160 32.66 -21.85 8.84
N ALA G 161 33.36 -21.53 9.94
CA ALA G 161 34.34 -22.46 10.48
C ALA G 161 33.67 -23.73 10.99
N ALA G 162 32.53 -23.58 11.68
CA ALA G 162 31.79 -24.77 12.12
C ALA G 162 31.31 -25.58 10.93
N PHE G 163 30.87 -24.91 9.86
CA PHE G 163 30.45 -25.62 8.66
C PHE G 163 31.60 -26.43 8.07
N ILE G 164 32.77 -25.80 7.92
CA ILE G 164 33.91 -26.50 7.34
C ILE G 164 34.34 -27.66 8.23
N TYR G 165 34.35 -27.44 9.55
CA TYR G 165 34.72 -28.51 10.47
C TYR G 165 33.79 -29.70 10.32
N ALA G 166 32.47 -29.45 10.34
CA ALA G 166 31.53 -30.54 10.17
C ALA G 166 31.75 -31.26 8.86
N LYS G 167 31.82 -30.51 7.76
CA LYS G 167 31.92 -31.13 6.44
C LYS G 167 33.18 -31.97 6.32
N THR G 168 34.31 -31.47 6.80
CA THR G 168 35.57 -32.20 6.63
C THR G 168 35.73 -33.30 7.66
N ARG G 169 35.79 -32.94 8.94
CA ARG G 169 36.09 -33.93 9.97
C ARG G 169 34.94 -34.91 10.17
N LEU G 170 33.70 -34.43 10.08
CA LEU G 170 32.72 -35.39 10.54
C LEU G 170 32.19 -36.26 9.40
N PRO G 171 31.97 -37.54 9.65
CA PRO G 171 31.08 -38.31 8.79
C PRO G 171 29.63 -37.91 9.03
N PHE G 172 28.76 -38.36 8.13
CA PHE G 172 27.34 -38.02 8.15
C PHE G 172 27.11 -36.56 7.84
N PHE G 173 28.19 -35.79 7.72
CA PHE G 173 28.12 -34.42 7.22
C PHE G 173 28.88 -34.24 5.91
N ALA G 174 29.76 -35.17 5.55
CA ALA G 174 30.45 -35.15 4.28
C ALA G 174 29.51 -35.67 3.20
N LYS G 175 30.06 -35.96 2.01
CA LYS G 175 29.33 -36.48 0.85
C LYS G 175 28.03 -35.73 0.59
N GLY G 176 27.97 -34.47 0.97
CA GLY G 176 26.77 -33.68 0.77
C GLY G 176 26.69 -32.47 1.67
N ILE G 177 26.11 -31.39 1.17
CA ILE G 177 25.93 -30.18 1.95
C ILE G 177 24.57 -30.23 2.63
N SER G 178 24.58 -30.05 3.95
CA SER G 178 23.33 -30.07 4.71
C SER G 178 22.55 -28.79 4.44
N LEU G 179 21.30 -28.92 4.02
CA LEU G 179 20.49 -27.74 3.74
C LEU G 179 20.23 -26.88 4.96
N PRO G 180 19.74 -27.41 6.09
CA PRO G 180 19.55 -26.53 7.25
C PRO G 180 20.85 -25.95 7.79
N TYR G 181 21.93 -26.72 7.76
CA TYR G 181 23.20 -26.20 8.23
C TYR G 181 23.69 -25.07 7.34
N LEU G 182 23.54 -25.23 6.03
CA LEU G 182 23.93 -24.17 5.10
C LEU G 182 23.07 -22.93 5.29
N VAL G 183 21.77 -23.11 5.50
CA VAL G 183 20.88 -21.96 5.73
C VAL G 183 21.29 -21.24 7.01
N LEU G 184 21.55 -21.99 8.08
CA LEU G 184 21.95 -21.37 9.34
C LEU G 184 23.26 -20.62 9.20
N VAL G 185 24.19 -21.15 8.41
CA VAL G 185 25.46 -20.46 8.22
C VAL G 185 25.27 -19.21 7.38
N VAL G 186 24.45 -19.27 6.33
CA VAL G 186 24.40 -18.21 5.34
C VAL G 186 23.48 -17.07 5.76
N GLY G 187 22.29 -17.37 6.29
CA GLY G 187 21.32 -16.36 6.62
C GLY G 187 21.86 -15.24 7.50
N PRO G 188 22.29 -15.58 8.72
CA PRO G 188 22.95 -14.58 9.56
C PRO G 188 24.20 -13.99 8.92
N PHE G 189 24.90 -14.74 8.08
CA PHE G 189 26.03 -14.17 7.34
C PHE G 189 25.57 -13.06 6.42
N MET G 190 24.54 -13.32 5.62
CA MET G 190 24.04 -12.33 4.67
C MET G 190 23.30 -11.19 5.36
N ILE G 191 22.89 -11.37 6.62
CA ILE G 191 22.34 -10.27 7.41
C ILE G 191 23.30 -9.08 7.42
N GLY G 218 14.61 -4.92 6.67
CA GLY G 218 14.88 -5.95 5.70
C GLY G 218 15.52 -7.19 6.30
N PHE G 219 16.16 -7.01 7.46
CA PHE G 219 16.80 -8.12 8.14
C PHE G 219 15.81 -9.03 8.82
N VAL G 220 14.53 -8.66 8.86
CA VAL G 220 13.52 -9.52 9.48
C VAL G 220 13.42 -10.84 8.74
N ILE G 221 13.36 -10.80 7.41
CA ILE G 221 13.28 -12.03 6.62
C ILE G 221 14.53 -12.86 6.83
N PHE G 222 15.68 -12.21 6.98
CA PHE G 222 16.94 -12.92 7.12
C PHE G 222 17.13 -13.50 8.52
N GLY G 223 16.57 -12.85 9.54
CA GLY G 223 16.70 -13.35 10.90
C GLY G 223 15.94 -14.64 11.15
N TRP G 224 14.94 -14.93 10.32
CA TRP G 224 14.24 -16.21 10.42
C TRP G 224 15.14 -17.37 10.00
N LEU G 225 16.14 -17.10 9.15
CA LEU G 225 17.00 -18.17 8.67
C LEU G 225 17.83 -18.79 9.79
N ALA G 226 17.93 -18.12 10.94
CA ALA G 226 18.58 -18.72 12.09
C ALA G 226 17.73 -19.79 12.76
N LEU G 227 16.46 -19.93 12.37
CA LEU G 227 15.65 -21.05 12.85
C LEU G 227 16.12 -22.39 12.31
N ALA G 228 17.01 -22.39 11.33
CA ALA G 228 17.53 -23.63 10.76
C ALA G 228 18.41 -24.34 11.77
N VAL G 229 18.67 -23.69 12.91
CA VAL G 229 19.40 -24.34 13.99
C VAL G 229 18.67 -25.58 14.47
N MET G 230 17.36 -25.66 14.28
CA MET G 230 16.62 -26.85 14.68
C MET G 230 17.00 -28.05 13.82
N GLY G 231 17.02 -27.86 12.50
CA GLY G 231 17.49 -28.92 11.62
C GLY G 231 18.96 -29.23 11.85
N THR G 232 19.77 -28.21 12.09
CA THR G 232 21.17 -28.43 12.45
C THR G 232 21.28 -29.30 13.69
N LEU G 233 20.46 -29.04 14.71
CA LEU G 233 20.57 -29.74 15.97
C LEU G 233 20.11 -31.19 15.83
N THR G 234 19.03 -31.43 15.08
CA THR G 234 18.59 -32.80 14.89
C THR G 234 19.60 -33.58 14.05
N GLN G 235 20.24 -32.92 13.07
CA GLN G 235 21.29 -33.59 12.30
C GLN G 235 22.50 -33.91 13.18
N THR G 236 22.87 -32.99 14.07
CA THR G 236 23.98 -33.26 14.97
C THR G 236 23.65 -34.41 15.92
N PHE G 237 22.40 -34.48 16.37
CA PHE G 237 21.98 -35.60 17.21
C PHE G 237 22.06 -36.92 16.46
N TYR G 238 21.65 -36.92 15.19
CA TYR G 238 21.80 -38.12 14.38
C TYR G 238 23.27 -38.49 14.22
N SER G 239 24.13 -37.49 14.06
CA SER G 239 25.57 -37.75 13.98
C SER G 239 26.09 -38.38 15.26
N PHE G 240 25.62 -37.89 16.41
CA PHE G 240 25.98 -38.50 17.69
C PHE G 240 25.49 -39.95 17.76
N ALA G 241 24.26 -40.20 17.33
CA ALA G 241 23.66 -41.52 17.44
C ALA G 241 24.02 -42.41 16.24
N GLN G 242 25.32 -42.57 16.01
CA GLN G 242 25.82 -43.44 14.93
C GLN G 242 26.51 -44.68 15.50
N GLY G 243 27.49 -44.47 16.36
CA GLY G 243 28.17 -45.58 17.03
C GLY G 243 27.92 -45.58 18.52
N GLY G 244 27.67 -44.39 19.07
CA GLY G 244 27.43 -44.25 20.50
C GLY G 244 25.96 -44.23 20.86
N LEU G 245 25.12 -44.76 19.96
CA LEU G 245 23.69 -44.85 20.26
C LEU G 245 23.44 -45.74 21.46
N GLY G 246 24.15 -46.87 21.54
CA GLY G 246 23.98 -47.77 22.66
C GLY G 246 25.30 -48.41 23.08
N GLN G 247 25.24 -49.37 24.01
CA GLN G 247 23.96 -49.82 24.54
C GLN G 247 23.68 -49.19 25.90
N SER G 248 22.47 -48.64 26.02
CA SER G 248 22.04 -47.81 27.15
C SER G 248 20.79 -47.05 26.73
N LEU G 249 20.93 -46.15 25.76
CA LEU G 249 19.78 -45.48 25.19
C LEU G 249 18.90 -46.49 24.48
N CYS G 250 17.59 -46.25 24.54
CA CYS G 250 16.57 -47.18 24.02
C CYS G 250 16.60 -48.51 24.77
N GLU G 251 17.25 -48.54 25.93
CA GLU G 251 17.28 -49.72 26.79
C GLU G 251 17.23 -49.31 28.26
N ALA H 7 -26.37 -55.74 2.84
CA ALA H 7 -25.84 -54.93 1.75
C ALA H 7 -26.95 -54.21 1.01
N VAL H 8 -27.14 -54.56 -0.25
CA VAL H 8 -28.18 -53.97 -1.09
C VAL H 8 -29.12 -55.08 -1.52
N ARG H 9 -30.41 -54.72 -1.67
CA ARG H 9 -31.42 -55.74 -1.96
C ARG H 9 -31.49 -56.07 -3.45
N SER H 10 -31.82 -55.07 -4.28
CA SER H 10 -32.05 -55.30 -5.69
C SER H 10 -31.54 -54.12 -6.49
N HIS H 11 -31.68 -54.22 -7.81
CA HIS H 11 -31.18 -53.17 -8.71
C HIS H 11 -32.02 -51.90 -8.61
N ALA H 12 -33.35 -52.05 -8.64
CA ALA H 12 -34.22 -50.88 -8.70
C ALA H 12 -34.11 -50.03 -7.44
N GLU H 13 -34.19 -50.67 -6.28
CA GLU H 13 -34.10 -49.90 -5.04
C GLU H 13 -32.70 -49.34 -4.84
N ALA H 14 -31.68 -49.98 -5.42
CA ALA H 14 -30.35 -49.38 -5.43
C ALA H 14 -30.34 -48.07 -6.21
N VAL H 15 -31.04 -48.04 -7.35
CA VAL H 15 -31.17 -46.81 -8.12
C VAL H 15 -31.94 -45.76 -7.31
N GLN H 16 -32.97 -46.20 -6.58
CA GLN H 16 -33.71 -45.27 -5.74
C GLN H 16 -32.81 -44.66 -4.65
N VAL H 17 -31.98 -45.50 -4.03
CA VAL H 17 -31.03 -45.00 -3.03
C VAL H 17 -30.05 -44.03 -3.66
N SER H 18 -29.56 -44.34 -4.87
CA SER H 18 -28.66 -43.43 -5.55
C SER H 18 -29.32 -42.09 -5.82
N ARG H 19 -30.59 -42.11 -6.22
CA ARG H 19 -31.32 -40.87 -6.47
C ARG H 19 -31.50 -40.07 -5.18
N THR H 20 -31.83 -40.74 -4.08
CA THR H 20 -31.98 -40.05 -2.80
C THR H 20 -30.67 -39.41 -2.37
N ILE H 21 -29.57 -40.13 -2.52
CA ILE H 21 -28.26 -39.58 -2.19
C ILE H 21 -27.93 -38.41 -3.10
N ASP H 22 -28.28 -38.51 -4.39
CA ASP H 22 -28.05 -37.41 -5.31
C ASP H 22 -28.76 -36.15 -4.84
N TRP H 23 -30.03 -36.29 -4.46
CA TRP H 23 -30.79 -35.13 -4.01
C TRP H 23 -30.21 -34.53 -2.73
N MET H 24 -29.89 -35.39 -1.76
CA MET H 24 -29.36 -34.89 -0.49
C MET H 24 -28.00 -34.22 -0.68
N ALA H 25 -27.13 -34.81 -1.49
CA ALA H 25 -25.82 -34.22 -1.74
C ALA H 25 -25.93 -32.92 -2.51
N LEU H 26 -26.86 -32.85 -3.47
CA LEU H 26 -27.09 -31.60 -4.17
C LEU H 26 -27.54 -30.52 -3.19
N PHE H 27 -28.44 -30.88 -2.28
CA PHE H 27 -28.87 -29.94 -1.25
C PHE H 27 -27.68 -29.42 -0.44
N VAL H 28 -26.87 -30.33 0.09
CA VAL H 28 -25.81 -29.92 1.00
C VAL H 28 -24.76 -29.08 0.27
N VAL H 29 -24.36 -29.51 -0.92
CA VAL H 29 -23.34 -28.76 -1.64
C VAL H 29 -23.88 -27.39 -2.07
N PHE H 30 -25.14 -27.34 -2.52
CA PHE H 30 -25.73 -26.09 -2.94
C PHE H 30 -25.78 -25.10 -1.79
N PHE H 31 -26.25 -25.53 -0.62
CA PHE H 31 -26.38 -24.59 0.48
C PHE H 31 -25.03 -24.17 1.06
N VAL H 32 -24.06 -25.09 1.14
CA VAL H 32 -22.75 -24.68 1.62
C VAL H 32 -22.12 -23.67 0.66
N ILE H 33 -22.26 -23.91 -0.65
CA ILE H 33 -21.73 -22.97 -1.63
C ILE H 33 -22.44 -21.62 -1.51
N VAL H 34 -23.76 -21.63 -1.33
CA VAL H 34 -24.49 -20.37 -1.15
C VAL H 34 -23.92 -19.60 0.02
N GLY H 35 -23.78 -20.26 1.17
CA GLY H 35 -23.30 -19.56 2.35
C GLY H 35 -21.90 -18.99 2.17
N SER H 36 -20.97 -19.83 1.72
CA SER H 36 -19.59 -19.39 1.62
C SER H 36 -19.42 -18.31 0.56
N TYR H 37 -20.03 -18.49 -0.61
CA TYR H 37 -19.86 -17.52 -1.69
C TYR H 37 -20.63 -16.24 -1.43
N HIS H 38 -21.72 -16.31 -0.66
CA HIS H 38 -22.40 -15.10 -0.23
C HIS H 38 -21.53 -14.32 0.74
N ILE H 39 -20.86 -15.00 1.69
CA ILE H 39 -19.85 -14.34 2.53
C ILE H 39 -18.80 -13.67 1.67
N HIS H 40 -18.24 -14.41 0.70
CA HIS H 40 -17.15 -13.86 -0.09
C HIS H 40 -17.59 -12.64 -0.87
N ALA H 41 -18.78 -12.71 -1.50
CA ALA H 41 -19.27 -11.59 -2.27
C ALA H 41 -19.53 -10.37 -1.41
N MET H 42 -20.18 -10.55 -0.26
CA MET H 42 -20.55 -9.38 0.55
C MET H 42 -19.36 -8.81 1.30
N LEU H 43 -18.34 -9.60 1.54
CA LEU H 43 -17.14 -9.10 2.21
C LEU H 43 -16.03 -8.75 1.22
N THR H 44 -16.27 -8.84 -0.07
CA THR H 44 -15.27 -8.40 -1.04
C THR H 44 -15.86 -7.42 -2.04
N MET H 45 -17.15 -7.52 -2.31
CA MET H 45 -17.80 -6.79 -3.39
C MET H 45 -19.08 -6.08 -2.95
N GLY H 46 -19.65 -6.41 -1.80
CA GLY H 46 -21.06 -6.17 -1.55
C GLY H 46 -21.53 -4.74 -1.76
N ASP H 47 -20.66 -3.76 -1.51
CA ASP H 47 -21.08 -2.36 -1.57
C ASP H 47 -21.68 -2.00 -2.93
N TRP H 48 -21.00 -2.37 -4.01
CA TRP H 48 -21.48 -2.02 -5.34
C TRP H 48 -22.82 -2.66 -5.64
N ASP H 49 -22.98 -3.94 -5.29
CA ASP H 49 -24.20 -4.66 -5.65
C ASP H 49 -25.42 -4.12 -4.93
N PHE H 50 -25.24 -3.46 -3.78
CA PHE H 50 -26.39 -3.04 -2.99
C PHE H 50 -27.23 -1.99 -3.72
N TRP H 51 -26.58 -1.00 -4.33
CA TRP H 51 -27.24 0.23 -4.72
C TRP H 51 -27.11 0.53 -6.20
N SER H 52 -28.20 1.00 -6.80
CA SER H 52 -28.22 1.31 -8.22
C SER H 52 -27.22 2.41 -8.58
N ASP H 53 -27.15 3.46 -7.75
CA ASP H 53 -26.18 4.52 -8.01
C ASP H 53 -24.75 4.04 -7.82
N TRP H 54 -24.55 2.99 -7.04
CA TRP H 54 -23.23 2.37 -6.95
C TRP H 54 -22.94 1.55 -8.18
N LYS H 55 -23.98 1.04 -8.85
CA LYS H 55 -23.80 0.22 -10.05
C LYS H 55 -23.37 1.11 -11.21
N ASP H 56 -22.11 1.52 -11.18
CA ASP H 56 -21.54 2.40 -12.19
C ASP H 56 -20.95 1.56 -13.33
N ARG H 57 -20.14 2.19 -14.19
CA ARG H 57 -19.58 1.50 -15.33
C ARG H 57 -18.08 1.26 -15.26
N ARG H 58 -17.36 1.93 -14.34
CA ARG H 58 -15.94 1.66 -14.19
C ARG H 58 -15.64 0.68 -13.07
N LEU H 59 -15.96 1.05 -11.83
CA LEU H 59 -15.58 0.21 -10.69
C LEU H 59 -16.46 -1.03 -10.61
N TRP H 60 -17.76 -0.89 -10.83
CA TRP H 60 -18.65 -2.05 -10.79
C TRP H 60 -18.23 -3.09 -11.82
N VAL H 61 -18.10 -2.64 -13.08
CA VAL H 61 -17.76 -3.54 -14.17
C VAL H 61 -16.38 -4.16 -13.95
N THR H 62 -15.43 -3.37 -13.44
CA THR H 62 -14.11 -3.92 -13.19
C THR H 62 -14.13 -4.96 -12.07
N VAL H 63 -14.73 -4.61 -10.93
CA VAL H 63 -14.53 -5.41 -9.72
C VAL H 63 -15.41 -6.65 -9.72
N THR H 64 -16.69 -6.53 -10.08
CA THR H 64 -17.62 -7.63 -9.79
C THR H 64 -17.22 -8.95 -10.46
N PRO H 65 -16.94 -9.02 -11.76
CA PRO H 65 -16.51 -10.32 -12.32
C PRO H 65 -15.21 -10.83 -11.74
N ILE H 66 -14.27 -9.93 -11.44
CA ILE H 66 -12.97 -10.36 -10.92
C ILE H 66 -13.13 -11.11 -9.62
N VAL H 67 -13.96 -10.60 -8.71
CA VAL H 67 -14.12 -11.22 -7.39
C VAL H 67 -15.26 -12.20 -7.36
N LEU H 68 -16.00 -12.37 -8.45
CA LEU H 68 -17.05 -13.37 -8.49
C LEU H 68 -16.76 -14.55 -9.40
N VAL H 69 -15.60 -14.56 -10.09
CA VAL H 69 -15.15 -15.79 -10.73
C VAL H 69 -14.46 -16.74 -9.77
N THR H 70 -14.25 -16.33 -8.52
CA THR H 70 -13.44 -17.12 -7.60
C THR H 70 -14.03 -18.50 -7.34
N PHE H 71 -15.19 -18.56 -6.70
CA PHE H 71 -15.82 -19.83 -6.38
C PHE H 71 -16.24 -20.62 -7.61
N PRO H 72 -16.81 -20.00 -8.66
CA PRO H 72 -17.13 -20.78 -9.85
C PRO H 72 -15.93 -21.53 -10.41
N ALA H 73 -14.74 -20.92 -10.39
CA ALA H 73 -13.55 -21.63 -10.86
C ALA H 73 -13.30 -22.88 -10.04
N ALA H 74 -13.30 -22.76 -8.72
CA ALA H 74 -13.02 -23.89 -7.84
C ALA H 74 -14.09 -24.98 -7.99
N VAL H 75 -15.35 -24.58 -8.02
CA VAL H 75 -16.43 -25.54 -8.06
C VAL H 75 -16.46 -26.25 -9.40
N GLN H 76 -16.13 -25.56 -10.49
CA GLN H 76 -15.94 -26.25 -11.76
C GLN H 76 -14.78 -27.23 -11.68
N SER H 77 -13.64 -26.78 -11.14
CA SER H 77 -12.47 -27.65 -11.04
C SER H 77 -12.79 -28.92 -10.28
N TYR H 78 -13.70 -28.85 -9.31
CA TYR H 78 -14.08 -30.06 -8.60
C TYR H 78 -15.14 -30.85 -9.36
N LEU H 79 -16.28 -30.23 -9.65
CA LEU H 79 -17.43 -30.96 -10.18
C LEU H 79 -17.13 -31.57 -11.54
N TRP H 80 -16.54 -30.79 -12.46
CA TRP H 80 -16.26 -31.34 -13.77
C TRP H 80 -15.29 -32.52 -13.68
N GLU H 81 -14.17 -32.31 -13.00
CA GLU H 81 -13.14 -33.35 -12.91
C GLU H 81 -13.63 -34.59 -12.20
N ARG H 82 -14.61 -34.46 -11.29
CA ARG H 82 -15.00 -35.59 -10.48
C ARG H 82 -16.31 -36.24 -10.89
N TYR H 83 -17.17 -35.56 -11.63
CA TYR H 83 -18.46 -36.15 -12.01
C TYR H 83 -18.90 -35.82 -13.43
N ARG H 84 -18.09 -35.09 -14.21
CA ARG H 84 -18.50 -34.60 -15.52
C ARG H 84 -19.82 -33.83 -15.42
N LEU H 85 -19.92 -32.97 -14.40
CA LEU H 85 -21.11 -32.16 -14.18
C LEU H 85 -20.79 -30.71 -14.53
N PRO H 86 -21.23 -30.22 -15.68
CA PRO H 86 -20.85 -28.87 -16.13
C PRO H 86 -21.81 -27.78 -15.67
N TRP H 87 -22.04 -27.70 -14.36
CA TRP H 87 -22.83 -26.59 -13.85
C TRP H 87 -22.30 -26.07 -12.52
N GLY H 88 -20.99 -26.14 -12.29
CA GLY H 88 -20.44 -25.58 -11.07
C GLY H 88 -20.60 -24.07 -11.00
N ALA H 89 -20.23 -23.38 -12.09
CA ALA H 89 -20.39 -21.93 -12.12
C ALA H 89 -21.86 -21.55 -12.05
N THR H 90 -22.71 -22.27 -12.78
CA THR H 90 -24.14 -21.97 -12.76
C THR H 90 -24.73 -22.15 -11.37
N VAL H 91 -24.35 -23.21 -10.66
CA VAL H 91 -24.92 -23.42 -9.33
C VAL H 91 -24.40 -22.37 -8.36
N CYS H 92 -23.13 -21.99 -8.48
CA CYS H 92 -22.61 -20.92 -7.62
C CYS H 92 -23.36 -19.62 -7.85
N VAL H 93 -23.56 -19.26 -9.12
CA VAL H 93 -24.23 -18.00 -9.44
C VAL H 93 -25.69 -18.04 -9.03
N LEU H 94 -26.37 -19.17 -9.24
CA LEU H 94 -27.76 -19.29 -8.84
C LEU H 94 -27.89 -19.19 -7.33
N GLY H 95 -26.95 -19.78 -6.59
CA GLY H 95 -26.99 -19.67 -5.15
C GLY H 95 -26.76 -18.25 -4.66
N LEU H 96 -25.78 -17.56 -5.24
CA LEU H 96 -25.58 -16.15 -4.89
C LEU H 96 -26.83 -15.35 -5.18
N LEU H 97 -27.43 -15.53 -6.36
CA LEU H 97 -28.61 -14.77 -6.71
C LEU H 97 -29.76 -15.07 -5.77
N LEU H 98 -29.92 -16.33 -5.37
CA LEU H 98 -30.99 -16.68 -4.45
C LEU H 98 -30.80 -15.99 -3.11
N GLY H 99 -29.58 -16.04 -2.56
CA GLY H 99 -29.33 -15.36 -1.30
C GLY H 99 -29.53 -13.86 -1.40
N GLU H 100 -28.97 -13.25 -2.44
CA GLU H 100 -29.14 -11.82 -2.69
C GLU H 100 -30.62 -11.46 -2.71
N TRP H 101 -31.41 -12.20 -3.49
CA TRP H 101 -32.79 -11.79 -3.72
C TRP H 101 -33.66 -12.02 -2.49
N ILE H 102 -33.47 -13.15 -1.78
CA ILE H 102 -34.27 -13.35 -0.58
C ILE H 102 -33.93 -12.29 0.46
N ASN H 103 -32.65 -11.89 0.54
CA ASN H 103 -32.31 -10.89 1.54
C ASN H 103 -32.80 -9.51 1.13
N ARG H 104 -32.77 -9.18 -0.16
CA ARG H 104 -33.35 -7.94 -0.62
C ARG H 104 -34.84 -7.87 -0.30
N TYR H 105 -35.56 -8.96 -0.57
CA TYR H 105 -37.00 -8.93 -0.41
C TYR H 105 -37.44 -9.03 1.04
N PHE H 106 -36.67 -9.68 1.91
CA PHE H 106 -37.11 -9.91 3.27
C PHE H 106 -36.47 -8.97 4.28
N ASN H 107 -35.33 -8.35 3.97
CA ASN H 107 -34.65 -7.49 4.91
C ASN H 107 -34.51 -6.06 4.40
N PHE H 108 -34.03 -5.88 3.17
CA PHE H 108 -33.95 -4.54 2.60
C PHE H 108 -35.34 -3.95 2.38
N TRP H 109 -36.25 -4.74 1.82
CA TRP H 109 -37.63 -4.31 1.62
C TRP H 109 -38.56 -4.74 2.75
N GLY H 110 -38.14 -5.68 3.59
CA GLY H 110 -38.99 -6.15 4.66
C GLY H 110 -38.87 -5.36 5.94
N TRP H 111 -37.67 -5.28 6.51
CA TRP H 111 -37.48 -4.53 7.74
C TRP H 111 -37.33 -3.04 7.46
N THR H 112 -36.30 -2.67 6.70
CA THR H 112 -36.24 -1.35 6.10
C THR H 112 -37.19 -1.36 4.90
N TYR H 113 -37.26 -0.25 4.17
CA TYR H 113 -38.15 -0.21 3.02
C TYR H 113 -37.46 0.39 1.81
N PHE H 114 -36.22 -0.03 1.57
CA PHE H 114 -35.54 0.33 0.34
C PHE H 114 -36.25 -0.33 -0.83
N PRO H 115 -36.61 0.42 -1.88
CA PRO H 115 -37.34 -0.18 -3.00
C PRO H 115 -36.51 -1.22 -3.72
N ILE H 116 -37.20 -2.20 -4.30
CA ILE H 116 -36.52 -3.29 -4.99
C ILE H 116 -35.77 -2.77 -6.21
N ASN H 117 -36.37 -1.85 -6.95
CA ASN H 117 -35.68 -1.29 -8.10
C ASN H 117 -34.45 -0.49 -7.70
N PHE H 118 -34.31 -0.17 -6.42
CA PHE H 118 -33.12 0.51 -5.92
C PHE H 118 -32.08 -0.48 -5.39
N VAL H 119 -32.51 -1.56 -4.74
CA VAL H 119 -31.56 -2.49 -4.14
C VAL H 119 -31.53 -3.82 -4.88
N PHE H 120 -31.85 -3.81 -6.17
CA PHE H 120 -31.79 -5.03 -6.94
C PHE H 120 -30.34 -5.49 -7.10
N PRO H 121 -30.09 -6.80 -7.07
CA PRO H 121 -28.72 -7.30 -7.24
C PRO H 121 -28.35 -7.42 -8.71
N ALA H 122 -27.08 -7.73 -8.94
CA ALA H 122 -26.59 -7.91 -10.29
C ALA H 122 -27.03 -9.26 -10.84
N SER H 123 -26.90 -9.42 -12.16
CA SER H 123 -27.24 -10.66 -12.84
C SER H 123 -25.98 -11.28 -13.41
N LEU H 124 -25.74 -12.56 -13.08
CA LEU H 124 -24.53 -13.24 -13.50
C LEU H 124 -24.80 -14.56 -14.24
N VAL H 125 -26.06 -14.90 -14.47
CA VAL H 125 -26.38 -16.15 -15.14
C VAL H 125 -25.78 -16.24 -16.53
N PRO H 126 -25.79 -15.19 -17.37
CA PRO H 126 -25.11 -15.32 -18.66
C PRO H 126 -23.63 -15.67 -18.54
N GLY H 127 -22.93 -15.03 -17.61
CA GLY H 127 -21.52 -15.34 -17.42
C GLY H 127 -21.32 -16.77 -16.95
N ALA H 128 -22.15 -17.22 -16.01
CA ALA H 128 -22.05 -18.59 -15.53
C ALA H 128 -22.32 -19.59 -16.64
N ILE H 129 -23.32 -19.32 -17.47
CA ILE H 129 -23.68 -20.23 -18.55
C ILE H 129 -22.54 -20.32 -19.56
N ILE H 130 -21.97 -19.17 -19.93
CA ILE H 130 -20.83 -19.19 -20.84
C ILE H 130 -19.67 -19.96 -20.23
N LEU H 131 -19.39 -19.73 -18.95
CA LEU H 131 -18.29 -20.42 -18.30
C LEU H 131 -18.48 -21.93 -18.32
N ASP H 132 -19.70 -22.39 -17.99
CA ASP H 132 -19.95 -23.82 -17.93
C ASP H 132 -19.94 -24.45 -19.32
N THR H 133 -20.55 -23.81 -20.32
CA THR H 133 -20.58 -24.38 -21.65
C THR H 133 -19.17 -24.44 -22.26
N VAL H 134 -18.37 -23.39 -22.03
CA VAL H 134 -16.99 -23.44 -22.50
C VAL H 134 -16.20 -24.50 -21.74
N LEU H 135 -16.52 -24.70 -20.46
CA LEU H 135 -15.85 -25.75 -19.71
C LEU H 135 -16.14 -27.13 -20.30
N MET H 136 -17.39 -27.38 -20.67
CA MET H 136 -17.72 -28.71 -21.15
C MET H 136 -17.25 -28.89 -22.60
N LEU H 137 -17.74 -28.05 -23.51
CA LEU H 137 -17.29 -28.12 -24.89
C LEU H 137 -15.81 -27.76 -24.94
N SER H 138 -15.00 -28.68 -25.48
CA SER H 138 -13.54 -28.56 -25.41
C SER H 138 -13.10 -28.47 -23.95
N GLY H 139 -13.26 -29.60 -23.26
CA GLY H 139 -13.16 -29.69 -21.82
C GLY H 139 -11.87 -29.23 -21.18
N SER H 140 -10.91 -28.77 -21.98
CA SER H 140 -9.63 -28.35 -21.44
C SER H 140 -9.78 -27.13 -20.55
N TYR H 141 -9.27 -27.27 -19.31
CA TYR H 141 -9.40 -26.23 -18.31
C TYR H 141 -8.68 -24.95 -18.73
N LEU H 142 -7.58 -25.08 -19.47
CA LEU H 142 -6.85 -23.88 -19.90
C LEU H 142 -7.65 -23.10 -20.93
N PHE H 143 -8.26 -23.80 -21.89
CA PHE H 143 -9.13 -23.09 -22.84
C PHE H 143 -10.32 -22.48 -22.11
N THR H 144 -10.83 -23.16 -21.09
CA THR H 144 -11.88 -22.54 -20.28
C THR H 144 -11.39 -21.24 -19.65
N ALA H 145 -10.26 -21.29 -18.94
CA ALA H 145 -9.74 -20.12 -18.26
C ALA H 145 -9.38 -19.01 -19.22
N ILE H 146 -9.11 -19.34 -20.48
CA ILE H 146 -8.74 -18.31 -21.44
C ILE H 146 -9.95 -17.70 -22.12
N VAL H 147 -10.93 -18.50 -22.53
CA VAL H 147 -12.05 -18.00 -23.33
C VAL H 147 -13.31 -17.81 -22.50
N GLY H 148 -13.67 -18.80 -21.67
CA GLY H 148 -14.85 -18.65 -20.85
C GLY H 148 -14.72 -17.56 -19.82
N ALA H 149 -13.53 -17.37 -19.27
CA ALA H 149 -13.30 -16.27 -18.34
C ALA H 149 -13.46 -14.92 -19.04
N MET H 150 -12.96 -14.81 -20.26
CA MET H 150 -13.21 -13.60 -21.03
C MET H 150 -14.69 -13.39 -21.29
N GLY H 151 -15.41 -14.46 -21.61
CA GLY H 151 -16.85 -14.34 -21.79
C GLY H 151 -17.55 -13.86 -20.54
N TRP H 152 -17.15 -14.42 -19.40
CA TRP H 152 -17.72 -14.01 -18.11
C TRP H 152 -17.45 -12.54 -17.84
N GLY H 153 -16.22 -12.09 -18.07
CA GLY H 153 -15.89 -10.70 -17.84
C GLY H 153 -16.60 -9.75 -18.79
N LEU H 154 -16.69 -10.13 -20.06
CA LEU H 154 -17.22 -9.23 -21.08
C LEU H 154 -18.73 -9.14 -21.04
N ILE H 155 -19.44 -10.25 -20.79
CA ILE H 155 -20.88 -10.23 -20.86
C ILE H 155 -21.53 -9.79 -19.56
N PHE H 156 -20.75 -9.47 -18.54
CA PHE H 156 -21.34 -9.04 -17.27
C PHE H 156 -22.08 -7.73 -17.43
N TYR H 157 -21.47 -6.75 -18.11
CA TYR H 157 -22.12 -5.44 -18.22
C TYR H 157 -23.28 -5.47 -19.22
N PRO H 158 -23.14 -5.98 -20.44
CA PRO H 158 -24.32 -6.12 -21.30
C PRO H 158 -25.36 -7.07 -20.75
N GLY H 159 -24.98 -7.98 -19.85
CA GLY H 159 -25.96 -8.82 -19.20
C GLY H 159 -26.90 -8.03 -18.29
N ASN H 160 -26.35 -7.09 -17.53
CA ASN H 160 -27.15 -6.26 -16.64
C ASN H 160 -27.67 -5.00 -17.32
N TRP H 161 -27.22 -4.70 -18.54
CA TRP H 161 -27.68 -3.48 -19.21
C TRP H 161 -29.19 -3.42 -19.39
N PRO H 162 -29.91 -4.48 -19.75
CA PRO H 162 -31.37 -4.36 -19.84
C PRO H 162 -32.03 -3.99 -18.53
N ILE H 163 -31.37 -4.22 -17.40
CA ILE H 163 -31.94 -3.87 -16.11
C ILE H 163 -31.60 -2.43 -15.71
N ILE H 164 -30.35 -2.01 -15.94
CA ILE H 164 -29.90 -0.69 -15.48
C ILE H 164 -30.08 0.40 -16.52
N ALA H 165 -30.42 0.06 -17.75
CA ALA H 165 -30.64 1.09 -18.77
C ALA H 165 -31.78 2.04 -18.43
N PRO H 166 -32.94 1.59 -17.97
CA PRO H 166 -33.99 2.56 -17.59
C PRO H 166 -33.60 3.46 -16.45
N LEU H 167 -32.64 3.08 -15.62
CA LEU H 167 -32.18 3.90 -14.52
C LEU H 167 -31.14 4.92 -14.93
N HIS H 168 -30.67 4.90 -16.17
CA HIS H 168 -29.67 5.83 -16.65
C HIS H 168 -30.27 6.92 -17.53
N VAL H 169 -31.59 7.09 -17.50
CA VAL H 169 -32.23 8.18 -18.24
C VAL H 169 -31.91 9.49 -17.56
N PRO H 170 -31.38 10.49 -18.27
CA PRO H 170 -31.01 11.75 -17.63
C PRO H 170 -32.22 12.48 -17.09
N VAL H 171 -32.04 13.16 -15.95
CA VAL H 171 -33.07 13.96 -15.33
C VAL H 171 -32.47 15.27 -14.86
N GLU H 172 -33.18 16.37 -15.11
CA GLU H 172 -32.83 17.65 -14.51
C GLU H 172 -33.45 17.71 -13.12
N TYR H 173 -32.63 17.57 -12.09
CA TYR H 173 -33.10 17.51 -10.71
C TYR H 173 -32.59 18.74 -9.96
N ASN H 174 -33.48 19.71 -9.77
CA ASN H 174 -33.17 20.93 -9.01
C ASN H 174 -31.96 21.66 -9.59
N GLY H 175 -31.89 21.72 -10.92
CA GLY H 175 -30.88 22.50 -11.60
C GLY H 175 -29.59 21.79 -11.91
N MET H 176 -29.43 20.55 -11.46
CA MET H 176 -28.22 19.78 -11.75
C MET H 176 -28.59 18.45 -12.35
N LEU H 177 -27.79 17.99 -13.31
CA LEU H 177 -28.12 16.80 -14.07
C LEU H 177 -27.97 15.55 -13.22
N MET H 178 -28.88 14.60 -13.42
CA MET H 178 -28.92 13.40 -12.60
C MET H 178 -29.43 12.23 -13.44
N SER H 179 -29.08 11.03 -13.01
CA SER H 179 -29.68 9.81 -13.51
C SER H 179 -30.79 9.38 -12.57
N ILE H 180 -31.66 8.48 -13.07
CA ILE H 180 -32.72 7.95 -12.22
C ILE H 180 -32.11 7.21 -11.03
N ALA H 181 -31.03 6.47 -11.26
CA ALA H 181 -30.33 5.81 -10.16
C ALA H 181 -29.77 6.82 -9.17
N ASP H 182 -29.20 7.92 -9.69
CA ASP H 182 -28.69 8.97 -8.81
C ASP H 182 -29.81 9.58 -7.98
N ILE H 183 -30.97 9.81 -8.59
CA ILE H 183 -32.09 10.36 -7.85
C ILE H 183 -32.57 9.39 -6.78
N GLN H 184 -32.58 8.10 -7.10
CA GLN H 184 -32.98 7.10 -6.12
C GLN H 184 -32.03 7.10 -4.93
N GLY H 185 -30.73 7.13 -5.20
CA GLY H 185 -29.77 7.14 -4.11
C GLY H 185 -29.84 8.43 -3.29
N TYR H 186 -30.11 9.55 -3.95
CA TYR H 186 -30.27 10.81 -3.25
C TYR H 186 -31.51 10.81 -2.37
N ASN H 187 -32.62 10.25 -2.86
CA ASN H 187 -33.87 10.25 -2.13
C ASN H 187 -33.84 9.26 -0.97
N TYR H 188 -33.71 7.98 -1.27
CA TYR H 188 -33.78 6.94 -0.26
C TYR H 188 -32.46 6.94 0.51
N VAL H 189 -32.49 7.53 1.71
CA VAL H 189 -31.26 7.77 2.45
C VAL H 189 -30.65 6.46 2.91
N ARG H 190 -29.33 6.44 2.95
CA ARG H 190 -28.56 5.29 3.44
C ARG H 190 -27.62 5.80 4.52
N THR H 191 -27.94 5.51 5.78
CA THR H 191 -27.16 6.05 6.88
C THR H 191 -25.72 5.57 6.82
N GLY H 192 -25.50 4.28 6.57
CA GLY H 192 -24.17 3.73 6.56
C GLY H 192 -23.42 3.82 5.26
N THR H 193 -24.08 4.21 4.18
CA THR H 193 -23.46 4.26 2.85
C THR H 193 -23.68 5.63 2.23
N PRO H 194 -22.88 6.61 2.64
CA PRO H 194 -22.99 7.95 2.05
C PRO H 194 -22.50 8.01 0.62
N GLU H 195 -22.68 9.16 -0.04
CA GLU H 195 -22.36 9.27 -1.45
C GLU H 195 -20.86 9.18 -1.70
N TYR H 196 -20.04 9.78 -0.84
CA TYR H 196 -18.61 9.84 -1.14
C TYR H 196 -17.94 8.49 -1.12
N ILE H 197 -18.51 7.52 -0.39
CA ILE H 197 -17.96 6.17 -0.41
C ILE H 197 -18.12 5.55 -1.80
N ARG H 198 -18.95 6.13 -2.65
CA ARG H 198 -19.23 5.54 -3.96
C ARG H 198 -17.96 5.58 -4.77
N MET H 199 -17.25 4.46 -4.78
CA MET H 199 -16.13 4.29 -5.71
C MET H 199 -16.73 4.03 -7.08
N VAL H 200 -16.93 5.09 -7.85
CA VAL H 200 -17.56 5.01 -9.17
C VAL H 200 -16.72 5.83 -10.15
N GLU H 201 -17.20 5.90 -11.38
CA GLU H 201 -16.53 6.68 -12.41
C GLU H 201 -16.64 8.16 -12.06
N LYS H 202 -15.54 8.76 -11.62
CA LYS H 202 -15.50 10.17 -11.29
C LYS H 202 -14.69 10.99 -12.30
N GLY H 203 -14.36 10.42 -13.44
CA GLY H 203 -13.62 11.12 -14.47
C GLY H 203 -12.14 10.89 -14.36
N THR H 204 -11.44 11.11 -15.47
CA THR H 204 -9.98 11.00 -15.51
C THR H 204 -9.48 11.74 -16.74
N LEU H 205 -8.27 12.29 -16.64
CA LEU H 205 -7.59 12.89 -17.79
C LEU H 205 -6.96 11.88 -18.72
N ARG H 206 -7.10 10.58 -18.45
CA ARG H 206 -6.53 9.54 -19.29
C ARG H 206 -7.60 8.62 -19.87
N THR H 207 -8.82 9.12 -20.04
CA THR H 207 -9.88 8.41 -20.75
C THR H 207 -10.15 9.13 -22.06
N PHE H 208 -10.33 8.35 -23.13
CA PHE H 208 -10.46 8.88 -24.48
C PHE H 208 -11.81 8.44 -25.06
N GLY H 209 -12.77 9.36 -25.10
CA GLY H 209 -14.04 9.06 -25.76
C GLY H 209 -14.89 8.09 -24.97
N LYS H 210 -15.65 7.27 -25.71
CA LYS H 210 -16.60 6.33 -25.11
C LYS H 210 -15.88 5.01 -24.81
N ASP H 211 -14.94 5.08 -23.85
CA ASP H 211 -14.15 3.89 -23.56
C ASP H 211 -14.08 3.58 -22.07
N VAL H 212 -15.00 4.13 -21.26
CA VAL H 212 -14.99 3.81 -19.84
C VAL H 212 -15.47 2.39 -19.61
N ALA H 213 -16.52 1.98 -20.30
CA ALA H 213 -17.09 0.65 -20.11
C ALA H 213 -16.27 -0.43 -20.83
N PRO H 214 -15.97 -0.31 -22.14
CA PRO H 214 -15.20 -1.38 -22.79
C PRO H 214 -13.83 -1.62 -22.16
N VAL H 215 -13.12 -0.55 -21.76
CA VAL H 215 -11.83 -0.74 -21.13
C VAL H 215 -11.99 -1.44 -19.79
N SER H 216 -12.96 -1.02 -18.99
CA SER H 216 -13.21 -1.69 -17.73
C SER H 216 -13.63 -3.14 -17.94
N ALA H 217 -14.47 -3.38 -18.95
CA ALA H 217 -14.90 -4.74 -19.25
C ALA H 217 -13.73 -5.63 -19.61
N PHE H 218 -12.82 -5.14 -20.45
CA PHE H 218 -11.68 -5.96 -20.86
C PHE H 218 -10.70 -6.16 -19.72
N PHE H 219 -10.49 -5.14 -18.89
CA PHE H 219 -9.64 -5.32 -17.72
C PHE H 219 -10.23 -6.36 -16.77
N SER H 220 -11.55 -6.32 -16.58
CA SER H 220 -12.21 -7.32 -15.76
C SER H 220 -12.07 -8.70 -16.37
N ALA H 221 -12.17 -8.79 -17.70
CA ALA H 221 -12.02 -10.09 -18.35
C ALA H 221 -10.63 -10.68 -18.13
N PHE H 222 -9.59 -9.86 -18.30
CA PHE H 222 -8.23 -10.38 -18.13
C PHE H 222 -7.95 -10.75 -16.68
N MET H 223 -8.31 -9.88 -15.74
CA MET H 223 -8.08 -10.23 -14.34
C MET H 223 -8.95 -11.39 -13.91
N SER H 224 -10.10 -11.59 -14.56
CA SER H 224 -10.92 -12.76 -14.28
C SER H 224 -10.27 -14.02 -14.84
N ILE H 225 -9.57 -13.91 -15.97
CA ILE H 225 -8.75 -15.03 -16.43
C ILE H 225 -7.75 -15.41 -15.34
N LEU H 226 -7.05 -14.41 -14.81
CA LEU H 226 -6.04 -14.70 -13.78
C LEU H 226 -6.66 -15.31 -12.52
N ILE H 227 -7.78 -14.74 -12.06
CA ILE H 227 -8.40 -15.23 -10.84
C ILE H 227 -8.97 -16.63 -11.05
N TYR H 228 -9.53 -16.90 -12.23
CA TYR H 228 -9.99 -18.24 -12.55
C TYR H 228 -8.82 -19.22 -12.53
N PHE H 229 -7.69 -18.84 -13.12
CA PHE H 229 -6.55 -19.75 -13.13
C PHE H 229 -6.06 -20.04 -11.72
N MET H 230 -6.03 -19.02 -10.85
CA MET H 230 -5.61 -19.25 -9.47
C MET H 230 -6.62 -20.12 -8.72
N TRP H 231 -7.90 -19.80 -8.83
CA TRP H 231 -8.91 -20.48 -8.03
C TRP H 231 -9.23 -21.87 -8.54
N HIS H 232 -8.91 -22.18 -9.79
CA HIS H 232 -9.01 -23.57 -10.25
C HIS H 232 -8.07 -24.46 -9.44
N PHE H 233 -6.84 -24.00 -9.24
CA PHE H 233 -5.90 -24.78 -8.44
C PHE H 233 -6.24 -24.72 -6.95
N ILE H 234 -6.78 -23.60 -6.48
CA ILE H 234 -7.24 -23.55 -5.09
C ILE H 234 -8.33 -24.60 -4.84
N GLY H 235 -9.30 -24.67 -5.76
CA GLY H 235 -10.34 -25.68 -5.63
C GLY H 235 -9.81 -27.09 -5.81
N ARG H 236 -8.83 -27.26 -6.69
CA ARG H 236 -8.21 -28.57 -6.84
C ARG H 236 -7.57 -29.02 -5.53
N TRP H 237 -6.89 -28.12 -4.83
CA TRP H 237 -6.36 -28.45 -3.52
C TRP H 237 -7.48 -28.76 -2.54
N PHE H 238 -8.55 -27.96 -2.57
CA PHE H 238 -9.66 -28.17 -1.65
C PHE H 238 -10.40 -29.48 -1.93
N SER H 239 -10.18 -30.09 -3.10
CA SER H 239 -10.85 -31.32 -3.48
C SER H 239 -10.09 -32.57 -3.07
N ASN H 240 -9.00 -32.43 -2.31
CA ASN H 240 -8.21 -33.59 -1.94
C ASN H 240 -8.99 -34.48 -0.97
N GLU H 241 -8.50 -35.71 -0.81
CA GLU H 241 -9.13 -36.70 0.04
C GLU H 241 -8.17 -37.15 1.13
N ARG H 242 -7.23 -36.28 1.50
CA ARG H 242 -6.17 -36.66 2.42
C ARG H 242 -6.74 -37.00 3.80
N PHE H 243 -6.14 -38.00 4.43
CA PHE H 243 -6.57 -38.47 5.75
C PHE H 243 -5.40 -38.28 6.72
N LEU H 244 -5.44 -37.19 7.48
CA LEU H 244 -4.41 -36.94 8.48
C LEU H 244 -4.55 -37.94 9.63
N GLN H 245 -3.82 -38.40 10.23
CA GLN H 245 -3.24 -39.32 11.19
C GLN H 245 -2.75 -38.58 12.44
N SER H 246 -2.53 -37.34 12.41
CA SER H 246 -2.05 -36.58 13.56
C SER H 246 -2.39 -35.12 13.32
N THR H 247 -3.43 -34.63 13.97
CA THR H 247 -3.86 -33.25 13.82
C THR H 247 -3.00 -32.30 14.65
N ALA I 7 34.16 -47.06 20.74
CA ALA I 7 32.74 -46.74 20.81
C ALA I 7 32.39 -46.13 22.16
N VAL I 8 31.56 -46.84 22.93
CA VAL I 8 31.14 -46.38 24.24
C VAL I 8 31.61 -47.41 25.27
N ARG I 9 31.94 -46.93 26.47
CA ARG I 9 32.53 -47.82 27.47
C ARG I 9 31.47 -48.58 28.25
N SER I 10 30.59 -47.87 28.96
CA SER I 10 29.61 -48.52 29.83
C SER I 10 28.30 -47.74 29.78
N HIS I 11 27.31 -48.24 30.53
CA HIS I 11 25.99 -47.62 30.55
C HIS I 11 26.00 -46.28 31.26
N ALA I 12 26.62 -46.21 32.43
CA ALA I 12 26.55 -45.00 33.25
C ALA I 12 27.23 -43.83 32.58
N GLU I 13 28.45 -44.03 32.07
CA GLU I 13 29.15 -42.94 31.41
C GLU I 13 28.47 -42.57 30.10
N ALA I 14 27.77 -43.51 29.47
CA ALA I 14 26.95 -43.16 28.31
C ALA I 14 25.83 -42.19 28.71
N VAL I 15 25.21 -42.42 29.87
CA VAL I 15 24.20 -41.49 30.37
C VAL I 15 24.83 -40.14 30.68
N GLN I 16 26.06 -40.15 31.23
CA GLN I 16 26.75 -38.89 31.49
C GLN I 16 27.02 -38.12 30.20
N VAL I 17 27.44 -38.82 29.16
CA VAL I 17 27.65 -38.19 27.85
C VAL I 17 26.35 -37.63 27.31
N SER I 18 25.26 -38.39 27.46
CA SER I 18 23.96 -37.89 27.00
C SER I 18 23.56 -36.63 27.75
N ARG I 19 23.82 -36.59 29.05
CA ARG I 19 23.51 -35.38 29.83
C ARG I 19 24.35 -34.20 29.38
N THR I 20 25.64 -34.42 29.15
CA THR I 20 26.51 -33.34 28.67
C THR I 20 26.04 -32.80 27.33
N ILE I 21 25.67 -33.70 26.42
CA ILE I 21 25.15 -33.28 25.12
C ILE I 21 23.84 -32.53 25.29
N ASP I 22 22.99 -32.99 26.21
CA ASP I 22 21.74 -32.29 26.46
C ASP I 22 22.00 -30.85 26.89
N TRP I 23 22.94 -30.66 27.82
CA TRP I 23 23.22 -29.32 28.30
C TRP I 23 23.80 -28.44 27.18
N MET I 24 24.75 -28.98 26.42
CA MET I 24 25.37 -28.19 25.36
C MET I 24 24.36 -27.83 24.27
N ALA I 25 23.52 -28.78 23.88
CA ALA I 25 22.51 -28.51 22.86
C ALA I 25 21.47 -27.53 23.36
N LEU I 26 21.08 -27.63 24.63
CA LEU I 26 20.17 -26.64 25.19
C LEU I 26 20.78 -25.26 25.13
N PHE I 27 22.06 -25.15 25.48
CA PHE I 27 22.77 -23.88 25.38
C PHE I 27 22.71 -23.32 23.97
N VAL I 28 23.10 -24.13 22.98
CA VAL I 28 23.22 -23.62 21.62
C VAL I 28 21.85 -23.22 21.06
N VAL I 29 20.83 -24.07 21.27
CA VAL I 29 19.52 -23.76 20.74
C VAL I 29 18.93 -22.54 21.44
N PHE I 30 19.11 -22.44 22.77
CA PHE I 30 18.59 -21.31 23.50
C PHE I 30 19.19 -20.00 23.02
N PHE I 31 20.53 -19.97 22.86
CA PHE I 31 21.15 -18.71 22.48
C PHE I 31 20.86 -18.34 21.02
N VAL I 32 20.82 -19.32 20.11
CA VAL I 32 20.46 -18.99 18.73
C VAL I 32 19.04 -18.46 18.67
N ILE I 33 18.11 -19.07 19.41
CA ILE I 33 16.74 -18.59 19.43
C ILE I 33 16.68 -17.19 20.02
N VAL I 34 17.43 -16.93 21.09
CA VAL I 34 17.46 -15.59 21.67
C VAL I 34 17.88 -14.57 20.62
N GLY I 35 18.99 -14.85 19.94
CA GLY I 35 19.50 -13.88 18.97
C GLY I 35 18.52 -13.64 17.84
N SER I 36 18.02 -14.71 17.22
CA SER I 36 17.15 -14.54 16.06
C SER I 36 15.83 -13.89 16.44
N TYR I 37 15.21 -14.35 17.53
CA TYR I 37 13.91 -13.82 17.92
C TYR I 37 14.01 -12.42 18.50
N HIS I 38 15.16 -12.08 19.07
CA HIS I 38 15.39 -10.69 19.49
C HIS I 38 15.51 -9.78 18.27
N ILE I 39 16.22 -10.23 17.23
CA ILE I 39 16.22 -9.50 15.96
C ILE I 39 14.80 -9.31 15.45
N HIS I 40 14.02 -10.39 15.41
CA HIS I 40 12.68 -10.31 14.83
C HIS I 40 11.81 -9.34 15.63
N ALA I 41 11.86 -9.43 16.96
CA ALA I 41 11.05 -8.56 17.79
C ALA I 41 11.44 -7.10 17.63
N MET I 42 12.74 -6.80 17.65
CA MET I 42 13.14 -5.39 17.61
C MET I 42 13.02 -4.80 16.21
N LEU I 43 13.03 -5.62 15.18
CA LEU I 43 12.86 -5.12 13.82
C LEU I 43 11.44 -5.28 13.32
N THR I 44 10.51 -5.75 14.16
CA THR I 44 9.12 -5.80 13.75
C THR I 44 8.21 -5.11 14.76
N MET I 45 8.61 -5.10 16.02
CA MET I 45 7.77 -4.65 17.12
C MET I 45 8.44 -3.65 18.05
N GLY I 46 9.76 -3.50 17.99
CA GLY I 46 10.53 -2.98 19.12
C GLY I 46 10.05 -1.63 19.65
N ASP I 47 9.50 -0.78 18.79
CA ASP I 47 9.16 0.58 19.23
C ASP I 47 8.19 0.56 20.40
N TRP I 48 7.14 -0.24 20.31
CA TRP I 48 6.14 -0.26 21.37
C TRP I 48 6.73 -0.75 22.68
N ASP I 49 7.53 -1.80 22.64
CA ASP I 49 8.05 -2.40 23.86
C ASP I 49 9.01 -1.48 24.60
N PHE I 50 9.63 -0.52 23.91
CA PHE I 50 10.64 0.30 24.55
C PHE I 50 10.05 1.18 25.65
N TRP I 51 8.90 1.81 25.39
CA TRP I 51 8.45 2.94 26.18
C TRP I 51 7.06 2.71 26.78
N SER I 52 6.90 3.14 28.03
CA SER I 52 5.64 2.97 28.73
C SER I 52 4.51 3.73 28.05
N ASP I 53 4.78 4.97 27.62
CA ASP I 53 3.75 5.73 26.91
C ASP I 53 3.42 5.11 25.56
N TRP I 54 4.35 4.35 24.98
CA TRP I 54 4.05 3.61 23.77
C TRP I 54 3.20 2.38 24.08
N LYS I 55 3.31 1.86 25.31
CA LYS I 55 2.54 0.68 25.71
C LYS I 55 1.07 1.07 25.90
N ASP I 56 0.38 1.27 24.79
CA ASP I 56 -1.01 1.68 24.79
C ASP I 56 -1.91 0.44 24.80
N ARG I 57 -3.20 0.63 24.51
CA ARG I 57 -4.15 -0.47 24.55
C ARG I 57 -4.68 -0.90 23.19
N ARG I 58 -4.50 -0.10 22.14
CA ARG I 58 -4.93 -0.51 20.81
C ARG I 58 -3.79 -1.11 20.00
N LEU I 59 -2.77 -0.32 19.69
CA LEU I 59 -1.70 -0.80 18.80
C LEU I 59 -0.79 -1.80 19.50
N TRP I 60 -0.44 -1.55 20.75
CA TRP I 60 0.41 -2.47 21.49
C TRP I 60 -0.26 -3.83 21.60
N VAL I 61 -1.50 -3.85 22.09
CA VAL I 61 -2.22 -5.10 22.30
C VAL I 61 -2.45 -5.81 20.97
N THR I 62 -2.75 -5.06 19.91
CA THR I 62 -2.95 -5.69 18.62
C THR I 62 -1.65 -6.29 18.09
N VAL I 63 -0.56 -5.52 18.08
CA VAL I 63 0.61 -5.91 17.31
C VAL I 63 1.45 -6.93 18.06
N THR I 64 1.70 -6.73 19.35
CA THR I 64 2.74 -7.53 20.01
C THR I 64 2.49 -9.04 19.95
N PRO I 65 1.32 -9.57 20.33
CA PRO I 65 1.13 -11.03 20.20
C PRO I 65 1.20 -11.52 18.76
N ILE I 66 0.70 -10.73 17.81
CA ILE I 66 0.69 -11.15 16.41
C ILE I 66 2.09 -11.42 15.92
N VAL I 67 3.03 -10.52 16.21
CA VAL I 67 4.39 -10.65 15.72
C VAL I 67 5.30 -11.38 16.70
N LEU I 68 4.80 -11.77 17.86
CA LEU I 68 5.60 -12.56 18.79
C LEU I 68 5.13 -14.00 18.94
N VAL I 69 4.06 -14.40 18.25
CA VAL I 69 3.77 -15.84 18.14
C VAL I 69 4.58 -16.52 17.05
N THR I 70 5.37 -15.77 16.28
CA THR I 70 6.03 -16.33 15.12
C THR I 70 6.99 -17.45 15.49
N PHE I 71 8.06 -17.12 16.20
CA PHE I 71 9.07 -18.10 16.56
C PHE I 71 8.54 -19.17 17.51
N PRO I 72 7.72 -18.83 18.53
CA PRO I 72 7.16 -19.91 19.36
C PRO I 72 6.43 -20.97 18.57
N ALA I 73 5.68 -20.58 17.52
CA ALA I 73 5.01 -21.58 16.69
C ALA I 73 6.01 -22.53 16.04
N ALA I 74 7.06 -21.98 15.42
CA ALA I 74 8.04 -22.81 14.74
C ALA I 74 8.80 -23.70 15.71
N VAL I 75 9.21 -23.13 16.84
CA VAL I 75 10.01 -23.89 17.80
C VAL I 75 9.18 -24.98 18.47
N GLN I 76 7.88 -24.73 18.69
CA GLN I 76 7.01 -25.81 19.12
C GLN I 76 6.90 -26.88 18.05
N SER I 77 6.65 -26.47 16.80
CA SER I 77 6.52 -27.43 15.71
C SER I 77 7.74 -28.33 15.60
N TYR I 78 8.91 -27.82 15.94
CA TYR I 78 10.11 -28.65 15.91
C TYR I 78 10.24 -29.46 17.19
N LEU I 79 10.30 -28.80 18.35
CA LEU I 79 10.65 -29.47 19.58
C LEU I 79 9.63 -30.53 19.97
N TRP I 80 8.34 -30.19 19.90
CA TRP I 80 7.32 -31.16 20.27
C TRP I 80 7.38 -32.38 19.36
N GLU I 81 7.35 -32.15 18.04
CA GLU I 81 7.32 -33.25 17.09
C GLU I 81 8.58 -34.11 17.15
N ARG I 82 9.71 -33.54 17.58
CA ARG I 82 10.96 -34.28 17.51
C ARG I 82 11.46 -34.81 18.85
N TYR I 83 11.00 -34.28 19.98
CA TYR I 83 11.46 -34.75 21.27
C TYR I 83 10.38 -34.83 22.34
N ARG I 84 9.12 -34.53 22.02
CA ARG I 84 8.06 -34.42 23.02
C ARG I 84 8.47 -33.47 24.14
N LEU I 85 9.04 -32.33 23.75
CA LEU I 85 9.48 -31.30 24.71
C LEU I 85 8.53 -30.12 24.62
N PRO I 86 7.61 -29.96 25.57
CA PRO I 86 6.59 -28.91 25.48
C PRO I 86 7.02 -27.58 26.12
N TRP I 87 8.16 -27.06 25.70
CA TRP I 87 8.54 -25.73 26.16
C TRP I 87 9.21 -24.90 25.08
N GLY I 88 8.83 -25.09 23.82
CA GLY I 88 9.37 -24.26 22.76
C GLY I 88 8.95 -22.81 22.90
N ALA I 89 7.66 -22.57 23.10
CA ALA I 89 7.19 -21.20 23.29
C ALA I 89 7.77 -20.59 24.56
N THR I 90 7.84 -21.38 25.63
CA THR I 90 8.38 -20.85 26.88
C THR I 90 9.85 -20.49 26.74
N VAL I 91 10.63 -21.32 26.04
CA VAL I 91 12.05 -21.00 25.91
C VAL I 91 12.23 -19.79 25.00
N CYS I 92 11.42 -19.67 23.96
CA CYS I 92 11.51 -18.47 23.10
C CYS I 92 11.20 -17.21 23.90
N VAL I 93 10.13 -17.25 24.69
CA VAL I 93 9.72 -16.08 25.46
C VAL I 93 10.74 -15.76 26.53
N LEU I 94 11.26 -16.78 27.22
CA LEU I 94 12.27 -16.53 28.24
C LEU I 94 13.53 -15.94 27.63
N GLY I 95 13.91 -16.41 26.44
CA GLY I 95 15.07 -15.84 25.79
C GLY I 95 14.86 -14.38 25.39
N LEU I 96 13.69 -14.07 24.81
CA LEU I 96 13.39 -12.69 24.50
C LEU I 96 13.43 -11.83 25.75
N LEU I 97 12.81 -12.29 26.82
CA LEU I 97 12.78 -11.50 28.06
C LEU I 97 14.19 -11.31 28.60
N LEU I 98 15.03 -12.33 28.54
CA LEU I 98 16.39 -12.19 29.03
C LEU I 98 17.16 -11.15 28.23
N GLY I 99 17.06 -11.21 26.90
CA GLY I 99 17.73 -10.21 26.08
C GLY I 99 17.22 -8.81 26.34
N GLU I 100 15.89 -8.66 26.35
CA GLU I 100 15.26 -7.37 26.66
C GLU I 100 15.78 -6.81 27.97
N TRP I 101 15.77 -7.63 29.01
CA TRP I 101 16.07 -7.11 30.35
C TRP I 101 17.54 -6.80 30.52
N ILE I 102 18.43 -7.65 29.99
CA ILE I 102 19.85 -7.33 30.12
C ILE I 102 20.17 -6.06 29.35
N ASN I 103 19.52 -5.86 28.20
CA ASN I 103 19.82 -4.65 27.42
C ASN I 103 19.22 -3.42 28.08
N ARG I 104 18.04 -3.54 28.68
CA ARG I 104 17.48 -2.43 29.43
C ARG I 104 18.38 -2.03 30.58
N TYR I 105 18.88 -3.02 31.33
CA TYR I 105 19.65 -2.72 32.53
C TYR I 105 21.07 -2.28 32.21
N PHE I 106 21.66 -2.74 31.11
CA PHE I 106 23.06 -2.44 30.83
C PHE I 106 23.26 -1.34 29.80
N ASN I 107 22.27 -1.04 28.97
CA ASN I 107 22.43 -0.02 27.94
C ASN I 107 21.44 1.11 28.08
N PHE I 108 20.15 0.82 28.26
CA PHE I 108 19.17 1.88 28.48
C PHE I 108 19.41 2.57 29.82
N TRP I 109 19.65 1.79 30.87
CA TRP I 109 19.95 2.34 32.19
C TRP I 109 21.45 2.44 32.46
N GLY I 110 22.28 1.77 31.67
CA GLY I 110 23.71 1.80 31.89
C GLY I 110 24.41 2.94 31.20
N TRP I 111 24.31 3.01 29.87
CA TRP I 111 24.97 4.09 29.12
C TRP I 111 24.13 5.35 29.16
N THR I 112 22.93 5.29 28.62
CA THR I 112 21.93 6.32 28.88
C THR I 112 21.37 6.09 30.29
N TYR I 113 20.41 6.88 30.72
CA TYR I 113 19.87 6.71 32.05
C TYR I 113 18.35 6.77 32.03
N PHE I 114 17.75 6.10 31.06
CA PHE I 114 16.31 5.95 31.05
C PHE I 114 15.90 5.06 32.22
N PRO I 115 14.95 5.48 33.04
CA PRO I 115 14.58 4.68 34.22
C PRO I 115 13.97 3.34 33.81
N ILE I 116 14.17 2.35 34.68
CA ILE I 116 13.68 1.00 34.40
C ILE I 116 12.17 0.97 34.33
N ASN I 117 11.50 1.69 35.23
CA ASN I 117 10.04 1.74 35.18
C ASN I 117 9.53 2.43 33.93
N PHE I 118 10.40 3.12 33.19
CA PHE I 118 10.03 3.72 31.92
C PHE I 118 10.34 2.81 30.75
N VAL I 119 11.46 2.08 30.78
CA VAL I 119 11.85 1.26 29.64
C VAL I 119 11.69 -0.24 29.94
N PHE I 120 10.79 -0.58 30.84
CA PHE I 120 10.56 -1.99 31.14
C PHE I 120 9.95 -2.69 29.93
N PRO I 121 10.32 -3.94 29.68
CA PRO I 121 9.75 -4.68 28.54
C PRO I 121 8.42 -5.32 28.92
N ALA I 122 7.76 -5.88 27.91
CA ALA I 122 6.49 -6.56 28.13
C ALA I 122 6.73 -7.93 28.75
N SER I 123 5.66 -8.52 29.26
CA SER I 123 5.70 -9.84 29.86
C SER I 123 4.87 -10.81 29.02
N LEU I 124 5.49 -11.93 28.62
CA LEU I 124 4.83 -12.89 27.74
C LEU I 124 4.83 -14.31 28.31
N VAL I 125 5.34 -14.50 29.53
CA VAL I 125 5.38 -15.85 30.10
C VAL I 125 3.99 -16.46 30.23
N PRO I 126 2.95 -15.76 30.67
CA PRO I 126 1.62 -16.40 30.69
C PRO I 126 1.18 -16.91 29.32
N GLY I 127 1.40 -16.12 28.27
CA GLY I 127 1.03 -16.57 26.95
C GLY I 127 1.83 -17.79 26.51
N ALA I 128 3.14 -17.77 26.79
CA ALA I 128 3.96 -18.92 26.43
C ALA I 128 3.54 -20.17 27.19
N ILE I 129 3.22 -20.04 28.48
CA ILE I 129 2.82 -21.17 29.28
C ILE I 129 1.51 -21.76 28.77
N ILE I 130 0.54 -20.89 28.46
CA ILE I 130 -0.72 -21.38 27.89
C ILE I 130 -0.47 -22.09 26.57
N LEU I 131 0.37 -21.50 25.71
CA LEU I 131 0.65 -22.10 24.42
C LEU I 131 1.26 -23.49 24.58
N ASP I 132 2.23 -23.63 25.48
CA ASP I 132 2.91 -24.91 25.65
C ASP I 132 2.00 -25.95 26.29
N THR I 133 1.24 -25.57 27.32
CA THR I 133 0.36 -26.53 27.96
C THR I 133 -0.75 -26.99 27.03
N VAL I 134 -1.31 -26.07 26.23
CA VAL I 134 -2.30 -26.48 25.24
C VAL I 134 -1.65 -27.34 24.17
N LEU I 135 -0.39 -27.07 23.82
CA LEU I 135 0.29 -27.92 22.85
C LEU I 135 0.43 -29.34 23.37
N MET I 136 0.78 -29.50 24.65
CA MET I 136 1.01 -30.86 25.13
C MET I 136 -0.32 -31.55 25.41
N LEU I 137 -1.13 -31.00 26.29
CA LEU I 137 -2.46 -31.56 26.55
C LEU I 137 -3.29 -31.48 25.29
N SER I 138 -3.77 -32.63 24.82
CA SER I 138 -4.41 -32.73 23.50
C SER I 138 -3.45 -32.25 22.41
N GLY I 139 -2.42 -33.06 22.21
CA GLY I 139 -1.25 -32.69 21.44
C GLY I 139 -1.48 -32.25 20.00
N SER I 140 -2.73 -32.24 19.56
CA SER I 140 -3.02 -31.87 18.18
C SER I 140 -2.64 -30.41 17.90
N TYR I 141 -1.83 -30.23 16.87
CA TYR I 141 -1.32 -28.91 16.53
C TYR I 141 -2.44 -27.96 16.11
N LEU I 142 -3.49 -28.49 15.49
CA LEU I 142 -4.60 -27.63 15.08
C LEU I 142 -5.36 -27.10 16.30
N PHE I 143 -5.63 -27.96 17.28
CA PHE I 143 -6.25 -27.48 18.50
C PHE I 143 -5.35 -26.49 19.21
N THR I 144 -4.03 -26.71 19.16
CA THR I 144 -3.12 -25.71 19.70
C THR I 144 -3.28 -24.38 18.99
N ALA I 145 -3.20 -24.38 17.66
CA ALA I 145 -3.28 -23.13 16.91
C ALA I 145 -4.64 -22.46 17.06
N ILE I 146 -5.67 -23.22 17.43
CA ILE I 146 -7.00 -22.62 17.58
C ILE I 146 -7.22 -22.07 18.99
N VAL I 147 -6.83 -22.80 20.03
CA VAL I 147 -7.15 -22.43 21.40
C VAL I 147 -5.97 -21.78 22.11
N GLY I 148 -4.78 -22.39 22.02
CA GLY I 148 -3.62 -21.81 22.67
C GLY I 148 -3.23 -20.47 22.07
N ALA I 149 -3.39 -20.31 20.75
CA ALA I 149 -3.12 -19.01 20.14
C ALA I 149 -4.09 -17.96 20.64
N MET I 150 -5.37 -18.32 20.79
CA MET I 150 -6.32 -17.39 21.41
C MET I 150 -5.92 -17.05 22.83
N GLY I 151 -5.48 -18.04 23.59
CA GLY I 151 -5.03 -17.77 24.95
C GLY I 151 -3.85 -16.81 24.96
N TRP I 152 -2.90 -17.02 24.06
CA TRP I 152 -1.74 -16.15 23.95
C TRP I 152 -2.16 -14.72 23.62
N GLY I 153 -3.07 -14.58 22.65
CA GLY I 153 -3.52 -13.24 22.29
C GLY I 153 -4.31 -12.56 23.39
N LEU I 154 -5.19 -13.31 24.06
CA LEU I 154 -6.10 -12.71 25.02
C LEU I 154 -5.41 -12.38 26.34
N ILE I 155 -4.49 -13.23 26.81
CA ILE I 155 -3.90 -13.01 28.13
C ILE I 155 -2.69 -12.08 28.08
N PHE I 156 -2.32 -11.57 26.91
CA PHE I 156 -1.18 -10.67 26.83
C PHE I 156 -1.45 -9.38 27.58
N TYR I 157 -2.62 -8.77 27.38
CA TYR I 157 -2.89 -7.49 28.04
C TYR I 157 -3.16 -7.66 29.53
N PRO I 158 -4.05 -8.55 29.98
CA PRO I 158 -4.16 -8.77 31.43
C PRO I 158 -2.91 -9.32 32.06
N GLY I 159 -2.02 -9.94 31.27
CA GLY I 159 -0.74 -10.37 31.81
C GLY I 159 0.14 -9.20 32.21
N ASN I 160 0.18 -8.16 31.39
CA ASN I 160 0.97 -6.97 31.68
C ASN I 160 0.21 -5.92 32.49
N TRP I 161 -1.10 -6.11 32.67
CA TRP I 161 -1.88 -5.12 33.43
C TRP I 161 -1.36 -4.88 34.84
N PRO I 162 -0.95 -5.88 35.62
CA PRO I 162 -0.41 -5.56 36.95
C PRO I 162 0.83 -4.70 36.90
N ILE I 163 1.54 -4.64 35.79
CA ILE I 163 2.73 -3.81 35.68
C ILE I 163 2.39 -2.41 35.21
N ILE I 164 1.49 -2.27 34.24
CA ILE I 164 1.19 -0.96 33.65
C ILE I 164 0.03 -0.25 34.32
N ALA I 165 -0.71 -0.92 35.20
CA ALA I 165 -1.81 -0.24 35.90
C ALA I 165 -1.34 0.93 36.75
N PRO I 166 -0.28 0.84 37.55
CA PRO I 166 0.15 2.02 38.30
C PRO I 166 0.59 3.18 37.44
N LEU I 167 0.96 2.93 36.18
CA LEU I 167 1.37 3.98 35.28
C LEU I 167 0.20 4.65 34.57
N HIS I 168 -1.02 4.14 34.76
CA HIS I 168 -2.20 4.71 34.13
C HIS I 168 -3.03 5.54 35.09
N VAL I 169 -2.46 5.91 36.23
CA VAL I 169 -3.17 6.79 37.17
C VAL I 169 -3.23 8.19 36.59
N PRO I 170 -4.42 8.81 36.48
CA PRO I 170 -4.50 10.14 35.88
C PRO I 170 -3.76 11.18 36.70
N VAL I 171 -3.17 12.14 36.01
CA VAL I 171 -2.48 13.26 36.64
C VAL I 171 -2.83 14.54 35.90
N GLU I 172 -3.10 15.60 36.66
CA GLU I 172 -3.23 16.94 36.10
C GLU I 172 -1.83 17.53 35.98
N TYR I 173 -1.31 17.61 34.76
CA TYR I 173 0.06 18.06 34.51
C TYR I 173 0.00 19.37 33.73
N ASN I 174 0.21 20.49 34.44
CA ASN I 174 0.25 21.81 33.82
C ASN I 174 -1.03 22.13 33.07
N GLY I 175 -2.17 21.75 33.63
CA GLY I 175 -3.46 22.10 33.09
C GLY I 175 -4.04 21.13 32.09
N MET I 176 -3.31 20.09 31.70
CA MET I 176 -3.82 19.10 30.76
C MET I 176 -3.67 17.71 31.36
N LEU I 177 -4.65 16.86 31.11
CA LEU I 177 -4.70 15.56 31.74
C LEU I 177 -3.62 14.64 31.17
N MET I 178 -3.04 13.82 32.05
CA MET I 178 -1.92 12.96 31.67
C MET I 178 -1.96 11.69 32.50
N SER I 179 -1.34 10.66 31.96
CA SER I 179 -1.04 9.45 32.71
C SER I 179 0.38 9.52 33.23
N ILE I 180 0.69 8.65 34.20
CA ILE I 180 2.05 8.58 34.72
C ILE I 180 3.01 8.19 33.60
N ALA I 181 2.60 7.26 32.75
CA ALA I 181 3.42 6.88 31.60
C ALA I 181 3.61 8.06 30.64
N ASP I 182 2.54 8.83 30.42
CA ASP I 182 2.65 10.01 29.57
C ASP I 182 3.62 11.02 30.17
N ILE I 183 3.56 11.22 31.49
CA ILE I 183 4.48 12.15 32.13
C ILE I 183 5.91 11.65 32.01
N GLN I 184 6.12 10.35 32.16
CA GLN I 184 7.46 9.80 32.03
C GLN I 184 8.00 10.03 30.62
N GLY I 185 7.17 9.77 29.61
CA GLY I 185 7.62 9.98 28.24
C GLY I 185 7.87 11.45 27.93
N TYR I 186 7.06 12.34 28.52
CA TYR I 186 7.25 13.76 28.33
C TYR I 186 8.54 14.24 29.01
N ASN I 187 8.84 13.72 30.20
CA ASN I 187 10.01 14.17 30.95
C ASN I 187 11.29 13.61 30.35
N TYR I 188 11.42 12.28 30.35
CA TYR I 188 12.67 11.65 29.91
C TYR I 188 12.70 11.70 28.39
N VAL I 189 13.49 12.63 27.85
CA VAL I 189 13.44 12.92 26.43
C VAL I 189 14.01 11.74 25.64
N ARG I 190 13.45 11.52 24.46
CA ARG I 190 13.91 10.49 23.54
C ARG I 190 14.18 11.16 22.20
N THR I 191 15.47 11.35 21.87
CA THR I 191 15.82 12.08 20.67
C THR I 191 15.29 11.39 19.42
N GLY I 192 15.45 10.08 19.34
CA GLY I 192 15.04 9.36 18.16
C GLY I 192 13.60 8.90 18.12
N THR I 193 12.87 9.03 19.23
CA THR I 193 11.49 8.53 19.32
C THR I 193 10.59 9.66 19.82
N PRO I 194 10.22 10.59 18.95
CA PRO I 194 9.31 11.67 19.36
C PRO I 194 7.90 11.18 19.62
N GLU I 195 7.03 12.07 20.10
CA GLU I 195 5.69 11.68 20.50
C GLU I 195 4.84 11.27 19.30
N TYR I 196 4.96 11.99 18.18
CA TYR I 196 4.04 11.73 17.08
C TYR I 196 4.25 10.36 16.45
N ILE I 197 5.44 9.79 16.58
CA ILE I 197 5.65 8.44 16.08
C ILE I 197 4.81 7.43 16.87
N ARG I 198 4.29 7.84 18.03
CA ARG I 198 3.55 6.91 18.88
C ARG I 198 2.30 6.47 18.16
N MET I 199 2.36 5.31 17.51
CA MET I 199 1.17 4.69 16.98
C MET I 199 0.41 4.10 18.16
N VAL I 200 -0.51 4.87 18.72
CA VAL I 200 -1.27 4.47 19.89
C VAL I 200 -2.74 4.79 19.65
N GLU I 201 -3.56 4.54 20.65
CA GLU I 201 -4.99 4.84 20.57
C GLU I 201 -5.17 6.35 20.53
N LYS I 202 -5.54 6.87 19.36
CA LYS I 202 -5.78 8.30 19.19
C LYS I 202 -7.25 8.61 18.99
N GLY I 203 -8.14 7.66 19.24
CA GLY I 203 -9.56 7.87 19.09
C GLY I 203 -10.07 7.46 17.72
N THR I 204 -11.37 7.20 17.64
CA THR I 204 -12.02 6.86 16.38
C THR I 204 -13.51 7.09 16.55
N LEU I 205 -14.18 7.44 15.44
CA LEU I 205 -15.64 7.53 15.42
C LEU I 205 -16.32 6.17 15.29
N ARG I 206 -15.57 5.07 15.25
CA ARG I 206 -16.16 3.74 15.13
C ARG I 206 -15.82 2.86 16.34
N THR I 207 -15.59 3.47 17.50
CA THR I 207 -15.43 2.75 18.75
C THR I 207 -16.64 3.03 19.64
N PHE I 208 -17.15 1.99 20.29
CA PHE I 208 -18.39 2.07 21.07
C PHE I 208 -18.09 1.68 22.51
N GLY I 209 -18.01 2.68 23.39
CA GLY I 209 -17.87 2.39 24.81
C GLY I 209 -16.49 1.87 25.17
N LYS I 210 -16.46 0.98 26.17
CA LYS I 210 -15.21 0.43 26.70
C LYS I 210 -14.82 -0.80 25.89
N ASP I 211 -14.49 -0.58 24.62
CA ASP I 211 -14.18 -1.71 23.76
C ASP I 211 -12.88 -1.53 22.99
N VAL I 212 -12.01 -0.63 23.41
CA VAL I 212 -10.73 -0.46 22.72
C VAL I 212 -9.82 -1.65 22.99
N ALA I 213 -9.77 -2.10 24.25
CA ALA I 213 -8.88 -3.19 24.63
C ALA I 213 -9.45 -4.55 24.23
N PRO I 214 -10.70 -4.90 24.60
CA PRO I 214 -11.19 -6.23 24.21
C PRO I 214 -11.22 -6.46 22.71
N VAL I 215 -11.59 -5.45 21.92
CA VAL I 215 -11.60 -5.63 20.48
C VAL I 215 -10.18 -5.83 19.95
N SER I 216 -9.23 -5.03 20.44
CA SER I 216 -7.84 -5.21 20.04
C SER I 216 -7.33 -6.56 20.50
N ALA I 217 -7.69 -6.99 21.71
CA ALA I 217 -7.24 -8.29 22.21
C ALA I 217 -7.76 -9.42 21.33
N PHE I 218 -9.03 -9.36 20.94
CA PHE I 218 -9.59 -10.44 20.12
C PHE I 218 -9.03 -10.42 18.70
N PHE I 219 -8.81 -9.23 18.15
CA PHE I 219 -8.17 -9.15 16.83
C PHE I 219 -6.77 -9.74 16.88
N SER I 220 -6.02 -9.42 17.95
CA SER I 220 -4.69 -9.99 18.11
C SER I 220 -4.76 -11.49 18.26
N ALA I 221 -5.77 -12.01 18.99
CA ALA I 221 -5.91 -13.44 19.14
C ALA I 221 -6.16 -14.13 17.81
N PHE I 222 -7.04 -13.58 16.99
CA PHE I 222 -7.34 -14.22 15.71
C PHE I 222 -6.15 -14.15 14.75
N MET I 223 -5.53 -12.98 14.63
CA MET I 223 -4.37 -12.89 13.75
C MET I 223 -3.20 -13.70 14.30
N SER I 224 -3.14 -13.93 15.61
CA SER I 224 -2.13 -14.80 16.17
C SER I 224 -2.42 -16.25 15.84
N ILE I 225 -3.70 -16.62 15.78
CA ILE I 225 -4.06 -17.95 15.25
C ILE I 225 -3.49 -18.11 13.85
N LEU I 226 -3.72 -17.11 13.00
CA LEU I 226 -3.25 -17.21 11.62
C LEU I 226 -1.73 -17.27 11.55
N ILE I 227 -1.04 -16.42 12.32
CA ILE I 227 0.42 -16.39 12.27
C ILE I 227 1.00 -17.68 12.85
N TYR I 228 0.38 -18.22 13.90
CA TYR I 228 0.81 -19.51 14.42
C TYR I 228 0.65 -20.60 13.38
N PHE I 229 -0.47 -20.61 12.66
CA PHE I 229 -0.68 -21.63 11.65
C PHE I 229 0.35 -21.53 10.55
N MET I 230 0.70 -20.31 10.13
CA MET I 230 1.71 -20.14 9.10
C MET I 230 3.09 -20.56 9.60
N TRP I 231 3.47 -20.09 10.79
CA TRP I 231 4.81 -20.31 11.28
C TRP I 231 5.04 -21.73 11.77
N HIS I 232 3.98 -22.47 12.09
CA HIS I 232 4.15 -23.89 12.37
C HIS I 232 4.70 -24.61 11.14
N PHE I 233 4.14 -24.32 9.97
CA PHE I 233 4.65 -24.92 8.75
C PHE I 233 6.00 -24.34 8.34
N ILE I 234 6.24 -23.07 8.62
CA ILE I 234 7.56 -22.50 8.34
C ILE I 234 8.62 -23.23 9.17
N GLY I 235 8.35 -23.44 10.46
CA GLY I 235 9.28 -24.18 11.29
C GLY I 235 9.40 -25.63 10.89
N ARG I 236 8.29 -26.24 10.43
CA ARG I 236 8.35 -27.60 9.94
C ARG I 236 9.30 -27.70 8.75
N TRP I 237 9.23 -26.73 7.84
CA TRP I 237 10.19 -26.72 6.73
C TRP I 237 11.61 -26.50 7.25
N PHE I 238 11.78 -25.61 8.21
CA PHE I 238 13.11 -25.34 8.76
C PHE I 238 13.68 -26.53 9.50
N SER I 239 12.85 -27.50 9.86
CA SER I 239 13.28 -28.67 10.60
C SER I 239 13.72 -29.83 9.72
N ASN I 240 13.79 -29.63 8.41
CA ASN I 240 14.15 -30.71 7.51
C ASN I 240 15.60 -31.11 7.71
N GLU I 241 15.96 -32.29 7.18
CA GLU I 241 17.30 -32.85 7.30
C GLU I 241 17.91 -33.07 5.94
N ARG I 242 17.48 -32.28 4.95
CA ARG I 242 17.88 -32.50 3.57
C ARG I 242 19.38 -32.29 3.40
N PHE I 243 19.99 -33.11 2.56
CA PHE I 243 21.42 -33.06 2.29
C PHE I 243 21.62 -32.75 0.81
N LEU I 244 21.87 -31.49 0.50
CA LEU I 244 22.14 -31.09 -0.87
C LEU I 244 23.49 -31.63 -1.33
N GLN I 245 23.82 -31.98 -2.25
CA GLN I 245 24.68 -32.62 -3.24
C GLN I 245 25.21 -31.61 -4.26
N SER I 246 24.65 -30.49 -4.40
CA SER I 246 25.09 -29.49 -5.37
C SER I 246 24.53 -28.15 -4.93
N THR I 247 25.37 -27.32 -4.32
CA THR I 247 24.94 -26.01 -3.84
C THR I 247 24.90 -25.00 -4.97
CU CU J . -1.97 19.10 -31.01
CU CU K . -10.36 29.63 -13.99
CU CU L . -31.25 8.15 16.96
CU CU M . -17.31 24.77 16.34
CU CU N . 25.13 17.96 19.42
CU CU O . 12.35 31.09 7.80
#